data_4J7R
#
_entry.id   4J7R
#
_cell.length_a   102.130
_cell.length_b   102.130
_cell.length_c   488.630
_cell.angle_alpha   90.000
_cell.angle_beta   90.000
_cell.angle_gamma   90.000
#
_symmetry.space_group_name_H-M   'P 41 21 2'
#
loop_
_entity.id
_entity.type
_entity.pdbx_description
1 polymer Isoamylase
2 water water
#
_entity_poly.entity_id   1
_entity_poly.type   'polypeptide(L)'
_entity_poly.pdbx_seq_one_letter_code
;MGSSHHHHHHSSGLVPRGSHMVELEAPTLSSSPATVSTKKLFCEPSGQPASTAYGPALTGRPAPLGASIDADTGAINFSV
FSSSAESVSLVLFTEADLNAGRATFEIPLDPYVNRTGDVWHIMLPDLRDDLLYGYRVEGVHQEEDKDYPGMRHDKRRVVL
DPYAVAVLNRRRWGQMGPNLPYGEEGVLGVMPTWPQAAAALPAARGSAFDWEGDTPLNLPMESLVIYEAHVRGFTAHASS
GVAAPGTYAGMVERLDYLKSLGVNAIELLPVFEFNELEYYSQIPGSDQYRFNFWGYSTVNYFSPMGRFSAAVGQGAPARA
SCDEFKQLVKECHRRGIEVILDVVFNHTAEGNERGPTISFRGLDNRVYYMLAPGGEYYNYSGCGNTLNCNQPVVRQFILD
CLKHWVTEYHVDGFRFDLASILTRAHSAWHPQQYDQETGQRVAMSSGGAIVTAEGIMTDGAGVPTGYPLADPPLVESISE
DPVLRNTKMIAEAWDCDGLNQVGAFPHYGGRWSEWNGKFRDVVRNFIKGTDGPWAGDFASAICGSPNIYANNTPHETDWW
ANNGGRQWKGGRGPHASINFVAAHDGFTLADMVAYNNKHNEANGENNRDGEQHNNSWNCGEEGPTTKWEVNRLRQRQMRN
LTGALLLSCGVPMINMGDEYGHSKNGNNNTYCHDSELNYLRWDQLAEDPHGFNRFVRLLIHFRRATPALQRTTFVNDKDI
QWHGELPNTPDWTDTSRLVAFTLHDGKGGGLYVAFNTSHLPKLLQLPKWGGRVWQPLVDTSKVAPYDFLAVDGVLSAEDV
AAARRQMAMWTADHTYPVLPWSCIVLQSAPEDPAATSMIK
;
_entity_poly.pdbx_strand_id   A,B
#
# COMPACT_ATOMS: atom_id res chain seq x y z
N LEU A 41 52.76 4.34 66.34
CA LEU A 41 52.20 5.56 65.67
C LEU A 41 52.60 5.58 64.21
N PHE A 42 51.69 6.00 63.34
CA PHE A 42 51.85 5.84 61.90
C PHE A 42 53.09 6.55 61.30
N CYS A 43 53.58 7.56 62.01
CA CYS A 43 54.66 8.42 61.53
C CYS A 43 56.06 8.05 62.07
N GLU A 44 56.13 7.14 63.05
CA GLU A 44 57.43 6.73 63.61
C GLU A 44 58.20 5.87 62.61
N PRO A 45 59.47 6.24 62.31
CA PRO A 45 60.26 5.45 61.35
C PRO A 45 60.28 3.98 61.72
N SER A 46 60.06 3.11 60.74
CA SER A 46 59.98 1.67 61.00
C SER A 46 61.33 0.97 60.84
N GLY A 47 62.36 1.71 60.43
CA GLY A 47 63.74 1.21 60.43
C GLY A 47 64.43 1.18 59.08
N GLN A 48 63.65 1.13 58.01
CA GLN A 48 64.21 0.96 56.68
C GLN A 48 64.79 2.28 56.15
N PRO A 49 66.00 2.21 55.59
CA PRO A 49 66.75 3.44 55.27
C PRO A 49 66.15 4.26 54.13
N ALA A 50 66.61 5.50 53.98
CA ALA A 50 66.26 6.30 52.81
C ALA A 50 66.98 5.73 51.58
N SER A 51 66.50 6.08 50.41
CA SER A 51 67.21 5.78 49.16
C SER A 51 67.36 7.09 48.39
N THR A 52 67.82 7.02 47.14
CA THR A 52 67.81 8.21 46.28
C THR A 52 66.39 8.64 45.87
N ALA A 53 65.40 7.75 46.04
CA ALA A 53 64.03 7.99 45.56
C ALA A 53 62.97 8.10 46.66
N TYR A 54 63.36 7.97 47.92
CA TYR A 54 62.41 8.11 49.02
C TYR A 54 63.12 8.27 50.35
N GLY A 55 62.41 8.85 51.32
CA GLY A 55 62.93 9.05 52.67
C GLY A 55 62.86 7.80 53.51
N PRO A 56 63.32 7.88 54.77
CA PRO A 56 63.25 6.70 55.64
C PRO A 56 61.79 6.30 55.83
N ALA A 57 61.51 5.01 55.68
CA ALA A 57 60.13 4.51 55.73
C ALA A 57 59.53 4.67 57.12
N LEU A 58 58.22 4.87 57.16
CA LEU A 58 57.46 5.05 58.42
C LEU A 58 56.49 3.89 58.63
N THR A 59 55.92 3.84 59.83
CA THR A 59 55.08 2.70 60.24
C THR A 59 53.90 2.54 59.30
N GLY A 60 53.18 3.65 59.08
CA GLY A 60 52.00 3.66 58.21
C GLY A 60 50.75 3.22 58.95
N ARG A 61 49.74 2.82 58.17
CA ARG A 61 48.40 2.51 58.66
C ARG A 61 47.73 1.43 57.84
N PRO A 62 46.88 0.63 58.50
CA PRO A 62 46.18 -0.44 57.78
C PRO A 62 45.08 0.06 56.82
N ALA A 63 44.40 1.14 57.17
CA ALA A 63 43.31 1.68 56.32
C ALA A 63 43.72 3.01 55.69
N PRO A 64 43.29 3.27 54.45
CA PRO A 64 42.51 2.41 53.59
C PRO A 64 43.39 1.39 52.89
N LEU A 65 42.81 0.28 52.44
CA LEU A 65 43.54 -0.72 51.67
C LEU A 65 44.00 -0.10 50.35
N GLY A 66 45.20 -0.45 49.94
CA GLY A 66 45.80 0.10 48.74
C GLY A 66 46.87 1.13 49.04
N ALA A 67 47.17 1.95 48.03
CA ALA A 67 48.21 2.96 48.10
C ALA A 67 47.55 4.34 48.11
N SER A 68 47.74 5.08 49.21
CA SER A 68 47.05 6.36 49.38
C SER A 68 47.99 7.48 49.83
N ILE A 69 47.63 8.70 49.46
CA ILE A 69 48.36 9.89 49.86
C ILE A 69 47.93 10.31 51.25
N ASP A 70 48.84 10.24 52.21
CA ASP A 70 48.64 10.89 53.50
C ASP A 70 48.46 12.38 53.24
N ALA A 71 47.37 12.98 53.74
CA ALA A 71 47.02 14.38 53.46
C ALA A 71 48.09 15.40 53.91
N ASP A 72 48.50 15.30 55.17
CA ASP A 72 49.44 16.27 55.76
C ASP A 72 50.88 16.12 55.23
N THR A 73 51.50 14.96 55.45
CA THR A 73 52.88 14.73 55.02
C THR A 73 53.00 14.71 53.51
N GLY A 74 51.99 14.17 52.84
CA GLY A 74 52.03 13.98 51.39
C GLY A 74 52.75 12.69 51.03
N ALA A 75 53.04 11.85 52.03
CA ALA A 75 53.75 10.59 51.81
C ALA A 75 52.79 9.52 51.28
N ILE A 76 53.35 8.45 50.73
CA ILE A 76 52.50 7.38 50.21
C ILE A 76 52.41 6.26 51.22
N ASN A 77 51.17 6.03 51.69
CA ASN A 77 50.86 4.91 52.54
C ASN A 77 50.54 3.71 51.66
N PHE A 78 51.11 2.56 51.99
CA PHE A 78 50.85 1.32 51.30
C PHE A 78 50.19 0.35 52.27
N SER A 79 49.11 -0.28 51.84
CA SER A 79 48.37 -1.19 52.71
C SER A 79 47.79 -2.35 51.92
N VAL A 80 48.11 -3.57 52.34
CA VAL A 80 47.64 -4.73 51.62
C VAL A 80 47.34 -5.89 52.57
N PHE A 81 46.22 -6.57 52.33
CA PHE A 81 45.84 -7.68 53.17
C PHE A 81 46.58 -8.95 52.79
N SER A 82 47.09 -9.66 53.80
CA SER A 82 47.48 -11.07 53.68
C SER A 82 47.57 -11.71 55.06
N SER A 83 46.77 -12.75 55.29
CA SER A 83 46.71 -13.39 56.59
C SER A 83 47.71 -14.53 56.69
N SER A 84 48.13 -15.05 55.54
CA SER A 84 48.92 -16.25 55.46
C SER A 84 50.41 -16.00 55.20
N ALA A 85 50.75 -14.79 54.79
CA ALA A 85 52.13 -14.43 54.48
C ALA A 85 53.00 -14.38 55.71
N GLU A 86 54.23 -14.87 55.59
CA GLU A 86 55.24 -14.67 56.64
C GLU A 86 56.09 -13.42 56.40
N SER A 87 56.30 -13.05 55.13
CA SER A 87 57.09 -11.86 54.79
C SER A 87 56.56 -11.12 53.58
N VAL A 88 56.59 -9.79 53.67
CA VAL A 88 56.17 -8.94 52.57
C VAL A 88 57.24 -7.88 52.35
N SER A 89 57.54 -7.64 51.07
CA SER A 89 58.38 -6.52 50.66
C SER A 89 57.63 -5.66 49.66
N LEU A 90 57.65 -4.35 49.89
CA LEU A 90 57.22 -3.41 48.88
C LEU A 90 58.32 -3.40 47.82
N VAL A 91 57.94 -3.63 46.56
CA VAL A 91 58.90 -3.58 45.45
C VAL A 91 58.51 -2.43 44.56
N LEU A 92 59.51 -1.70 44.07
CA LEU A 92 59.31 -0.49 43.31
C LEU A 92 60.02 -0.61 41.98
N PHE A 93 59.41 -0.07 40.94
CA PHE A 93 59.88 -0.24 39.57
C PHE A 93 59.93 1.08 38.83
N THR A 94 60.97 1.27 38.01
CA THR A 94 60.87 2.20 36.90
C THR A 94 60.31 1.36 35.76
N GLU A 95 59.71 2.00 34.77
CA GLU A 95 59.17 1.26 33.64
C GLU A 95 60.28 0.49 32.90
N ALA A 96 61.45 1.10 32.72
CA ALA A 96 62.59 0.42 32.13
C ALA A 96 62.92 -0.84 32.93
N ASP A 97 63.09 -0.71 34.24
CA ASP A 97 63.34 -1.89 35.07
C ASP A 97 62.21 -2.91 34.93
N LEU A 98 60.97 -2.44 35.02
CA LEU A 98 59.82 -3.31 34.89
C LEU A 98 59.90 -4.13 33.59
N ASN A 99 60.18 -3.46 32.48
CA ASN A 99 60.30 -4.13 31.18
C ASN A 99 61.50 -5.06 31.06
N ALA A 100 62.53 -4.81 31.86
CA ALA A 100 63.71 -5.67 31.88
C ALA A 100 63.58 -6.76 32.95
N GLY A 101 62.45 -6.81 33.64
CA GLY A 101 62.18 -7.85 34.63
C GLY A 101 62.97 -7.73 35.92
N ARG A 102 63.25 -6.50 36.33
CA ARG A 102 64.09 -6.23 37.50
C ARG A 102 63.43 -5.21 38.39
N ALA A 103 63.60 -5.38 39.70
CA ALA A 103 63.13 -4.41 40.67
C ALA A 103 64.06 -3.22 40.65
N THR A 104 63.52 -2.02 40.90
CA THR A 104 64.36 -0.85 41.12
C THR A 104 64.75 -0.72 42.60
N PHE A 105 63.80 -0.93 43.51
CA PHE A 105 64.07 -0.90 44.95
C PHE A 105 63.20 -1.95 45.65
N GLU A 106 63.63 -2.36 46.86
CA GLU A 106 62.84 -3.28 47.70
C GLU A 106 62.88 -2.92 49.18
N ILE A 107 61.71 -2.83 49.80
CA ILE A 107 61.65 -2.51 51.22
C ILE A 107 60.96 -3.64 52.00
N PRO A 108 61.76 -4.45 52.74
CA PRO A 108 61.17 -5.49 53.62
C PRO A 108 60.38 -4.87 54.76
N LEU A 109 59.09 -5.22 54.87
CA LEU A 109 58.26 -4.72 55.96
C LEU A 109 58.59 -5.51 57.21
N ASP A 110 58.69 -4.83 58.35
CA ASP A 110 58.87 -5.49 59.65
C ASP A 110 57.53 -6.12 60.11
N PRO A 111 57.51 -7.45 60.32
CA PRO A 111 56.27 -8.12 60.75
C PRO A 111 55.68 -7.63 62.08
N TYR A 112 56.48 -7.01 62.92
CA TYR A 112 56.00 -6.53 64.23
C TYR A 112 55.73 -5.04 64.25
N VAL A 113 55.84 -4.37 63.12
CA VAL A 113 55.69 -2.91 63.07
C VAL A 113 54.85 -2.48 61.88
N ASN A 114 55.23 -2.97 60.70
CA ASN A 114 54.53 -2.67 59.46
C ASN A 114 53.36 -3.61 59.15
N ARG A 115 52.65 -4.02 60.21
CA ARG A 115 51.52 -4.91 60.10
C ARG A 115 50.59 -4.70 61.28
N THR A 116 49.29 -4.69 61.01
CA THR A 116 48.28 -4.67 62.06
C THR A 116 47.28 -5.77 61.75
N GLY A 117 47.28 -6.82 62.57
CA GLY A 117 46.47 -7.99 62.32
C GLY A 117 46.90 -8.65 61.02
N ASP A 118 46.01 -8.66 60.04
CA ASP A 118 46.28 -9.26 58.73
C ASP A 118 46.56 -8.24 57.60
N VAL A 119 46.64 -6.96 57.97
CA VAL A 119 46.97 -5.91 57.01
C VAL A 119 48.40 -5.44 57.19
N TRP A 120 49.21 -5.67 56.16
CA TRP A 120 50.58 -5.17 56.12
C TRP A 120 50.59 -3.76 55.56
N HIS A 121 51.38 -2.88 56.17
CA HIS A 121 51.41 -1.48 55.76
C HIS A 121 52.77 -0.81 55.98
N ILE A 122 53.02 0.27 55.23
CA ILE A 122 54.26 1.02 55.32
C ILE A 122 54.07 2.32 54.58
N MET A 123 54.72 3.38 55.05
CA MET A 123 54.59 4.70 54.45
C MET A 123 55.94 5.22 53.94
N LEU A 124 55.96 5.73 52.70
CA LEU A 124 57.19 6.26 52.10
C LEU A 124 57.04 7.75 51.78
N PRO A 125 57.81 8.60 52.48
CA PRO A 125 57.81 10.03 52.13
C PRO A 125 58.68 10.33 50.88
N ASP A 126 58.44 11.48 50.27
CA ASP A 126 59.23 11.93 49.11
C ASP A 126 59.39 10.82 48.08
N LEU A 127 58.32 10.08 47.83
CA LEU A 127 58.40 8.98 46.89
C LEU A 127 58.44 9.57 45.50
N ARG A 128 59.31 9.02 44.66
CA ARG A 128 59.49 9.54 43.31
C ARG A 128 58.33 9.07 42.43
N ASP A 129 57.78 9.99 41.64
CA ASP A 129 56.55 9.74 40.90
C ASP A 129 56.73 8.95 39.60
N ASP A 130 57.95 8.61 39.21
CA ASP A 130 58.15 7.72 38.06
C ASP A 130 58.13 6.24 38.45
N LEU A 131 57.89 5.97 39.73
CA LEU A 131 57.95 4.59 40.24
C LEU A 131 56.57 3.96 40.31
N LEU A 132 56.52 2.64 40.05
CA LEU A 132 55.33 1.83 40.25
C LEU A 132 55.63 0.81 41.34
N TYR A 133 54.63 0.06 41.78
CA TYR A 133 54.82 -0.80 42.95
C TYR A 133 54.10 -2.16 42.87
N GLY A 134 54.67 -3.11 43.59
CA GLY A 134 54.08 -4.43 43.81
C GLY A 134 54.59 -5.01 45.12
N TYR A 135 54.30 -6.29 45.34
CA TYR A 135 54.67 -6.92 46.58
C TYR A 135 55.28 -8.29 46.35
N ARG A 136 56.45 -8.50 46.95
CA ARG A 136 57.03 -9.82 47.01
C ARG A 136 56.55 -10.44 48.31
N VAL A 137 55.82 -11.55 48.19
CA VAL A 137 55.20 -12.18 49.35
C VAL A 137 55.76 -13.57 49.56
N GLU A 138 56.28 -13.79 50.75
CA GLU A 138 56.93 -15.04 51.11
C GLU A 138 56.13 -15.78 52.19
N GLY A 139 56.06 -17.10 52.04
CA GLY A 139 55.33 -17.98 52.93
C GLY A 139 55.36 -19.38 52.36
N VAL A 140 54.49 -20.24 52.87
CA VAL A 140 54.52 -21.66 52.55
C VAL A 140 53.80 -21.96 51.23
N HIS A 141 54.19 -23.04 50.58
CA HIS A 141 53.55 -23.50 49.36
C HIS A 141 53.28 -25.00 49.49
N GLN A 142 52.06 -25.40 49.15
CA GLN A 142 51.62 -26.78 49.38
C GLN A 142 52.48 -27.84 48.63
N GLU A 143 53.05 -27.45 47.49
CA GLU A 143 53.95 -28.32 46.71
C GLU A 143 55.24 -28.66 47.47
N GLU A 144 55.69 -27.74 48.31
CA GLU A 144 56.91 -27.94 49.07
C GLU A 144 56.58 -28.56 50.45
N ASP A 145 55.41 -28.26 50.99
CA ASP A 145 54.95 -28.88 52.25
C ASP A 145 53.46 -29.21 52.21
N LYS A 146 53.16 -30.49 52.04
CA LYS A 146 51.79 -30.99 51.88
C LYS A 146 50.88 -30.78 53.11
N ASP A 147 51.48 -30.43 54.26
CA ASP A 147 50.73 -30.09 55.47
C ASP A 147 49.94 -28.77 55.38
N TYR A 148 50.19 -27.96 54.36
CA TYR A 148 49.53 -26.66 54.24
C TYR A 148 48.79 -26.47 52.91
N PRO A 149 47.81 -27.34 52.63
CA PRO A 149 47.08 -27.24 51.38
C PRO A 149 46.42 -25.87 51.26
N GLY A 150 46.36 -25.35 50.05
CA GLY A 150 45.78 -24.04 49.80
C GLY A 150 46.76 -22.89 49.84
N MET A 151 47.89 -23.08 50.49
CA MET A 151 48.93 -22.07 50.54
C MET A 151 49.71 -22.15 49.24
N ARG A 152 49.85 -21.02 48.54
CA ARG A 152 50.60 -20.97 47.29
C ARG A 152 51.43 -19.69 47.15
N HIS A 153 52.14 -19.32 48.23
CA HIS A 153 53.08 -18.22 48.16
C HIS A 153 54.28 -18.60 47.29
N ASP A 154 54.71 -17.67 46.45
CA ASP A 154 55.93 -17.82 45.65
C ASP A 154 56.70 -16.50 45.75
N LYS A 155 57.88 -16.55 46.36
CA LYS A 155 58.72 -15.36 46.54
C LYS A 155 59.48 -14.94 45.27
N ARG A 156 59.47 -15.80 44.25
CA ARG A 156 60.00 -15.46 42.94
C ARG A 156 59.10 -14.50 42.17
N ARG A 157 57.88 -14.25 42.68
CA ARG A 157 56.92 -13.41 42.00
C ARG A 157 56.73 -12.10 42.76
N VAL A 158 56.53 -11.02 42.02
CA VAL A 158 56.06 -9.79 42.64
C VAL A 158 54.63 -9.64 42.17
N VAL A 159 53.72 -9.56 43.12
CA VAL A 159 52.29 -9.55 42.82
C VAL A 159 51.68 -8.16 42.90
N LEU A 160 50.52 -8.07 42.27
CA LEU A 160 49.78 -6.84 42.08
C LEU A 160 48.84 -6.60 43.29
N ASP A 161 48.86 -5.37 43.78
CA ASP A 161 47.90 -4.89 44.75
C ASP A 161 46.51 -5.00 44.11
N PRO A 162 45.57 -5.72 44.76
CA PRO A 162 44.22 -5.84 44.22
C PRO A 162 43.50 -4.50 44.13
N TYR A 163 43.94 -3.53 44.93
CA TYR A 163 43.38 -2.19 44.95
C TYR A 163 44.11 -1.21 44.01
N ALA A 164 44.97 -1.73 43.12
CA ALA A 164 45.74 -0.88 42.21
C ALA A 164 44.85 0.06 41.42
N VAL A 165 45.22 1.34 41.42
CA VAL A 165 44.43 2.39 40.79
C VAL A 165 44.62 2.37 39.28
N ALA A 166 45.81 1.95 38.85
CA ALA A 166 46.09 1.67 37.45
C ALA A 166 47.17 0.59 37.35
N VAL A 167 47.15 -0.19 36.28
CA VAL A 167 48.13 -1.24 36.07
C VAL A 167 48.95 -0.97 34.81
N LEU A 168 50.28 -1.12 34.90
CA LEU A 168 51.16 -1.05 33.74
C LEU A 168 51.83 -2.39 33.49
N ASN A 169 51.84 -2.85 32.24
CA ASN A 169 52.69 -3.98 31.83
C ASN A 169 53.06 -3.95 30.34
N ARG A 170 52.08 -4.14 29.46
CA ARG A 170 52.25 -3.96 28.03
C ARG A 170 51.30 -2.85 27.67
N ARG A 171 51.79 -1.83 26.98
CA ARG A 171 50.96 -0.64 26.78
C ARG A 171 50.16 -0.61 25.47
N ARG A 172 50.32 -1.63 24.64
CA ARG A 172 49.63 -1.68 23.34
C ARG A 172 48.87 -2.99 23.16
N TRP A 173 47.59 -2.87 22.79
CA TRP A 173 46.79 -4.03 22.45
C TRP A 173 47.56 -4.97 21.52
N GLY A 174 47.79 -6.20 21.98
CA GLY A 174 48.38 -7.24 21.16
C GLY A 174 49.90 -7.17 21.04
N GLN A 175 50.52 -6.20 21.71
CA GLN A 175 51.98 -6.09 21.73
C GLN A 175 52.54 -7.08 22.74
N MET A 176 53.30 -8.06 22.23
CA MET A 176 53.90 -9.11 23.05
C MET A 176 54.88 -8.49 24.01
N GLY A 177 55.04 -9.13 25.17
CA GLY A 177 55.98 -8.64 26.19
C GLY A 177 57.40 -8.96 25.77
N PRO A 178 58.39 -8.30 26.41
CA PRO A 178 59.77 -8.38 25.96
C PRO A 178 60.33 -9.79 26.10
N ASN A 179 61.35 -10.10 25.31
CA ASN A 179 62.03 -11.38 25.41
C ASN A 179 63.08 -11.30 26.51
N LEU A 180 62.80 -11.94 27.64
CA LEU A 180 63.72 -11.98 28.77
C LEU A 180 63.99 -13.44 29.09
N PRO A 181 65.11 -13.72 29.77
CA PRO A 181 65.36 -15.10 30.22
C PRO A 181 64.46 -15.53 31.40
N TYR A 182 63.15 -15.58 31.14
CA TYR A 182 62.14 -15.90 32.16
C TYR A 182 62.39 -17.23 32.83
N GLY A 183 62.10 -17.32 34.12
CA GLY A 183 62.32 -18.52 34.92
C GLY A 183 63.68 -18.56 35.61
N GLU A 184 64.63 -17.76 35.13
CA GLU A 184 65.99 -17.75 35.65
C GLU A 184 66.07 -16.89 36.91
N GLU A 185 67.03 -17.20 37.78
CA GLU A 185 67.27 -16.42 39.00
C GLU A 185 67.37 -14.93 38.69
N GLY A 186 66.69 -14.12 39.51
CA GLY A 186 66.74 -12.65 39.39
C GLY A 186 65.62 -12.04 38.56
N VAL A 187 65.19 -12.72 37.50
CA VAL A 187 64.25 -12.12 36.54
C VAL A 187 62.80 -12.33 36.98
N LEU A 188 62.06 -11.23 36.93
CA LEU A 188 60.65 -11.22 37.27
C LEU A 188 59.83 -11.47 36.01
N GLY A 189 58.69 -12.14 36.20
CA GLY A 189 57.74 -12.37 35.11
C GLY A 189 57.69 -13.83 34.72
N VAL A 190 56.55 -14.22 34.15
CA VAL A 190 56.24 -15.62 33.92
C VAL A 190 56.68 -16.06 32.51
N MET A 191 56.36 -15.26 31.51
CA MET A 191 56.54 -15.62 30.10
C MET A 191 56.23 -14.37 29.27
N PRO A 192 56.57 -14.39 27.97
CA PRO A 192 56.37 -13.15 27.19
C PRO A 192 54.93 -12.61 27.18
N THR A 193 53.94 -13.50 27.29
CA THR A 193 52.53 -13.10 27.36
C THR A 193 52.07 -12.69 28.77
N TRP A 194 52.88 -13.01 29.79
CA TRP A 194 52.67 -12.55 31.16
C TRP A 194 53.94 -11.90 31.71
N PRO A 195 54.36 -10.77 31.10
CA PRO A 195 55.49 -10.03 31.63
C PRO A 195 55.13 -9.39 32.98
N GLN A 196 56.14 -8.98 33.73
CA GLN A 196 55.95 -8.34 35.03
C GLN A 196 55.03 -7.12 34.93
N ALA A 197 53.98 -7.10 35.75
CA ALA A 197 53.08 -5.95 35.85
C ALA A 197 53.39 -5.19 37.13
N ALA A 198 52.83 -3.99 37.25
CA ALA A 198 53.04 -3.14 38.42
C ALA A 198 51.92 -2.10 38.51
N ALA A 199 51.74 -1.56 39.71
CA ALA A 199 50.63 -0.65 39.98
C ALA A 199 51.11 0.79 40.05
N ALA A 200 50.34 1.70 39.49
CA ALA A 200 50.69 3.11 39.54
C ALA A 200 50.47 3.67 40.94
N LEU A 201 51.24 4.70 41.28
CA LEU A 201 51.06 5.43 42.53
C LEU A 201 49.78 6.23 42.47
N PRO A 202 49.22 6.61 43.64
CA PRO A 202 48.03 7.45 43.60
C PRO A 202 48.38 8.80 43.02
N ALA A 203 47.40 9.47 42.43
CA ALA A 203 47.61 10.79 41.82
C ALA A 203 48.06 11.79 42.88
N ALA A 204 48.92 12.72 42.47
CA ALA A 204 49.43 13.75 43.37
C ALA A 204 48.31 14.69 43.83
N ARG A 205 48.37 15.11 45.09
CA ARG A 205 47.38 16.01 45.69
C ARG A 205 47.25 17.30 44.86
N GLY A 206 46.02 17.84 44.79
CA GLY A 206 45.76 19.07 44.03
C GLY A 206 45.68 18.86 42.53
N SER A 207 45.50 17.61 42.10
CA SER A 207 45.36 17.30 40.69
C SER A 207 44.27 16.24 40.52
N ALA A 208 43.03 16.70 40.37
CA ALA A 208 41.87 15.83 40.22
C ALA A 208 41.18 16.09 38.89
N PHE A 209 40.42 15.10 38.44
CA PHE A 209 39.67 15.23 37.21
C PHE A 209 38.58 16.29 37.35
N ASP A 210 38.35 17.03 36.27
CA ASP A 210 37.32 18.06 36.23
C ASP A 210 36.08 17.46 35.58
N TRP A 211 35.14 17.02 36.41
CA TRP A 211 33.87 16.46 35.95
C TRP A 211 32.93 17.49 35.29
N GLU A 212 33.15 18.78 35.59
CA GLU A 212 32.31 19.87 35.09
C GLU A 212 30.85 19.65 35.49
N GLY A 213 30.63 19.35 36.78
CA GLY A 213 29.29 19.08 37.29
C GLY A 213 28.66 17.75 36.89
N ASP A 214 29.43 16.84 36.29
CA ASP A 214 28.89 15.53 35.91
C ASP A 214 28.42 14.74 37.12
N THR A 215 27.25 14.14 36.97
CA THR A 215 26.68 13.28 37.99
C THR A 215 26.15 12.02 37.29
N PRO A 216 25.98 10.91 38.04
CA PRO A 216 25.25 9.79 37.42
C PRO A 216 23.81 10.20 37.06
N LEU A 217 23.29 9.72 35.93
CA LEU A 217 22.02 10.26 35.41
C LEU A 217 20.80 9.80 36.20
N ASN A 218 20.91 8.63 36.81
CA ASN A 218 19.82 8.04 37.60
C ASN A 218 18.50 7.95 36.80
N LEU A 219 18.59 7.50 35.55
CA LEU A 219 17.41 7.37 34.72
C LEU A 219 16.55 6.21 35.27
N PRO A 220 15.21 6.31 35.16
CA PRO A 220 14.39 5.16 35.63
C PRO A 220 14.67 3.89 34.81
N MET A 221 14.83 2.76 35.50
CA MET A 221 15.19 1.51 34.84
C MET A 221 14.27 1.18 33.68
N GLU A 222 12.97 1.41 33.87
CA GLU A 222 11.96 1.07 32.88
C GLU A 222 12.04 1.92 31.60
N SER A 223 12.68 3.08 31.70
CA SER A 223 12.90 3.94 30.53
C SER A 223 14.11 3.55 29.68
N LEU A 224 14.91 2.58 30.12
CA LEU A 224 16.17 2.28 29.42
C LEU A 224 16.01 1.48 28.13
N VAL A 225 16.91 1.77 27.20
CA VAL A 225 17.17 0.94 26.04
C VAL A 225 18.68 0.75 26.00
N ILE A 226 19.11 -0.48 26.27
CA ILE A 226 20.51 -0.79 26.52
C ILE A 226 21.22 -1.30 25.26
N TYR A 227 22.42 -0.79 25.03
CA TYR A 227 23.24 -1.16 23.89
C TYR A 227 24.48 -1.86 24.43
N GLU A 228 24.63 -3.16 24.15
CA GLU A 228 25.77 -3.92 24.63
C GLU A 228 26.96 -3.76 23.67
N ALA A 229 28.00 -3.05 24.11
CA ALA A 229 29.14 -2.68 23.24
C ALA A 229 30.49 -3.10 23.80
N HIS A 230 31.43 -3.34 22.90
CA HIS A 230 32.82 -3.63 23.24
C HIS A 230 33.64 -2.39 22.93
N VAL A 231 34.45 -1.93 23.86
CA VAL A 231 35.20 -0.68 23.65
C VAL A 231 36.05 -0.72 22.36
N ARG A 232 36.88 -1.73 22.21
CA ARG A 232 37.69 -1.89 21.02
C ARG A 232 36.91 -2.22 19.74
N GLY A 233 35.90 -3.07 19.85
CA GLY A 233 35.09 -3.43 18.69
C GLY A 233 34.34 -2.23 18.11
N PHE A 234 33.95 -1.30 18.99
CA PHE A 234 33.16 -0.13 18.62
C PHE A 234 33.82 0.71 17.51
N THR A 235 35.15 0.88 17.55
CA THR A 235 35.85 1.68 16.53
C THR A 235 37.11 1.05 15.92
N ALA A 236 37.38 -0.23 16.16
CA ALA A 236 38.58 -0.87 15.60
C ALA A 236 38.60 -0.95 14.08
N HIS A 237 37.44 -1.07 13.42
CA HIS A 237 37.44 -1.16 11.94
C HIS A 237 38.00 0.11 11.29
N ALA A 238 38.64 -0.08 10.13
CA ALA A 238 39.15 1.02 9.32
C ALA A 238 38.09 2.10 9.07
N SER A 239 36.84 1.67 8.90
CA SER A 239 35.74 2.55 8.53
C SER A 239 35.26 3.45 9.67
N SER A 240 35.79 3.24 10.87
CA SER A 240 35.38 4.06 12.01
C SER A 240 35.85 5.49 11.85
N GLY A 241 37.02 5.65 11.25
CA GLY A 241 37.55 6.96 10.90
C GLY A 241 37.91 7.84 12.09
N VAL A 242 38.00 7.24 13.28
CA VAL A 242 38.35 7.98 14.50
C VAL A 242 39.87 8.10 14.66
N ALA A 243 40.29 9.09 15.45
CA ALA A 243 41.70 9.38 15.74
C ALA A 243 42.40 8.25 16.49
N ALA A 244 41.68 7.57 17.39
CA ALA A 244 42.27 6.55 18.25
C ALA A 244 41.41 5.29 18.24
N PRO A 245 41.44 4.52 17.14
CA PRO A 245 40.56 3.36 16.99
C PRO A 245 40.74 2.31 18.08
N GLY A 246 39.61 1.84 18.64
CA GLY A 246 39.63 0.77 19.62
C GLY A 246 39.83 1.21 21.06
N THR A 247 39.71 2.51 21.31
CA THR A 247 40.00 3.08 22.62
C THR A 247 38.86 3.86 23.21
N TYR A 248 38.96 4.18 24.50
CA TYR A 248 37.92 4.94 25.19
C TYR A 248 37.67 6.25 24.46
N ALA A 249 38.74 6.87 24.00
CA ALA A 249 38.68 8.16 23.32
C ALA A 249 38.16 7.99 21.91
N GLY A 250 38.53 6.87 21.29
CA GLY A 250 37.92 6.49 20.02
C GLY A 250 36.42 6.34 20.10
N MET A 251 35.96 5.69 21.17
CA MET A 251 34.52 5.54 21.40
C MET A 251 33.82 6.89 21.61
N VAL A 252 34.51 7.88 22.17
CA VAL A 252 33.89 9.19 22.40
C VAL A 252 33.51 9.83 21.07
N GLU A 253 34.41 9.72 20.09
CA GLU A 253 34.17 10.31 18.77
C GLU A 253 32.94 9.78 18.04
N ARG A 254 32.42 8.62 18.45
CA ARG A 254 31.29 8.05 17.74
C ARG A 254 30.04 7.95 18.60
N LEU A 255 30.08 8.56 19.78
CA LEU A 255 28.93 8.51 20.69
C LEU A 255 27.68 9.09 20.07
N ASP A 256 27.84 10.11 19.25
CA ASP A 256 26.72 10.72 18.59
C ASP A 256 25.85 9.70 17.88
N TYR A 257 26.48 8.71 17.25
CA TYR A 257 25.75 7.67 16.56
C TYR A 257 24.76 7.01 17.50
N LEU A 258 25.20 6.71 18.72
CA LEU A 258 24.33 6.09 19.71
C LEU A 258 23.20 6.98 20.18
N LYS A 259 23.50 8.26 20.42
CA LYS A 259 22.46 9.20 20.77
C LYS A 259 21.40 9.25 19.67
N SER A 260 21.86 9.38 18.42
CA SER A 260 20.98 9.39 17.26
C SER A 260 20.23 8.07 17.07
N LEU A 261 20.84 6.96 17.45
CA LEU A 261 20.17 5.67 17.34
C LEU A 261 18.98 5.62 18.29
N GLY A 262 19.08 6.34 19.40
CA GLY A 262 17.97 6.45 20.35
C GLY A 262 18.22 5.67 21.62
N VAL A 263 19.46 5.22 21.80
CA VAL A 263 19.87 4.48 22.99
C VAL A 263 20.19 5.41 24.18
N ASN A 264 19.79 5.03 25.38
CA ASN A 264 20.10 5.83 26.57
C ASN A 264 20.91 5.08 27.62
N ALA A 265 21.45 3.92 27.27
CA ALA A 265 22.41 3.25 28.12
C ALA A 265 23.31 2.34 27.32
N ILE A 266 24.59 2.40 27.62
CA ILE A 266 25.55 1.54 26.98
C ILE A 266 26.12 0.60 28.04
N GLU A 267 26.10 -0.69 27.71
CA GLU A 267 26.66 -1.71 28.58
C GLU A 267 27.99 -2.17 27.99
N LEU A 268 29.08 -1.72 28.61
CA LEU A 268 30.41 -2.04 28.14
C LEU A 268 30.86 -3.43 28.60
N LEU A 269 31.30 -4.27 27.66
CA LEU A 269 31.99 -5.53 28.01
C LEU A 269 33.21 -5.25 28.89
N PRO A 270 33.72 -6.26 29.62
CA PRO A 270 34.65 -6.02 30.73
C PRO A 270 35.76 -4.99 30.46
N VAL A 271 35.72 -3.95 31.26
CA VAL A 271 36.50 -2.76 31.07
C VAL A 271 37.66 -2.76 32.08
N PHE A 272 37.57 -3.65 33.05
CA PHE A 272 38.64 -3.88 34.01
C PHE A 272 39.81 -4.59 33.35
N GLU A 273 41.02 -4.18 33.73
CA GLU A 273 42.27 -4.75 33.22
C GLU A 273 42.21 -6.26 33.00
N PHE A 274 42.43 -6.67 31.75
CA PHE A 274 42.64 -8.09 31.42
C PHE A 274 43.79 -8.28 30.43
N ASN A 275 44.17 -9.53 30.21
CA ASN A 275 45.24 -9.88 29.30
C ASN A 275 44.73 -10.57 28.04
N GLU A 276 44.74 -9.83 26.92
CA GLU A 276 44.21 -10.33 25.66
C GLU A 276 45.10 -11.40 25.03
N LEU A 277 46.34 -11.51 25.53
CA LEU A 277 47.28 -12.53 25.09
C LEU A 277 47.33 -13.76 25.99
N GLU A 278 46.36 -13.93 26.86
CA GLU A 278 46.49 -14.95 27.92
C GLU A 278 46.64 -16.38 27.35
N TYR A 279 45.92 -16.68 26.26
CA TYR A 279 46.11 -17.96 25.57
C TYR A 279 46.51 -17.77 24.09
N TYR A 280 47.41 -16.80 23.86
CA TYR A 280 47.89 -16.46 22.52
C TYR A 280 48.60 -17.62 21.82
N SER A 281 48.12 -17.97 20.62
CA SER A 281 48.72 -19.00 19.76
C SER A 281 47.96 -19.08 18.44
N GLN A 282 48.59 -19.63 17.40
CA GLN A 282 47.94 -19.75 16.09
C GLN A 282 46.76 -20.70 16.19
N ILE A 283 45.66 -20.36 15.53
CA ILE A 283 44.48 -21.23 15.53
C ILE A 283 44.69 -22.32 14.48
N PRO A 284 44.56 -23.60 14.86
CA PRO A 284 44.72 -24.70 13.90
C PRO A 284 44.13 -24.41 12.51
N GLY A 285 45.01 -24.11 11.55
CA GLY A 285 44.64 -23.90 10.15
C GLY A 285 44.17 -22.49 9.86
N SER A 286 44.93 -21.50 10.30
CA SER A 286 44.60 -20.10 10.00
C SER A 286 45.81 -19.18 10.03
N ASP A 287 45.68 -18.04 9.35
CA ASP A 287 46.65 -16.95 9.42
C ASP A 287 46.38 -16.04 10.65
N GLN A 288 45.33 -16.35 11.41
CA GLN A 288 44.91 -15.53 12.55
C GLN A 288 45.31 -16.19 13.88
N TYR A 289 45.53 -15.37 14.91
CA TYR A 289 45.92 -15.86 16.24
C TYR A 289 44.79 -15.74 17.27
N ARG A 290 44.80 -16.62 18.27
CA ARG A 290 43.76 -16.63 19.32
C ARG A 290 43.99 -15.51 20.33
N PHE A 291 42.98 -14.67 20.55
CA PHE A 291 43.02 -13.64 21.58
C PHE A 291 41.93 -13.94 22.60
N ASN A 292 42.08 -13.43 23.81
CA ASN A 292 40.92 -13.24 24.65
C ASN A 292 40.40 -11.85 24.37
N PHE A 293 39.50 -11.75 23.40
CA PHE A 293 39.01 -10.46 22.92
C PHE A 293 38.00 -9.81 23.87
N TRP A 294 36.94 -10.56 24.23
CA TRP A 294 35.86 -10.03 25.09
C TRP A 294 36.31 -9.55 26.46
N GLY A 295 37.19 -10.31 27.10
CA GLY A 295 37.86 -9.88 28.32
C GLY A 295 37.26 -10.40 29.61
N TYR A 296 36.48 -11.48 29.53
CA TYR A 296 35.92 -12.10 30.73
C TYR A 296 37.00 -12.95 31.41
N SER A 297 38.02 -12.25 31.91
CA SER A 297 39.10 -12.85 32.64
C SER A 297 39.94 -11.75 33.28
N THR A 298 39.47 -11.25 34.42
CA THR A 298 40.02 -10.04 35.06
C THR A 298 41.33 -10.28 35.84
N VAL A 299 42.28 -9.39 35.58
CA VAL A 299 43.60 -9.40 36.20
C VAL A 299 43.57 -8.47 37.40
N ASN A 300 43.05 -7.26 37.18
CA ASN A 300 42.85 -6.29 38.26
C ASN A 300 41.47 -5.62 38.18
N TYR A 301 40.71 -5.64 39.27
CA TYR A 301 39.33 -5.13 39.30
C TYR A 301 39.21 -3.63 39.51
N PHE A 302 40.26 -2.99 40.02
CA PHE A 302 40.21 -1.55 40.30
C PHE A 302 40.76 -0.69 39.14
N SER A 303 41.38 -1.34 38.15
CA SER A 303 42.13 -0.62 37.11
C SER A 303 41.44 -0.73 35.76
N PRO A 304 41.25 0.40 35.07
CA PRO A 304 40.80 0.37 33.69
C PRO A 304 41.76 -0.43 32.83
N MET A 305 41.22 -1.16 31.86
CA MET A 305 42.03 -1.84 30.87
C MET A 305 42.91 -0.83 30.12
N GLY A 306 44.22 -0.93 30.31
CA GLY A 306 45.17 0.03 29.76
C GLY A 306 45.29 -0.01 28.25
N ARG A 307 45.15 -1.19 27.66
CA ARG A 307 45.28 -1.34 26.22
C ARG A 307 43.97 -0.99 25.49
N PHE A 308 43.02 -0.46 26.24
CA PHE A 308 41.90 0.32 25.70
C PHE A 308 42.18 1.82 25.76
N SER A 309 43.29 2.24 26.35
CA SER A 309 43.56 3.67 26.49
C SER A 309 44.50 4.18 25.39
N ALA A 310 44.01 5.14 24.61
CA ALA A 310 44.84 5.79 23.61
C ALA A 310 46.12 6.36 24.24
N ALA A 311 45.98 7.02 25.39
CA ALA A 311 47.11 7.67 26.07
C ALA A 311 48.20 6.69 26.49
N VAL A 312 47.81 5.58 27.10
CA VAL A 312 48.79 4.57 27.48
C VAL A 312 49.54 4.07 26.23
N GLY A 313 48.82 3.82 25.15
CA GLY A 313 49.45 3.41 23.90
C GLY A 313 50.41 4.47 23.35
N GLN A 314 50.16 5.73 23.68
CA GLN A 314 51.02 6.84 23.26
C GLN A 314 52.11 7.17 24.29
N GLY A 315 52.19 6.37 25.34
CA GLY A 315 53.29 6.46 26.31
C GLY A 315 53.02 7.34 27.53
N ALA A 316 51.75 7.63 27.82
CA ALA A 316 51.42 8.44 28.99
C ALA A 316 51.62 7.62 30.25
N PRO A 317 51.78 8.29 31.41
CA PRO A 317 51.78 7.55 32.67
C PRO A 317 50.54 6.67 32.80
N ALA A 318 50.64 5.62 33.61
CA ALA A 318 49.62 4.57 33.60
C ALA A 318 48.26 5.07 34.08
N ARG A 319 48.25 6.03 35.00
CA ARG A 319 47.02 6.73 35.40
C ARG A 319 46.26 7.47 34.29
N ALA A 320 46.89 7.68 33.14
CA ALA A 320 46.22 8.34 32.01
C ALA A 320 44.94 7.62 31.57
N SER A 321 44.95 6.30 31.65
CA SER A 321 43.76 5.48 31.39
C SER A 321 42.57 5.88 32.28
N CYS A 322 42.86 6.34 33.50
CA CYS A 322 41.80 6.71 34.43
C CYS A 322 41.05 7.93 33.92
N ASP A 323 41.79 8.97 33.55
CA ASP A 323 41.15 10.21 33.09
C ASP A 323 40.47 10.01 31.75
N GLU A 324 41.08 9.17 30.90
CA GLU A 324 40.50 8.87 29.61
C GLU A 324 39.15 8.18 29.81
N PHE A 325 39.06 7.24 30.75
CA PHE A 325 37.78 6.59 31.04
C PHE A 325 36.75 7.55 31.64
N LYS A 326 37.20 8.41 32.55
CA LYS A 326 36.33 9.43 33.11
C LYS A 326 35.76 10.30 32.00
N GLN A 327 36.62 10.72 31.08
CA GLN A 327 36.16 11.56 29.97
C GLN A 327 35.03 10.85 29.22
N LEU A 328 35.20 9.55 28.98
CA LEU A 328 34.20 8.74 28.30
C LEU A 328 32.84 8.75 29.01
N VAL A 329 32.87 8.68 30.33
CA VAL A 329 31.63 8.63 31.12
C VAL A 329 30.95 9.98 31.02
N LYS A 330 31.77 11.03 31.13
CA LYS A 330 31.29 12.41 31.03
C LYS A 330 30.64 12.66 29.68
N GLU A 331 31.26 12.13 28.62
CA GLU A 331 30.72 12.31 27.28
C GLU A 331 29.42 11.54 27.08
N CYS A 332 29.36 10.31 27.58
CA CYS A 332 28.11 9.55 27.59
C CYS A 332 27.04 10.35 28.31
N HIS A 333 27.34 10.84 29.49
CA HIS A 333 26.33 11.52 30.31
C HIS A 333 25.78 12.76 29.63
N ARG A 334 26.66 13.54 29.02
CA ARG A 334 26.28 14.71 28.23
C ARG A 334 25.21 14.39 27.20
N ARG A 335 25.28 13.19 26.63
CA ARG A 335 24.31 12.73 25.63
C ARG A 335 23.11 11.99 26.20
N GLY A 336 22.95 11.99 27.52
CA GLY A 336 21.86 11.25 28.15
C GLY A 336 22.05 9.76 28.07
N ILE A 337 23.30 9.31 27.96
CA ILE A 337 23.60 7.88 27.89
C ILE A 337 24.19 7.40 29.22
N GLU A 338 23.51 6.46 29.87
CA GLU A 338 24.03 5.86 31.09
C GLU A 338 25.09 4.82 30.79
N VAL A 339 25.99 4.64 31.74
CA VAL A 339 27.08 3.71 31.57
C VAL A 339 26.98 2.57 32.53
N ILE A 340 26.97 1.37 31.97
CA ILE A 340 26.81 0.15 32.72
C ILE A 340 27.99 -0.78 32.46
N LEU A 341 28.70 -1.14 33.53
CA LEU A 341 29.85 -2.01 33.45
C LEU A 341 29.53 -3.48 33.71
N ASP A 342 29.78 -4.28 32.68
CA ASP A 342 29.88 -5.73 32.78
C ASP A 342 31.06 -6.05 33.72
N VAL A 343 30.80 -6.81 34.79
CA VAL A 343 31.84 -7.13 35.78
C VAL A 343 31.87 -8.63 36.08
N VAL A 344 33.08 -9.16 36.25
CA VAL A 344 33.28 -10.61 36.29
C VAL A 344 33.91 -11.04 37.60
N PHE A 345 33.10 -11.02 38.67
CA PHE A 345 33.58 -11.33 40.01
C PHE A 345 33.49 -12.81 40.36
N ASN A 346 33.14 -13.65 39.39
CA ASN A 346 32.94 -15.07 39.66
C ASN A 346 34.21 -15.91 39.51
N HIS A 347 35.24 -15.32 38.92
CA HIS A 347 36.52 -16.02 38.69
C HIS A 347 37.53 -14.99 38.22
N THR A 348 38.82 -15.37 38.19
CA THR A 348 39.89 -14.43 37.77
C THR A 348 40.81 -15.03 36.71
N ALA A 349 41.73 -14.21 36.19
CA ALA A 349 42.69 -14.67 35.19
C ALA A 349 43.74 -15.67 35.69
N GLU A 350 43.89 -15.81 37.01
CA GLU A 350 44.87 -16.72 37.57
C GLU A 350 44.58 -18.21 37.34
N GLY A 351 43.40 -18.52 36.83
CA GLY A 351 43.03 -19.89 36.49
C GLY A 351 43.11 -20.79 37.70
N ASN A 352 43.28 -22.09 37.43
CA ASN A 352 43.62 -23.05 38.45
C ASN A 352 45.13 -23.03 38.76
N GLU A 353 45.61 -24.07 39.44
CA GLU A 353 47.01 -24.13 39.86
C GLU A 353 47.99 -24.06 38.71
N ARG A 354 47.55 -24.44 37.50
CA ARG A 354 48.41 -24.40 36.32
C ARG A 354 48.46 -22.98 35.71
N GLY A 355 47.64 -22.07 36.20
CA GLY A 355 47.59 -20.71 35.66
C GLY A 355 48.70 -19.83 36.22
N PRO A 356 48.71 -18.55 35.85
CA PRO A 356 49.76 -17.67 36.35
C PRO A 356 49.46 -17.14 37.74
N THR A 357 50.51 -16.86 38.50
CA THR A 357 50.42 -16.18 39.79
C THR A 357 50.69 -14.70 39.54
N ILE A 358 49.63 -13.90 39.59
CA ILE A 358 49.66 -12.49 39.24
C ILE A 358 49.34 -11.61 40.43
N SER A 359 48.36 -12.04 41.25
CA SER A 359 47.87 -11.24 42.36
C SER A 359 47.39 -12.11 43.53
N PHE A 360 46.09 -12.47 43.54
CA PHE A 360 45.42 -13.06 44.71
C PHE A 360 46.03 -14.37 45.18
N ARG A 361 46.29 -15.30 44.26
CA ARG A 361 46.97 -16.55 44.61
C ARG A 361 48.23 -16.31 45.43
N GLY A 362 49.06 -15.35 45.00
CA GLY A 362 50.31 -15.06 45.69
C GLY A 362 50.18 -14.30 47.00
N LEU A 363 49.05 -13.65 47.21
CA LEU A 363 48.80 -12.88 48.45
C LEU A 363 48.17 -13.72 49.59
N ASP A 364 47.02 -14.34 49.30
CA ASP A 364 46.37 -15.21 50.26
C ASP A 364 45.38 -16.09 49.51
N ASN A 365 45.91 -17.17 48.96
CA ASN A 365 45.15 -18.09 48.12
C ASN A 365 43.93 -18.71 48.83
N ARG A 366 44.10 -19.06 50.10
CA ARG A 366 43.00 -19.61 50.91
C ARG A 366 41.84 -18.66 51.12
N VAL A 367 42.14 -17.37 51.14
CA VAL A 367 41.12 -16.35 51.36
C VAL A 367 40.37 -16.07 50.07
N TYR A 368 41.12 -15.81 49.00
CA TYR A 368 40.53 -15.24 47.78
C TYR A 368 39.80 -16.27 46.93
N TYR A 369 40.25 -17.52 46.94
CA TYR A 369 39.64 -18.52 46.07
C TYR A 369 38.87 -19.63 46.81
N MET A 370 37.84 -20.15 46.16
CA MET A 370 37.03 -21.23 46.68
C MET A 370 37.75 -22.58 46.51
N LEU A 371 38.20 -23.15 47.63
CA LEU A 371 39.10 -24.32 47.65
C LEU A 371 38.54 -25.50 48.44
N ALA A 372 38.81 -26.72 47.94
CA ALA A 372 38.54 -27.93 48.69
C ALA A 372 39.68 -28.15 49.69
N PRO A 373 39.48 -29.04 50.68
CA PRO A 373 40.46 -29.15 51.77
C PRO A 373 41.87 -29.54 51.33
N GLY A 374 41.98 -30.21 50.18
CA GLY A 374 43.27 -30.56 49.60
C GLY A 374 43.90 -29.44 48.76
N GLY A 375 43.19 -28.33 48.62
CA GLY A 375 43.71 -27.18 47.90
C GLY A 375 43.21 -27.11 46.48
N GLU A 376 42.37 -28.06 46.09
CA GLU A 376 41.75 -28.07 44.77
C GLU A 376 40.84 -26.85 44.59
N TYR A 377 40.87 -26.26 43.39
CA TYR A 377 40.01 -25.14 43.05
C TYR A 377 38.61 -25.59 42.60
N TYR A 378 37.57 -25.13 43.30
CA TYR A 378 36.20 -25.26 42.82
C TYR A 378 36.06 -24.51 41.51
N ASN A 379 35.29 -25.08 40.59
CA ASN A 379 35.21 -24.57 39.23
C ASN A 379 33.80 -24.32 38.73
N TYR A 380 33.00 -23.64 39.53
CA TYR A 380 31.65 -23.25 39.15
C TYR A 380 31.63 -22.30 37.97
N SER A 381 32.72 -21.55 37.78
CA SER A 381 32.81 -20.59 36.69
C SER A 381 33.07 -21.25 35.36
N GLY A 382 33.54 -22.50 35.40
CA GLY A 382 34.04 -23.15 34.21
C GLY A 382 35.36 -22.60 33.69
N CYS A 383 36.07 -21.77 34.47
CA CYS A 383 37.31 -21.11 33.97
C CYS A 383 38.57 -21.46 34.74
N GLY A 384 38.49 -22.43 35.66
CA GLY A 384 39.66 -22.89 36.38
C GLY A 384 39.60 -22.50 37.84
N ASN A 385 39.05 -21.34 38.15
CA ASN A 385 38.82 -20.99 39.54
C ASN A 385 37.46 -20.34 39.78
N THR A 386 37.15 -20.20 41.07
CA THR A 386 35.95 -19.56 41.51
C THR A 386 36.35 -18.65 42.66
N LEU A 387 36.05 -17.36 42.55
CA LEU A 387 36.34 -16.42 43.62
C LEU A 387 35.54 -16.78 44.87
N ASN A 388 36.14 -16.58 46.04
CA ASN A 388 35.52 -16.91 47.31
C ASN A 388 34.59 -15.76 47.76
N CYS A 389 33.63 -15.44 46.90
CA CYS A 389 32.84 -14.22 46.97
C CYS A 389 32.28 -13.83 48.34
N ASN A 390 31.75 -14.80 49.09
CA ASN A 390 31.09 -14.50 50.36
C ASN A 390 31.97 -14.50 51.60
N GLN A 391 33.25 -14.85 51.46
CA GLN A 391 34.10 -14.76 52.60
C GLN A 391 34.38 -13.26 52.85
N PRO A 392 34.54 -12.87 54.12
CA PRO A 392 34.43 -11.46 54.54
C PRO A 392 35.38 -10.46 53.88
N VAL A 393 36.68 -10.73 53.87
CA VAL A 393 37.66 -9.89 53.12
C VAL A 393 37.31 -9.75 51.64
N VAL A 394 36.95 -10.86 51.00
CA VAL A 394 36.53 -10.87 49.61
C VAL A 394 35.23 -10.07 49.37
N ARG A 395 34.28 -10.16 50.29
CA ARG A 395 33.07 -9.32 50.21
C ARG A 395 33.40 -7.86 50.30
N GLN A 396 34.33 -7.52 51.19
CA GLN A 396 34.78 -6.15 51.35
C GLN A 396 35.42 -5.70 50.03
N PHE A 397 36.26 -6.56 49.47
CA PHE A 397 36.94 -6.27 48.21
C PHE A 397 35.92 -5.94 47.12
N ILE A 398 34.90 -6.76 46.99
CA ILE A 398 33.93 -6.60 45.90
C ILE A 398 33.14 -5.34 46.10
N LEU A 399 32.59 -5.14 47.30
CA LEU A 399 31.94 -3.86 47.63
C LEU A 399 32.82 -2.64 47.33
N ASP A 400 34.03 -2.62 47.87
CA ASP A 400 34.96 -1.49 47.66
C ASP A 400 35.16 -1.22 46.17
N CYS A 401 35.29 -2.29 45.38
CA CYS A 401 35.41 -2.18 43.94
C CYS A 401 34.22 -1.49 43.31
N LEU A 402 33.01 -1.93 43.67
CA LEU A 402 31.80 -1.35 43.10
C LEU A 402 31.68 0.14 43.47
N LYS A 403 31.99 0.49 44.71
CA LYS A 403 31.89 1.89 45.16
C LYS A 403 32.95 2.75 44.48
N HIS A 404 34.12 2.15 44.23
CA HIS A 404 35.21 2.80 43.53
C HIS A 404 34.74 3.28 42.17
N TRP A 405 34.20 2.36 41.39
CA TRP A 405 33.77 2.67 40.03
C TRP A 405 32.62 3.69 40.01
N VAL A 406 31.74 3.57 41.00
CA VAL A 406 30.64 4.51 41.14
C VAL A 406 31.15 5.88 41.58
N THR A 407 31.90 5.94 42.68
CA THR A 407 32.38 7.21 43.22
C THR A 407 33.38 7.90 42.29
N GLU A 408 34.40 7.17 41.84
CA GLU A 408 35.50 7.78 41.11
C GLU A 408 35.25 7.94 39.62
N TYR A 409 34.41 7.08 39.05
CA TYR A 409 34.13 7.06 37.61
C TYR A 409 32.66 7.41 37.25
N HIS A 410 31.80 7.61 38.25
CA HIS A 410 30.40 8.07 38.04
C HIS A 410 29.59 7.08 37.21
N VAL A 411 29.94 5.82 37.33
CA VAL A 411 29.29 4.74 36.60
C VAL A 411 27.84 4.59 37.11
N ASP A 412 26.94 4.12 36.25
CA ASP A 412 25.49 4.13 36.57
C ASP A 412 24.95 2.75 36.92
N GLY A 413 25.64 1.69 36.50
CA GLY A 413 25.16 0.34 36.72
C GLY A 413 26.21 -0.73 36.56
N PHE A 414 25.88 -1.93 37.04
CA PHE A 414 26.78 -3.06 36.92
C PHE A 414 25.98 -4.25 36.41
N ARG A 415 26.61 -5.07 35.57
CA ARG A 415 25.98 -6.28 35.09
C ARG A 415 26.88 -7.43 35.48
N PHE A 416 26.39 -8.28 36.39
CA PHE A 416 27.21 -9.32 37.00
C PHE A 416 27.24 -10.62 36.18
N ASP A 417 28.38 -10.89 35.55
CA ASP A 417 28.63 -12.14 34.83
C ASP A 417 28.52 -13.35 35.76
N LEU A 418 27.95 -14.44 35.26
CA LEU A 418 27.58 -15.63 36.06
C LEU A 418 27.31 -15.33 37.54
N ALA A 419 26.27 -14.54 37.78
CA ALA A 419 26.02 -13.93 39.07
C ALA A 419 25.62 -14.93 40.17
N SER A 420 25.20 -16.12 39.76
CA SER A 420 24.83 -17.16 40.71
C SER A 420 25.96 -17.52 41.65
N ILE A 421 27.19 -17.39 41.17
CA ILE A 421 28.37 -17.73 41.95
C ILE A 421 28.47 -16.80 43.16
N LEU A 422 27.89 -15.60 43.06
CA LEU A 422 27.88 -14.66 44.19
C LEU A 422 26.89 -15.07 45.30
N THR A 423 26.03 -16.06 45.03
CA THR A 423 25.10 -16.58 46.03
C THR A 423 25.65 -17.78 46.81
N ARG A 424 26.82 -18.27 46.40
CA ARG A 424 27.32 -19.54 46.89
C ARG A 424 28.21 -19.36 48.12
N ALA A 425 28.01 -20.26 49.09
CA ALA A 425 28.77 -20.25 50.34
C ALA A 425 30.25 -20.54 50.06
N HIS A 426 31.12 -19.99 50.91
CA HIS A 426 32.57 -19.95 50.66
C HIS A 426 33.34 -21.06 51.35
N SER A 427 34.65 -21.09 51.09
CA SER A 427 35.64 -21.98 51.71
C SER A 427 36.30 -21.32 52.90
N ALA A 428 36.23 -21.96 54.08
CA ALA A 428 36.82 -21.44 55.31
C ALA A 428 37.95 -22.32 55.86
N TRP A 429 38.99 -21.66 56.37
CA TRP A 429 40.12 -22.32 57.02
C TRP A 429 40.31 -21.69 58.38
N HIS A 430 40.74 -22.48 59.36
CA HIS A 430 41.14 -21.92 60.65
C HIS A 430 42.36 -21.04 60.47
N PRO A 431 42.50 -20.02 61.33
CA PRO A 431 43.70 -19.19 61.28
C PRO A 431 44.95 -20.02 61.55
N GLN A 432 46.07 -19.66 60.91
CA GLN A 432 47.30 -20.42 61.06
C GLN A 432 47.82 -20.23 62.47
N GLN A 433 48.21 -21.31 63.13
CA GLN A 433 48.77 -21.20 64.47
C GLN A 433 50.27 -21.53 64.48
N TYR A 434 51.03 -20.77 65.27
CA TYR A 434 52.47 -20.90 65.32
C TYR A 434 52.94 -21.29 66.72
N ASP A 435 54.03 -22.04 66.78
CA ASP A 435 54.68 -22.42 68.04
C ASP A 435 55.22 -21.17 68.74
N GLN A 436 54.76 -20.92 69.97
CA GLN A 436 55.08 -19.69 70.70
C GLN A 436 56.57 -19.57 71.06
N GLU A 437 57.21 -20.68 71.40
CA GLU A 437 58.66 -20.68 71.63
C GLU A 437 59.39 -20.88 70.31
N THR A 438 59.30 -22.09 69.74
CA THR A 438 59.98 -22.44 68.49
C THR A 438 59.83 -21.36 67.41
N GLY A 439 58.62 -20.82 67.27
CA GLY A 439 58.30 -19.88 66.19
C GLY A 439 57.61 -20.58 65.04
N GLN A 440 58.12 -21.76 64.66
CA GLN A 440 57.64 -22.54 63.51
C GLN A 440 56.10 -22.67 63.36
N ARG A 441 55.61 -22.52 62.13
CA ARG A 441 54.23 -22.81 61.80
C ARG A 441 53.91 -24.21 62.33
N VAL A 442 52.68 -24.42 62.76
CA VAL A 442 52.24 -25.73 63.23
C VAL A 442 51.13 -26.30 62.33
N ALA A 443 51.35 -27.53 61.88
CA ALA A 443 50.40 -28.23 61.02
C ALA A 443 49.13 -28.57 61.78
N MET A 444 48.00 -28.54 61.08
CA MET A 444 46.72 -28.75 61.70
C MET A 444 45.98 -29.88 61.00
N SER A 445 45.08 -30.50 61.74
CA SER A 445 44.16 -31.49 61.20
C SER A 445 43.45 -30.95 59.96
N SER A 446 43.48 -31.73 58.89
CA SER A 446 42.86 -31.40 57.60
C SER A 446 43.53 -30.21 56.90
N GLY A 447 44.73 -29.86 57.34
CA GLY A 447 45.40 -28.66 56.84
C GLY A 447 44.79 -27.39 57.42
N GLY A 448 43.93 -27.53 58.44
CA GLY A 448 43.20 -26.39 59.00
C GLY A 448 41.92 -26.05 58.26
N ALA A 449 41.57 -26.86 57.25
CA ALA A 449 40.29 -26.71 56.57
C ALA A 449 39.14 -27.04 57.51
N ILE A 450 38.15 -26.16 57.57
CA ILE A 450 36.99 -26.38 58.41
C ILE A 450 36.01 -27.28 57.65
N VAL A 451 35.86 -28.52 58.11
CA VAL A 451 35.17 -29.55 57.36
C VAL A 451 34.05 -30.21 58.17
N THR A 452 33.20 -30.94 57.48
CA THR A 452 32.21 -31.78 58.15
C THR A 452 32.92 -33.03 58.67
N ALA A 453 32.19 -33.91 59.34
CA ALA A 453 32.74 -35.20 59.79
C ALA A 453 33.04 -36.14 58.61
N GLU A 454 32.44 -35.90 57.46
CA GLU A 454 32.69 -36.72 56.28
C GLU A 454 33.79 -36.10 55.43
N GLY A 455 34.38 -35.00 55.89
CA GLY A 455 35.50 -34.36 55.21
C GLY A 455 35.16 -33.29 54.17
N ILE A 456 33.88 -33.01 53.99
CA ILE A 456 33.45 -31.97 53.03
C ILE A 456 33.77 -30.56 53.58
N MET A 457 34.28 -29.70 52.70
CA MET A 457 34.58 -28.31 53.03
C MET A 457 33.31 -27.49 53.34
N THR A 458 33.50 -26.46 54.13
CA THR A 458 32.43 -25.75 54.80
C THR A 458 32.82 -24.27 54.80
N ASP A 459 31.86 -23.35 55.02
CA ASP A 459 32.15 -21.90 55.10
C ASP A 459 32.46 -21.37 56.51
N GLY A 460 32.62 -22.28 57.47
CA GLY A 460 32.94 -21.93 58.86
C GLY A 460 31.71 -21.83 59.73
N ALA A 461 30.54 -21.68 59.10
CA ALA A 461 29.27 -21.46 59.79
C ALA A 461 28.29 -22.59 59.48
N GLY A 462 28.80 -23.78 59.19
CA GLY A 462 27.95 -24.96 59.00
C GLY A 462 27.35 -25.19 57.63
N VAL A 463 27.54 -24.24 56.71
CA VAL A 463 27.06 -24.36 55.35
C VAL A 463 28.14 -25.03 54.50
N PRO A 464 27.80 -26.09 53.75
CA PRO A 464 28.82 -26.68 52.92
C PRO A 464 29.22 -25.74 51.79
N THR A 465 30.51 -25.73 51.46
CA THR A 465 31.02 -24.82 50.46
C THR A 465 30.34 -25.05 49.11
N GLY A 466 29.95 -23.96 48.47
CA GLY A 466 29.27 -24.01 47.17
C GLY A 466 27.76 -23.90 47.28
N TYR A 467 27.19 -24.11 48.46
CA TYR A 467 25.74 -24.10 48.65
C TYR A 467 25.16 -22.74 48.28
N PRO A 468 24.20 -22.71 47.34
CA PRO A 468 23.61 -21.41 46.97
C PRO A 468 22.71 -20.88 48.08
N LEU A 469 23.09 -19.75 48.68
CA LEU A 469 22.37 -19.18 49.82
C LEU A 469 21.20 -18.29 49.41
N ALA A 470 20.11 -18.40 50.14
CA ALA A 470 18.95 -17.53 49.97
C ALA A 470 19.30 -16.09 50.29
N ASP A 471 20.20 -15.91 51.24
CA ASP A 471 20.55 -14.61 51.79
C ASP A 471 22.07 -14.40 51.81
N PRO A 472 22.69 -14.41 50.62
CA PRO A 472 24.14 -14.22 50.61
C PRO A 472 24.50 -12.81 51.06
N PRO A 473 25.34 -12.70 52.10
CA PRO A 473 25.68 -11.39 52.66
C PRO A 473 26.38 -10.42 51.68
N LEU A 474 27.04 -10.94 50.66
CA LEU A 474 27.60 -10.09 49.61
C LEU A 474 26.51 -9.35 48.84
N VAL A 475 25.51 -10.11 48.40
CA VAL A 475 24.44 -9.53 47.59
C VAL A 475 23.60 -8.59 48.45
N GLU A 476 23.30 -9.02 49.66
CA GLU A 476 22.65 -8.17 50.63
C GLU A 476 23.37 -6.85 50.75
N SER A 477 24.69 -6.89 50.87
CA SER A 477 25.48 -5.66 51.00
C SER A 477 25.45 -4.79 49.76
N ILE A 478 25.56 -5.41 48.59
CA ILE A 478 25.48 -4.67 47.33
C ILE A 478 24.13 -3.97 47.24
N SER A 479 23.08 -4.66 47.65
CA SER A 479 21.72 -4.17 47.53
C SER A 479 21.40 -3.02 48.51
N GLU A 480 22.13 -2.97 49.62
CA GLU A 480 21.81 -2.08 50.72
C GLU A 480 22.82 -0.95 50.98
N ASP A 481 23.98 -0.96 50.32
CA ASP A 481 24.96 0.09 50.57
C ASP A 481 24.43 1.43 50.04
N PRO A 482 24.44 2.48 50.88
CA PRO A 482 23.84 3.73 50.42
C PRO A 482 24.63 4.39 49.26
N VAL A 483 25.93 4.15 49.19
CA VAL A 483 26.72 4.67 48.08
C VAL A 483 26.26 4.05 46.78
N LEU A 484 25.74 2.83 46.85
CA LEU A 484 25.25 2.14 45.66
C LEU A 484 23.74 2.22 45.44
N ARG A 485 23.01 2.95 46.30
CA ARG A 485 21.53 2.86 46.34
C ARG A 485 20.84 3.36 45.07
N ASN A 486 21.50 4.23 44.30
CA ASN A 486 20.97 4.65 43.00
C ASN A 486 21.63 3.97 41.81
N THR A 487 22.42 2.94 42.09
CA THR A 487 23.14 2.20 41.05
C THR A 487 22.32 1.00 40.64
N LYS A 488 22.18 0.79 39.34
CA LYS A 488 21.39 -0.34 38.83
C LYS A 488 22.18 -1.64 38.87
N MET A 489 21.57 -2.69 39.41
CA MET A 489 22.20 -4.00 39.44
C MET A 489 21.44 -4.98 38.53
N ILE A 490 22.19 -5.73 37.74
CA ILE A 490 21.64 -6.65 36.76
C ILE A 490 22.39 -7.97 36.90
N ALA A 491 21.66 -9.06 37.02
CA ALA A 491 22.29 -10.34 37.21
C ALA A 491 22.13 -11.20 35.97
N GLU A 492 23.21 -11.85 35.56
CA GLU A 492 23.12 -13.04 34.72
C GLU A 492 22.94 -14.21 35.68
N ALA A 493 21.68 -14.49 36.03
CA ALA A 493 21.37 -15.41 37.15
C ALA A 493 21.58 -16.91 36.88
N TRP A 494 22.74 -17.29 36.36
CA TRP A 494 23.11 -18.71 36.25
C TRP A 494 24.63 -18.84 36.35
N ASP A 495 25.11 -20.07 36.40
CA ASP A 495 26.53 -20.33 36.31
C ASP A 495 26.76 -21.57 35.46
N CYS A 496 28.01 -22.01 35.38
CA CYS A 496 28.43 -23.13 34.53
C CYS A 496 28.38 -24.50 35.23
N ASP A 497 27.61 -24.62 36.31
CA ASP A 497 27.40 -25.93 36.92
C ASP A 497 25.92 -26.30 36.99
N GLY A 498 25.11 -25.67 36.16
CA GLY A 498 23.69 -25.99 36.07
C GLY A 498 22.78 -25.16 36.96
N LEU A 499 23.36 -24.36 37.86
CA LEU A 499 22.55 -23.53 38.75
C LEU A 499 21.90 -22.41 37.98
N ASN A 500 20.58 -22.34 38.09
CA ASN A 500 19.80 -21.34 37.41
C ASN A 500 18.86 -20.68 38.40
N GLN A 501 18.81 -19.35 38.41
CA GLN A 501 18.04 -18.60 39.40
C GLN A 501 17.16 -17.54 38.76
N VAL A 502 16.96 -17.62 37.46
CA VAL A 502 16.15 -16.66 36.75
C VAL A 502 14.74 -16.63 37.34
N GLY A 503 14.21 -15.43 37.59
CA GLY A 503 12.93 -15.27 38.27
C GLY A 503 13.01 -15.23 39.79
N ALA A 504 14.17 -15.56 40.34
CA ALA A 504 14.34 -15.68 41.80
C ALA A 504 15.79 -15.47 42.25
N PHE A 505 16.49 -14.52 41.65
CA PHE A 505 17.80 -14.10 42.14
C PHE A 505 17.55 -13.30 43.43
N PRO A 506 18.42 -13.44 44.45
CA PRO A 506 18.14 -12.67 45.66
C PRO A 506 18.23 -11.19 45.38
N HIS A 507 17.08 -10.51 45.36
CA HIS A 507 16.96 -9.16 44.79
C HIS A 507 16.63 -8.06 45.79
N TYR A 508 16.49 -8.42 47.08
CA TYR A 508 16.31 -7.44 48.17
C TYR A 508 15.35 -6.31 47.83
N GLY A 509 14.11 -6.68 47.53
CA GLY A 509 13.04 -5.71 47.30
C GLY A 509 13.14 -5.01 45.95
N GLY A 510 13.38 -5.77 44.90
CA GLY A 510 13.39 -5.27 43.53
C GLY A 510 14.62 -4.45 43.20
N ARG A 511 15.72 -4.75 43.87
CA ARG A 511 16.92 -3.98 43.73
C ARG A 511 17.81 -4.54 42.57
N TRP A 512 17.35 -5.63 41.96
CA TRP A 512 18.06 -6.31 40.90
C TRP A 512 17.14 -6.59 39.71
N SER A 513 17.64 -6.32 38.51
CA SER A 513 17.05 -6.83 37.28
C SER A 513 17.84 -8.08 36.83
N GLU A 514 17.30 -8.85 35.90
CA GLU A 514 17.91 -10.09 35.42
C GLU A 514 17.92 -10.20 33.89
N TRP A 515 19.01 -10.75 33.33
CA TRP A 515 19.03 -11.19 31.93
C TRP A 515 18.01 -12.28 31.72
N ASN A 516 17.02 -12.02 30.88
CA ASN A 516 15.90 -12.94 30.72
C ASN A 516 16.17 -13.87 29.56
N GLY A 517 16.86 -14.96 29.85
CA GLY A 517 17.19 -15.93 28.82
C GLY A 517 15.95 -16.57 28.20
N LYS A 518 14.86 -16.60 28.96
CA LYS A 518 13.62 -17.20 28.50
C LYS A 518 12.99 -16.34 27.42
N PHE A 519 13.02 -15.03 27.62
CA PHE A 519 12.58 -14.09 26.59
C PHE A 519 13.24 -14.44 25.28
N ARG A 520 14.56 -14.53 25.28
CA ARG A 520 15.32 -14.88 24.07
C ARG A 520 14.81 -16.15 23.41
N ASP A 521 14.69 -17.21 24.19
CA ASP A 521 14.29 -18.51 23.64
C ASP A 521 12.87 -18.48 23.08
N VAL A 522 11.97 -17.86 23.83
CA VAL A 522 10.55 -17.79 23.42
C VAL A 522 10.38 -17.01 22.11
N VAL A 523 10.98 -15.82 22.07
CA VAL A 523 10.89 -14.93 20.91
C VAL A 523 11.46 -15.62 19.68
N ARG A 524 12.67 -16.14 19.81
CA ARG A 524 13.31 -16.85 18.71
C ARG A 524 12.41 -17.94 18.11
N ASN A 525 11.88 -18.81 18.97
CA ASN A 525 11.00 -19.89 18.51
C ASN A 525 9.69 -19.37 17.88
N PHE A 526 8.95 -18.55 18.60
CA PHE A 526 7.69 -18.03 18.07
C PHE A 526 7.87 -17.42 16.69
N ILE A 527 8.85 -16.53 16.56
CA ILE A 527 9.02 -15.71 15.38
C ILE A 527 9.45 -16.52 14.15
N LYS A 528 10.16 -17.62 14.37
CA LYS A 528 10.54 -18.46 13.23
C LYS A 528 9.40 -19.39 12.83
N GLY A 529 8.36 -19.48 13.66
CA GLY A 529 7.20 -20.32 13.37
C GLY A 529 7.44 -21.72 13.89
N THR A 530 6.92 -22.02 15.07
CA THR A 530 7.28 -23.24 15.79
C THR A 530 6.11 -23.74 16.65
N ASP A 531 5.72 -25.01 16.47
CA ASP A 531 4.66 -25.62 17.31
C ASP A 531 5.11 -25.76 18.77
N GLY A 532 4.14 -25.74 19.68
CA GLY A 532 4.42 -25.74 21.12
C GLY A 532 3.66 -24.64 21.84
N PRO A 533 4.08 -24.29 23.07
CA PRO A 533 3.42 -23.24 23.87
C PRO A 533 3.86 -21.80 23.53
N TRP A 534 4.55 -21.64 22.41
CA TRP A 534 5.31 -20.43 22.13
C TRP A 534 4.46 -19.19 21.95
N ALA A 535 3.26 -19.36 21.42
CA ALA A 535 2.34 -18.25 21.28
C ALA A 535 2.02 -17.68 22.66
N GLY A 536 1.54 -18.54 23.55
CA GLY A 536 1.21 -18.16 24.92
C GLY A 536 2.40 -17.59 25.67
N ASP A 537 3.53 -18.29 25.60
CA ASP A 537 4.79 -17.82 26.16
C ASP A 537 5.27 -16.50 25.58
N PHE A 538 5.08 -16.31 24.28
CA PHE A 538 5.42 -15.04 23.63
C PHE A 538 4.55 -13.90 24.14
N ALA A 539 3.28 -14.20 24.42
CA ALA A 539 2.37 -13.17 24.97
C ALA A 539 2.83 -12.77 26.37
N SER A 540 3.31 -13.76 27.13
CA SER A 540 3.87 -13.46 28.45
C SER A 540 5.11 -12.58 28.33
N ALA A 541 6.01 -12.94 27.43
CA ALA A 541 7.20 -12.12 27.10
C ALA A 541 6.88 -10.67 26.78
N ILE A 542 5.89 -10.46 25.91
CA ILE A 542 5.39 -9.12 25.56
C ILE A 542 5.05 -8.33 26.82
N CYS A 543 4.51 -9.03 27.82
CA CYS A 543 4.06 -8.40 29.05
C CYS A 543 5.16 -8.19 30.09
N GLY A 544 6.41 -8.48 29.73
CA GLY A 544 7.53 -8.38 30.67
C GLY A 544 7.70 -9.62 31.56
N SER A 545 7.18 -10.75 31.08
CA SER A 545 7.35 -12.05 31.74
C SER A 545 6.81 -12.17 33.18
N PRO A 546 5.53 -11.84 33.40
CA PRO A 546 4.92 -12.09 34.73
C PRO A 546 4.94 -13.58 35.14
N ASN A 547 4.92 -14.47 34.15
CA ASN A 547 5.04 -15.91 34.39
C ASN A 547 6.40 -16.32 34.98
N ILE A 548 7.26 -15.33 35.22
CA ILE A 548 8.59 -15.55 35.81
C ILE A 548 8.79 -14.64 37.03
N TYR A 549 8.53 -13.35 36.87
CA TYR A 549 8.86 -12.37 37.89
C TYR A 549 7.72 -12.03 38.83
N ALA A 550 6.50 -12.31 38.42
CA ALA A 550 5.32 -11.95 39.20
C ALA A 550 4.78 -13.14 39.96
N ASN A 551 4.76 -14.30 39.29
CA ASN A 551 4.14 -15.50 39.83
C ASN A 551 4.99 -16.16 40.91
N ASN A 552 4.41 -17.18 41.54
CA ASN A 552 5.15 -18.00 42.50
C ASN A 552 4.47 -19.35 42.69
N THR A 553 4.35 -20.10 41.60
CA THR A 553 3.98 -21.51 41.63
C THR A 553 5.15 -22.28 41.03
N PRO A 554 6.32 -22.32 41.73
CA PRO A 554 7.55 -22.95 41.26
C PRO A 554 7.41 -24.31 40.60
N HIS A 555 8.32 -24.59 39.68
CA HIS A 555 8.32 -25.84 38.95
C HIS A 555 8.69 -27.01 39.88
N GLU A 556 7.98 -28.13 39.73
CA GLU A 556 8.16 -29.32 40.56
C GLU A 556 9.63 -29.62 40.91
N THR A 557 10.48 -29.75 39.89
CA THR A 557 11.85 -30.24 40.10
C THR A 557 12.93 -29.15 40.28
N ASP A 558 12.56 -27.88 40.16
CA ASP A 558 13.53 -26.79 40.30
C ASP A 558 13.88 -26.57 41.78
N TRP A 559 15.01 -27.11 42.19
CA TRP A 559 15.44 -27.06 43.58
C TRP A 559 15.55 -25.63 44.11
N TRP A 560 16.18 -24.75 43.34
CA TRP A 560 16.36 -23.38 43.81
C TRP A 560 15.03 -22.68 44.06
N ALA A 561 14.11 -22.80 43.11
CA ALA A 561 12.83 -22.10 43.18
C ALA A 561 12.02 -22.57 44.37
N ASN A 562 12.15 -23.85 44.70
CA ASN A 562 11.43 -24.42 45.84
C ASN A 562 12.08 -24.12 47.20
N ASN A 563 13.31 -23.63 47.24
CA ASN A 563 14.01 -23.45 48.51
C ASN A 563 14.58 -22.05 48.69
N GLY A 564 15.86 -21.85 48.39
CA GLY A 564 16.51 -20.56 48.64
C GLY A 564 15.87 -19.44 47.85
N GLY A 565 15.41 -19.78 46.65
CA GLY A 565 14.75 -18.84 45.76
C GLY A 565 13.35 -18.41 46.12
N ARG A 566 12.68 -19.14 47.03
CA ARG A 566 11.24 -18.95 47.18
C ARG A 566 10.82 -17.58 47.71
N GLN A 567 11.58 -17.02 48.64
CA GLN A 567 11.28 -15.68 49.14
C GLN A 567 11.52 -14.60 48.08
N TRP A 568 12.17 -14.95 46.97
CA TRP A 568 12.49 -13.99 45.92
C TRP A 568 11.56 -14.11 44.71
N LYS A 569 10.58 -15.00 44.77
CA LYS A 569 9.74 -15.33 43.60
C LYS A 569 8.85 -14.22 43.08
N GLY A 570 8.40 -13.34 43.97
CA GLY A 570 7.58 -12.19 43.57
C GLY A 570 8.14 -10.86 44.03
N GLY A 571 7.25 -9.87 44.15
CA GLY A 571 7.63 -8.53 44.56
C GLY A 571 8.46 -7.77 43.53
N ARG A 572 8.30 -8.12 42.26
CA ARG A 572 8.99 -7.37 41.20
C ARG A 572 8.09 -7.04 40.03
N GLY A 573 8.43 -5.98 39.32
CA GLY A 573 7.71 -5.55 38.12
C GLY A 573 8.35 -6.08 36.85
N PRO A 574 7.87 -5.61 35.69
CA PRO A 574 8.45 -6.02 34.40
C PRO A 574 9.86 -5.46 34.15
N HIS A 575 10.16 -4.32 34.76
CA HIS A 575 11.52 -3.75 34.72
C HIS A 575 12.64 -4.64 35.31
N ALA A 576 12.26 -5.65 36.09
CA ALA A 576 13.19 -6.70 36.50
C ALA A 576 13.70 -7.52 35.33
N SER A 577 12.97 -7.51 34.22
CA SER A 577 13.31 -8.32 33.07
C SER A 577 14.17 -7.57 32.05
N ILE A 578 15.44 -7.95 31.89
CA ILE A 578 16.23 -7.49 30.76
C ILE A 578 16.00 -8.42 29.57
N ASN A 579 15.33 -7.91 28.53
CA ASN A 579 14.96 -8.72 27.38
C ASN A 579 16.02 -8.61 26.32
N PHE A 580 16.34 -9.75 25.70
CA PHE A 580 17.27 -9.74 24.57
C PHE A 580 16.98 -10.90 23.65
N VAL A 581 17.25 -10.68 22.37
CA VAL A 581 17.17 -11.71 21.35
C VAL A 581 18.58 -12.17 20.99
N ALA A 582 19.57 -11.33 21.30
CA ALA A 582 20.97 -11.67 21.05
C ALA A 582 21.95 -10.90 21.95
N ALA A 583 23.17 -11.42 22.00
CA ALA A 583 24.24 -10.86 22.82
C ALA A 583 25.57 -11.16 22.13
N HIS A 584 26.67 -10.65 22.71
CA HIS A 584 28.01 -10.87 22.14
C HIS A 584 28.28 -12.36 21.88
N ASP A 585 27.80 -13.21 22.77
CA ASP A 585 27.94 -14.65 22.62
C ASP A 585 26.65 -15.20 21.99
N GLY A 586 26.78 -16.28 21.24
CA GLY A 586 25.69 -16.75 20.41
C GLY A 586 25.69 -16.06 19.04
N PHE A 587 24.64 -16.34 18.28
CA PHE A 587 24.46 -15.77 16.95
C PHE A 587 24.18 -14.26 17.02
N THR A 588 24.56 -13.53 15.97
CA THR A 588 24.01 -12.18 15.72
C THR A 588 22.59 -12.33 15.19
N LEU A 589 21.85 -11.22 15.20
CA LEU A 589 20.47 -11.17 14.70
C LEU A 589 20.37 -11.63 13.23
N ALA A 590 21.29 -11.17 12.39
CA ALA A 590 21.28 -11.55 10.98
C ALA A 590 21.66 -13.03 10.76
N ASP A 591 22.55 -13.54 11.60
CA ASP A 591 22.93 -14.95 11.51
C ASP A 591 21.82 -15.91 11.98
N MET A 592 20.96 -15.46 12.89
CA MET A 592 19.81 -16.26 13.32
C MET A 592 18.80 -16.56 12.21
N VAL A 593 18.70 -15.67 11.24
CA VAL A 593 17.76 -15.86 10.14
C VAL A 593 18.46 -16.38 8.88
N ALA A 594 19.73 -16.77 9.03
CA ALA A 594 20.54 -17.25 7.92
C ALA A 594 21.24 -18.59 8.17
N TYR A 595 21.08 -19.15 9.37
CA TYR A 595 21.81 -20.34 9.79
C TYR A 595 21.01 -21.23 10.72
N ASN A 596 20.83 -22.49 10.33
CA ASN A 596 20.26 -23.50 11.20
C ASN A 596 21.19 -23.92 12.31
N ASN A 597 22.48 -24.04 12.00
CA ASN A 597 23.47 -24.39 13.04
C ASN A 597 24.76 -23.60 12.92
N LYS A 598 25.47 -23.53 14.04
CA LYS A 598 26.69 -22.74 14.17
C LYS A 598 27.78 -23.26 13.23
N HIS A 599 28.65 -22.34 12.80
CA HIS A 599 29.80 -22.63 11.94
C HIS A 599 31.07 -22.03 12.55
N ASN A 600 31.58 -22.70 13.59
CA ASN A 600 32.69 -22.20 14.39
C ASN A 600 34.07 -22.78 14.03
N GLU A 601 34.24 -23.31 12.83
CA GLU A 601 35.49 -23.98 12.42
C GLU A 601 36.70 -23.10 12.66
N ALA A 602 36.57 -21.81 12.35
CA ALA A 602 37.66 -20.84 12.51
C ALA A 602 38.08 -20.60 13.97
N ASN A 603 37.38 -21.19 14.93
CA ASN A 603 37.81 -21.17 16.32
C ASN A 603 38.82 -22.29 16.64
N GLY A 604 39.16 -23.11 15.66
CA GLY A 604 40.18 -24.16 15.82
C GLY A 604 39.73 -25.44 16.48
N GLU A 605 38.71 -25.37 17.35
CA GLU A 605 38.25 -26.53 18.11
C GLU A 605 37.31 -27.45 17.33
N ASN A 606 37.39 -27.40 16.01
CA ASN A 606 36.59 -28.26 15.15
C ASN A 606 35.11 -28.26 15.55
N ASN A 607 34.54 -27.06 15.69
CA ASN A 607 33.10 -26.85 15.87
C ASN A 607 32.47 -27.45 17.14
N ARG A 608 33.29 -27.88 18.09
CA ARG A 608 32.77 -28.42 19.36
C ARG A 608 32.33 -27.31 20.30
N ASP A 609 32.97 -26.14 20.19
CA ASP A 609 32.65 -25.00 21.05
C ASP A 609 31.37 -24.31 20.59
N GLY A 610 30.75 -23.56 21.49
CA GLY A 610 29.56 -22.76 21.17
C GLY A 610 28.26 -23.39 21.64
N GLU A 611 27.18 -22.63 21.56
CA GLU A 611 25.85 -23.12 21.91
C GLU A 611 25.39 -24.17 20.90
N GLN A 612 24.75 -25.22 21.41
CA GLN A 612 24.25 -26.33 20.58
C GLN A 612 22.89 -25.99 20.01
N HIS A 613 22.04 -25.37 20.83
CA HIS A 613 20.65 -25.08 20.48
C HIS A 613 20.41 -23.58 20.39
N ASN A 614 20.33 -23.08 19.16
CA ASN A 614 20.24 -21.64 18.90
C ASN A 614 18.84 -21.15 18.55
N ASN A 615 17.91 -22.09 18.34
CA ASN A 615 16.51 -21.79 18.00
C ASN A 615 16.41 -20.87 16.78
N SER A 616 17.24 -21.16 15.78
CA SER A 616 17.38 -20.33 14.59
C SER A 616 16.85 -21.05 13.38
N TRP A 617 16.48 -20.29 12.37
CA TRP A 617 16.07 -20.86 11.10
C TRP A 617 16.68 -20.01 9.98
N ASN A 618 17.28 -20.68 9.00
CA ASN A 618 17.98 -19.98 7.93
C ASN A 618 17.08 -19.39 6.84
N CYS A 619 15.75 -19.46 7.05
CA CYS A 619 14.76 -18.96 6.09
C CYS A 619 14.87 -19.64 4.71
N GLY A 620 15.27 -20.92 4.69
CA GLY A 620 15.24 -21.72 3.47
C GLY A 620 16.58 -22.12 2.87
N GLU A 621 17.67 -21.55 3.37
CA GLU A 621 18.99 -21.91 2.87
C GLU A 621 20.08 -21.46 3.84
N GLU A 622 21.11 -22.28 3.97
CA GLU A 622 22.20 -22.05 4.91
C GLU A 622 23.23 -21.08 4.33
N GLY A 623 23.34 -19.90 4.95
CA GLY A 623 24.35 -18.90 4.59
C GLY A 623 23.87 -17.94 3.53
N PRO A 624 24.79 -17.14 2.96
CA PRO A 624 24.50 -16.25 1.85
C PRO A 624 23.88 -16.99 0.67
N THR A 625 22.87 -16.39 0.05
CA THR A 625 22.16 -17.03 -1.04
C THR A 625 21.83 -15.99 -2.09
N THR A 626 21.50 -16.47 -3.28
CA THR A 626 20.96 -15.63 -4.34
C THR A 626 19.44 -15.79 -4.41
N LYS A 627 18.90 -16.78 -3.71
CA LYS A 627 17.46 -17.04 -3.75
C LYS A 627 16.67 -15.86 -3.20
N TRP A 628 15.98 -15.15 -4.10
CA TRP A 628 15.30 -13.91 -3.76
C TRP A 628 14.33 -14.08 -2.58
N GLU A 629 13.54 -15.15 -2.64
CA GLU A 629 12.52 -15.42 -1.61
C GLU A 629 13.12 -15.61 -0.21
N VAL A 630 14.35 -16.12 -0.15
CA VAL A 630 15.02 -16.30 1.11
C VAL A 630 15.46 -14.94 1.63
N ASN A 631 16.09 -14.14 0.76
CA ASN A 631 16.53 -12.80 1.11
C ASN A 631 15.37 -11.87 1.53
N ARG A 632 14.21 -12.02 0.89
CA ARG A 632 13.00 -11.29 1.27
C ARG A 632 12.64 -11.59 2.71
N LEU A 633 12.68 -12.89 3.01
CA LEU A 633 12.20 -13.39 4.27
C LEU A 633 13.11 -12.99 5.43
N ARG A 634 14.40 -12.86 5.16
CA ARG A 634 15.36 -12.46 6.19
C ARG A 634 15.17 -11.00 6.57
N GLN A 635 15.03 -10.15 5.56
CA GLN A 635 14.75 -8.72 5.79
C GLN A 635 13.56 -8.53 6.72
N ARG A 636 12.55 -9.38 6.57
CA ARG A 636 11.37 -9.31 7.40
C ARG A 636 11.64 -9.84 8.80
N GLN A 637 12.21 -11.03 8.86
CA GLN A 637 12.46 -11.72 10.13
C GLN A 637 13.37 -10.93 11.05
N MET A 638 14.34 -10.21 10.47
CA MET A 638 15.19 -9.33 11.23
C MET A 638 14.38 -8.23 11.92
N ARG A 639 13.42 -7.68 11.20
CA ARG A 639 12.53 -6.66 11.76
C ARG A 639 11.53 -7.23 12.78
N ASN A 640 11.03 -8.45 12.54
CA ASN A 640 9.99 -9.01 13.40
C ASN A 640 10.57 -9.35 14.77
N LEU A 641 11.79 -9.89 14.75
CA LEU A 641 12.55 -10.16 15.97
C LEU A 641 12.82 -8.88 16.76
N THR A 642 13.20 -7.83 16.05
CA THR A 642 13.48 -6.54 16.67
C THR A 642 12.21 -5.91 17.24
N GLY A 643 11.11 -6.08 16.52
CA GLY A 643 9.81 -5.60 16.99
C GLY A 643 9.40 -6.28 18.28
N ALA A 644 9.56 -7.60 18.32
CA ALA A 644 9.30 -8.35 19.53
C ALA A 644 10.12 -7.78 20.68
N LEU A 645 11.40 -7.54 20.43
CA LEU A 645 12.30 -7.01 21.46
C LEU A 645 11.89 -5.63 21.96
N LEU A 646 11.54 -4.74 21.05
CA LEU A 646 11.28 -3.34 21.41
C LEU A 646 9.80 -2.99 21.62
N LEU A 647 8.89 -3.90 21.32
CA LEU A 647 7.46 -3.71 21.60
C LEU A 647 7.00 -4.55 22.81
N SER A 648 7.95 -4.99 23.63
CA SER A 648 7.63 -5.71 24.88
C SER A 648 7.95 -4.89 26.12
N CYS A 649 7.15 -5.06 27.17
CA CYS A 649 7.49 -4.55 28.51
C CYS A 649 8.75 -5.21 29.02
N GLY A 650 9.39 -4.57 29.99
CA GLY A 650 10.73 -4.93 30.40
C GLY A 650 11.72 -4.05 29.66
N VAL A 651 13.00 -4.31 29.88
CA VAL A 651 14.05 -3.45 29.41
C VAL A 651 14.76 -4.15 28.27
N PRO A 652 14.73 -3.58 27.05
CA PRO A 652 15.38 -4.27 25.94
C PRO A 652 16.86 -3.98 25.88
N MET A 653 17.65 -4.99 25.52
CA MET A 653 19.07 -4.80 25.28
C MET A 653 19.37 -5.19 23.84
N ILE A 654 20.09 -4.32 23.15
CA ILE A 654 20.55 -4.54 21.78
C ILE A 654 22.06 -4.88 21.80
N ASN A 655 22.42 -5.90 21.05
CA ASN A 655 23.81 -6.31 20.91
C ASN A 655 24.48 -5.52 19.77
N MET A 656 25.64 -4.88 20.04
CA MET A 656 26.35 -4.07 19.04
C MET A 656 26.40 -4.70 17.64
N GLY A 657 25.90 -3.98 16.64
CA GLY A 657 25.87 -4.48 15.25
C GLY A 657 24.54 -5.05 14.77
N ASP A 658 23.68 -5.46 15.69
CA ASP A 658 22.38 -6.05 15.34
C ASP A 658 21.39 -5.03 14.79
N GLU A 659 21.68 -3.75 15.01
CA GLU A 659 20.87 -2.67 14.47
C GLU A 659 21.14 -2.37 12.99
N TYR A 660 22.06 -3.09 12.37
CA TYR A 660 22.28 -2.95 10.92
C TYR A 660 22.49 -4.27 10.16
N GLY A 661 22.39 -5.40 10.85
CA GLY A 661 22.49 -6.69 10.18
C GLY A 661 23.88 -7.29 10.15
N HIS A 662 24.65 -7.03 11.20
CA HIS A 662 26.01 -7.54 11.37
C HIS A 662 26.04 -9.06 11.35
N SER A 663 27.01 -9.62 10.62
CA SER A 663 27.17 -11.06 10.53
C SER A 663 28.56 -11.53 10.95
N LYS A 664 28.62 -12.72 11.56
CA LYS A 664 29.88 -13.40 11.91
C LYS A 664 30.01 -14.69 11.10
N ASN A 665 29.41 -14.71 9.91
CA ASN A 665 29.46 -15.85 9.00
C ASN A 665 29.03 -17.18 9.60
N GLY A 666 28.08 -17.14 10.54
CA GLY A 666 27.59 -18.35 11.17
C GLY A 666 28.34 -18.78 12.41
N ASN A 667 29.31 -17.97 12.83
CA ASN A 667 30.07 -18.23 14.04
C ASN A 667 29.34 -17.65 15.24
N ASN A 668 28.88 -18.54 16.14
CA ASN A 668 28.06 -18.14 17.30
C ASN A 668 28.87 -18.01 18.58
N ASN A 669 30.19 -17.88 18.45
CA ASN A 669 31.09 -17.80 19.59
C ASN A 669 32.44 -17.23 19.18
N THR A 670 32.46 -15.94 18.89
CA THR A 670 33.66 -15.27 18.40
C THR A 670 34.55 -14.74 19.53
N TYR A 671 34.68 -15.50 20.61
CA TYR A 671 35.41 -15.05 21.80
C TYR A 671 36.89 -14.74 21.50
N CYS A 672 37.45 -15.38 20.49
CA CYS A 672 38.90 -15.36 20.30
C CYS A 672 39.43 -14.50 19.16
N HIS A 673 38.57 -13.72 18.51
CA HIS A 673 38.98 -13.03 17.29
C HIS A 673 39.10 -11.53 17.44
N ASP A 674 40.30 -11.03 17.20
CA ASP A 674 40.53 -9.61 17.04
C ASP A 674 40.46 -9.32 15.55
N SER A 675 39.23 -9.20 15.05
CA SER A 675 39.00 -8.97 13.64
C SER A 675 37.61 -8.40 13.44
N GLU A 676 37.35 -7.99 12.20
CA GLU A 676 36.05 -7.45 11.81
C GLU A 676 34.82 -8.26 12.29
N LEU A 677 35.03 -9.53 12.63
CA LEU A 677 33.97 -10.36 13.23
C LEU A 677 33.36 -9.71 14.46
N ASN A 678 34.21 -9.06 15.27
CA ASN A 678 33.78 -8.38 16.48
C ASN A 678 33.85 -6.85 16.42
N TYR A 679 33.89 -6.27 15.23
CA TYR A 679 34.02 -4.82 15.05
C TYR A 679 32.75 -4.23 14.49
N LEU A 680 32.34 -3.09 15.02
CA LEU A 680 31.24 -2.36 14.44
C LEU A 680 31.67 -1.95 13.02
N ARG A 681 30.89 -2.41 12.04
CA ARG A 681 31.14 -2.13 10.62
C ARG A 681 30.47 -0.82 10.19
N TRP A 682 31.19 0.29 10.32
CA TRP A 682 30.64 1.60 9.97
C TRP A 682 30.35 1.66 8.46
N ASP A 683 31.18 0.99 7.67
CA ASP A 683 30.93 0.90 6.24
C ASP A 683 29.59 0.20 5.91
N GLN A 684 29.27 -0.88 6.60
CA GLN A 684 28.00 -1.57 6.33
C GLN A 684 26.81 -0.76 6.81
N LEU A 685 27.01 -0.12 7.94
CA LEU A 685 26.02 0.75 8.56
C LEU A 685 25.63 1.86 7.61
N ALA A 686 26.63 2.57 7.08
CA ALA A 686 26.40 3.68 6.13
C ALA A 686 25.64 3.22 4.90
N GLU A 687 25.93 2.01 4.42
CA GLU A 687 25.25 1.50 3.24
C GLU A 687 23.75 1.19 3.47
N ASP A 688 23.40 0.53 4.57
CA ASP A 688 21.99 0.26 4.96
C ASP A 688 21.10 -0.14 3.77
N PRO A 689 21.44 -1.27 3.12
CA PRO A 689 20.90 -1.55 1.78
C PRO A 689 19.41 -1.86 1.70
N HIS A 690 18.79 -2.33 2.77
CA HIS A 690 17.33 -2.51 2.78
C HIS A 690 16.62 -1.66 3.83
N GLY A 691 17.34 -0.65 4.33
CA GLY A 691 16.81 0.33 5.27
C GLY A 691 16.48 -0.25 6.63
N PHE A 692 17.20 -1.29 7.04
CA PHE A 692 16.96 -1.93 8.32
C PHE A 692 17.38 -1.04 9.50
N ASN A 693 18.46 -0.31 9.33
CA ASN A 693 18.95 0.57 10.41
C ASN A 693 18.00 1.72 10.66
N ARG A 694 17.46 2.30 9.58
CA ARG A 694 16.36 3.25 9.70
C ARG A 694 15.18 2.63 10.49
N PHE A 695 14.78 1.40 10.15
CA PHE A 695 13.69 0.73 10.85
C PHE A 695 13.94 0.63 12.35
N VAL A 696 15.12 0.11 12.72
CA VAL A 696 15.52 -0.07 14.11
C VAL A 696 15.60 1.28 14.84
N ARG A 697 16.24 2.25 14.19
CA ARG A 697 16.33 3.59 14.75
C ARG A 697 14.95 4.17 15.08
N LEU A 698 14.04 4.14 14.12
CA LEU A 698 12.70 4.72 14.31
C LEU A 698 11.88 3.98 15.36
N LEU A 699 12.05 2.67 15.44
CA LEU A 699 11.34 1.85 16.41
C LEU A 699 11.81 2.06 17.85
N ILE A 700 13.10 2.30 18.04
CA ILE A 700 13.64 2.66 19.33
C ILE A 700 13.02 3.96 19.77
N HIS A 701 13.00 4.96 18.90
CA HIS A 701 12.44 6.28 19.24
C HIS A 701 10.94 6.21 19.50
N PHE A 702 10.28 5.34 18.77
CA PHE A 702 8.86 5.17 18.92
C PHE A 702 8.61 4.53 20.28
N ARG A 703 9.30 3.43 20.56
CA ARG A 703 9.19 2.80 21.88
C ARG A 703 9.32 3.85 22.97
N ARG A 704 10.41 4.59 22.92
CA ARG A 704 10.70 5.59 23.94
C ARG A 704 9.63 6.69 24.03
N ALA A 705 8.90 6.94 22.94
CA ALA A 705 7.77 7.88 22.97
C ALA A 705 6.46 7.24 23.41
N THR A 706 6.50 5.97 23.83
CA THR A 706 5.29 5.20 24.13
C THR A 706 5.34 4.78 25.60
N PRO A 707 4.76 5.59 26.48
CA PRO A 707 4.81 5.30 27.92
C PRO A 707 4.18 3.98 28.34
N ALA A 708 3.24 3.47 27.55
CA ALA A 708 2.57 2.20 27.88
C ALA A 708 3.54 1.03 27.86
N LEU A 709 4.63 1.15 27.12
CA LEU A 709 5.64 0.09 27.03
C LEU A 709 6.68 0.16 28.13
N GLN A 710 6.67 1.23 28.93
CA GLN A 710 7.70 1.45 29.93
C GLN A 710 7.10 1.47 31.33
N ARG A 711 6.98 0.28 31.91
CA ARG A 711 6.16 0.07 33.08
C ARG A 711 6.97 -0.49 34.23
N THR A 712 6.57 -0.10 35.45
CA THR A 712 7.07 -0.73 36.66
C THR A 712 6.07 -1.71 37.28
N THR A 713 4.84 -1.76 36.78
CA THR A 713 3.86 -2.77 37.20
C THR A 713 3.35 -3.53 35.98
N PHE A 714 2.77 -4.70 36.19
CA PHE A 714 2.36 -5.54 35.07
C PHE A 714 1.03 -5.07 34.50
N VAL A 715 0.89 -5.19 33.17
CA VAL A 715 -0.35 -4.86 32.49
C VAL A 715 -1.46 -5.78 32.95
N ASN A 716 -2.69 -5.28 32.92
CA ASN A 716 -3.88 -6.08 33.24
C ASN A 716 -4.82 -6.09 32.03
N ASP A 717 -6.00 -6.66 32.20
CA ASP A 717 -6.97 -6.76 31.10
C ASP A 717 -7.48 -5.41 30.58
N LYS A 718 -7.31 -4.34 31.37
CA LYS A 718 -7.62 -3.00 30.90
C LYS A 718 -6.47 -2.37 30.11
N ASP A 719 -5.24 -2.76 30.43
CA ASP A 719 -4.09 -2.19 29.74
C ASP A 719 -3.87 -2.87 28.39
N ILE A 720 -4.15 -4.17 28.33
CA ILE A 720 -3.91 -4.94 27.12
C ILE A 720 -5.04 -5.93 26.86
N GLN A 721 -5.29 -6.24 25.58
CA GLN A 721 -6.30 -7.21 25.16
C GLN A 721 -5.75 -8.06 24.01
N TRP A 722 -5.95 -9.38 24.05
CA TRP A 722 -5.36 -10.30 23.04
C TRP A 722 -6.33 -10.62 21.91
N HIS A 723 -5.81 -10.76 20.69
CA HIS A 723 -6.67 -10.95 19.51
C HIS A 723 -6.14 -12.05 18.59
N GLY A 724 -6.93 -12.37 17.56
CA GLY A 724 -6.51 -13.23 16.46
C GLY A 724 -6.93 -12.61 15.14
N GLU A 725 -7.20 -13.47 14.16
CA GLU A 725 -7.79 -13.04 12.89
C GLU A 725 -9.13 -12.33 13.13
N LEU A 726 -9.80 -12.69 14.22
CA LEU A 726 -10.96 -11.97 14.72
C LEU A 726 -10.61 -11.31 16.05
N PRO A 727 -11.20 -10.14 16.34
CA PRO A 727 -10.95 -9.49 17.62
C PRO A 727 -11.34 -10.37 18.80
N ASN A 728 -10.49 -10.41 19.81
CA ASN A 728 -10.76 -11.04 21.10
C ASN A 728 -10.76 -12.54 21.01
N THR A 729 -10.27 -13.07 19.88
CA THR A 729 -10.21 -14.51 19.64
C THR A 729 -8.77 -14.90 19.32
N PRO A 730 -7.90 -14.86 20.33
CA PRO A 730 -6.52 -15.27 20.18
C PRO A 730 -6.35 -16.78 20.09
N ASP A 731 -5.26 -17.22 19.46
CA ASP A 731 -4.95 -18.65 19.30
C ASP A 731 -3.80 -19.04 20.20
N TRP A 732 -4.10 -19.77 21.27
CA TRP A 732 -3.09 -20.25 22.21
C TRP A 732 -2.75 -21.73 22.03
N THR A 733 -3.23 -22.35 20.95
CA THR A 733 -2.96 -23.77 20.70
C THR A 733 -1.51 -24.00 20.27
N ASP A 734 -1.08 -25.26 20.33
CA ASP A 734 0.22 -25.71 19.82
C ASP A 734 0.56 -25.28 18.40
N THR A 735 -0.44 -25.14 17.54
CA THR A 735 -0.23 -24.85 16.13
C THR A 735 -0.34 -23.36 15.81
N SER A 736 -0.50 -22.52 16.83
CA SER A 736 -0.72 -21.08 16.63
C SER A 736 0.44 -20.41 15.87
N ARG A 737 0.11 -19.47 14.99
CA ARG A 737 1.11 -18.68 14.29
C ARG A 737 0.73 -17.20 14.29
N LEU A 738 -0.01 -16.78 15.31
CA LEU A 738 -0.43 -15.39 15.41
C LEU A 738 -0.60 -14.92 16.85
N VAL A 739 0.18 -13.91 17.24
CA VAL A 739 -0.10 -13.15 18.45
C VAL A 739 -0.34 -11.71 18.05
N ALA A 740 -1.46 -11.16 18.52
CA ALA A 740 -1.85 -9.78 18.27
C ALA A 740 -2.48 -9.17 19.53
N PHE A 741 -2.29 -7.88 19.72
CA PHE A 741 -2.83 -7.21 20.88
C PHE A 741 -3.10 -5.73 20.68
N THR A 742 -3.99 -5.20 21.51
CA THR A 742 -4.13 -3.77 21.66
C THR A 742 -3.58 -3.33 23.00
N LEU A 743 -2.99 -2.13 23.01
CA LEU A 743 -2.37 -1.55 24.19
C LEU A 743 -2.88 -0.13 24.35
N HIS A 744 -3.50 0.16 25.49
CA HIS A 744 -4.11 1.46 25.70
C HIS A 744 -3.04 2.45 26.10
N ASP A 745 -3.25 3.72 25.77
CA ASP A 745 -2.35 4.78 26.20
C ASP A 745 -2.95 5.54 27.38
N GLY A 746 -4.16 5.17 27.79
CA GLY A 746 -4.86 5.85 28.88
C GLY A 746 -5.31 7.26 28.55
N LYS A 747 -5.27 7.62 27.28
CA LYS A 747 -5.73 8.93 26.83
C LYS A 747 -6.83 8.75 25.80
N GLY A 748 -7.40 7.55 25.73
CA GLY A 748 -8.37 7.20 24.69
C GLY A 748 -7.79 6.51 23.47
N GLY A 749 -6.47 6.59 23.30
CA GLY A 749 -5.80 6.00 22.13
C GLY A 749 -5.08 4.70 22.44
N GLY A 750 -4.08 4.39 21.63
CA GLY A 750 -3.34 3.15 21.80
C GLY A 750 -2.88 2.53 20.50
N LEU A 751 -2.51 1.26 20.60
CA LEU A 751 -1.81 0.56 19.54
C LEU A 751 -2.44 -0.78 19.25
N TYR A 752 -2.43 -1.18 17.98
CA TYR A 752 -2.68 -2.56 17.57
C TYR A 752 -1.39 -3.11 17.00
N VAL A 753 -0.91 -4.21 17.59
CA VAL A 753 0.30 -4.88 17.17
C VAL A 753 -0.02 -6.33 16.85
N ALA A 754 0.59 -6.88 15.82
CA ALA A 754 0.36 -8.29 15.52
C ALA A 754 1.55 -8.94 14.84
N PHE A 755 1.82 -10.18 15.22
CA PHE A 755 2.92 -10.94 14.65
C PHE A 755 2.32 -12.15 13.98
N ASN A 756 2.32 -12.15 12.64
CA ASN A 756 1.96 -13.36 11.86
C ASN A 756 3.21 -14.16 11.54
N THR A 757 3.39 -15.31 12.16
CA THR A 757 4.59 -16.12 11.96
C THR A 757 4.30 -17.34 11.08
N SER A 758 3.12 -17.34 10.46
CA SER A 758 2.70 -18.39 9.57
C SER A 758 3.39 -18.24 8.24
N HIS A 759 3.45 -19.34 7.50
CA HIS A 759 3.91 -19.33 6.11
C HIS A 759 2.81 -18.87 5.14
N LEU A 760 1.57 -18.78 5.62
CA LEU A 760 0.46 -18.21 4.83
C LEU A 760 0.19 -16.75 5.24
N PRO A 761 -0.34 -15.95 4.29
CA PRO A 761 -0.80 -14.61 4.64
C PRO A 761 -2.15 -14.69 5.32
N LYS A 762 -2.56 -13.57 5.90
CA LYS A 762 -3.82 -13.50 6.64
C LYS A 762 -4.51 -12.15 6.45
N LEU A 763 -5.82 -12.16 6.65
CA LEU A 763 -6.60 -10.94 6.67
C LEU A 763 -7.04 -10.76 8.10
N LEU A 764 -6.57 -9.69 8.73
CA LEU A 764 -6.90 -9.44 10.11
C LEU A 764 -8.16 -8.62 10.17
N GLN A 765 -9.07 -8.99 11.07
CA GLN A 765 -10.17 -8.10 11.42
C GLN A 765 -9.83 -7.37 12.72
N LEU A 766 -9.67 -6.06 12.61
CA LEU A 766 -9.17 -5.26 13.72
C LEU A 766 -10.34 -4.91 14.61
N PRO A 767 -10.09 -4.79 15.91
CA PRO A 767 -11.17 -4.39 16.82
C PRO A 767 -11.63 -2.96 16.57
N LYS A 768 -12.94 -2.75 16.70
CA LYS A 768 -13.53 -1.43 16.44
C LYS A 768 -13.56 -0.61 17.71
N TRP A 769 -12.81 0.49 17.74
CA TRP A 769 -12.92 1.47 18.82
C TRP A 769 -13.75 2.65 18.33
N GLY A 770 -14.97 2.75 18.83
CA GLY A 770 -15.93 3.80 18.42
C GLY A 770 -15.34 5.18 18.30
N GLY A 771 -15.66 5.85 17.18
CA GLY A 771 -15.17 7.18 16.88
C GLY A 771 -13.74 7.26 16.38
N ARG A 772 -13.11 6.10 16.16
CA ARG A 772 -11.68 6.04 15.83
C ARG A 772 -11.35 5.05 14.70
N VAL A 773 -10.15 5.18 14.15
CA VAL A 773 -9.66 4.34 13.06
C VAL A 773 -8.21 3.92 13.29
N TRP A 774 -7.85 2.72 12.85
CA TRP A 774 -6.48 2.26 12.94
C TRP A 774 -5.69 2.84 11.77
N GLN A 775 -4.54 3.44 12.10
CA GLN A 775 -3.67 4.06 11.10
C GLN A 775 -2.36 3.28 11.03
N PRO A 776 -1.86 3.02 9.81
CA PRO A 776 -0.65 2.23 9.68
C PRO A 776 0.61 3.00 10.06
N LEU A 777 1.57 2.30 10.65
CA LEU A 777 2.86 2.86 11.07
C LEU A 777 3.98 1.89 10.68
N VAL A 778 3.94 0.69 11.25
CA VAL A 778 4.93 -0.36 11.01
C VAL A 778 4.28 -1.52 10.28
N ASP A 779 4.91 -1.99 9.21
CA ASP A 779 4.43 -3.15 8.46
C ASP A 779 5.66 -3.75 7.80
N THR A 780 6.20 -4.82 8.37
CA THR A 780 7.44 -5.39 7.83
C THR A 780 7.25 -6.06 6.45
N SER A 781 5.99 -6.18 5.98
CA SER A 781 5.71 -6.59 4.59
C SER A 781 6.14 -5.54 3.59
N LYS A 782 6.27 -4.30 4.03
CA LYS A 782 6.54 -3.20 3.13
C LYS A 782 8.04 -2.95 2.96
N VAL A 783 8.43 -2.69 1.71
CA VAL A 783 9.81 -2.37 1.37
C VAL A 783 10.15 -0.97 1.88
N ALA A 784 11.32 -0.84 2.50
CA ALA A 784 11.74 0.45 3.07
C ALA A 784 11.77 1.53 2.00
N PRO A 785 11.41 2.77 2.38
CA PRO A 785 11.09 3.24 3.74
C PRO A 785 9.64 3.06 4.21
N TYR A 786 8.85 2.23 3.53
CA TYR A 786 7.43 2.13 3.87
C TYR A 786 7.17 1.07 4.93
N ASP A 787 8.24 0.47 5.44
CA ASP A 787 8.15 -0.41 6.60
C ASP A 787 7.93 0.38 7.88
N PHE A 788 8.25 1.67 7.87
CA PHE A 788 8.04 2.49 9.07
C PHE A 788 7.63 3.92 8.70
N LEU A 789 6.33 4.22 8.81
CA LEU A 789 5.79 5.52 8.39
C LEU A 789 5.87 6.57 9.49
N ALA A 790 7.09 6.99 9.78
CA ALA A 790 7.34 8.14 10.61
C ALA A 790 8.14 9.12 9.77
N VAL A 791 7.97 10.40 10.05
CA VAL A 791 8.68 11.46 9.34
C VAL A 791 10.16 11.38 9.68
N ASP A 792 11.02 11.54 8.68
CA ASP A 792 12.46 11.63 8.92
C ASP A 792 13.15 12.19 7.68
N GLY A 793 14.45 11.97 7.56
CA GLY A 793 15.19 12.42 6.38
C GLY A 793 14.71 11.80 5.08
N VAL A 794 13.98 10.69 5.18
CA VAL A 794 13.51 9.99 3.99
C VAL A 794 12.04 10.23 3.69
N LEU A 795 11.19 10.17 4.71
CA LEU A 795 9.77 10.46 4.54
C LEU A 795 9.43 11.84 5.11
N SER A 796 8.80 12.68 4.29
CA SER A 796 8.26 13.95 4.74
C SER A 796 6.90 13.73 5.39
N ALA A 797 6.41 14.73 6.09
CA ALA A 797 5.07 14.65 6.71
C ALA A 797 3.98 14.41 5.65
N GLU A 798 4.16 14.97 4.45
CA GLU A 798 3.23 14.75 3.36
C GLU A 798 3.21 13.28 2.96
N ASP A 799 4.40 12.70 2.78
CA ASP A 799 4.54 11.30 2.39
C ASP A 799 3.84 10.36 3.37
N VAL A 800 3.98 10.65 4.65
CA VAL A 800 3.37 9.83 5.68
C VAL A 800 1.84 9.93 5.61
N ALA A 801 1.32 11.14 5.43
CA ALA A 801 -0.12 11.34 5.37
C ALA A 801 -0.65 10.60 4.16
N ALA A 802 0.02 10.77 3.04
CA ALA A 802 -0.32 10.10 1.79
C ALA A 802 -0.41 8.59 1.98
N ALA A 803 0.63 7.99 2.56
CA ALA A 803 0.72 6.54 2.72
C ALA A 803 -0.40 6.00 3.61
N ARG A 804 -0.84 6.82 4.56
CA ARG A 804 -1.91 6.43 5.45
C ARG A 804 -3.27 6.49 4.78
N ARG A 805 -3.51 7.53 3.99
CA ARG A 805 -4.78 7.67 3.29
C ARG A 805 -4.97 6.54 2.25
N GLN A 806 -3.89 6.21 1.52
CA GLN A 806 -3.89 5.05 0.62
C GLN A 806 -4.69 3.86 1.16
N MET A 807 -4.35 3.46 2.39
CA MET A 807 -4.95 2.29 3.02
C MET A 807 -6.33 2.55 3.64
N ALA A 808 -6.85 3.77 3.49
CA ALA A 808 -8.00 4.24 4.27
C ALA A 808 -9.28 3.43 4.11
N MET A 809 -9.52 2.86 2.93
CA MET A 809 -10.67 1.98 2.73
C MET A 809 -10.51 0.70 3.53
N TRP A 810 -9.29 0.16 3.59
CA TRP A 810 -8.99 -1.06 4.33
C TRP A 810 -9.16 -0.85 5.84
N THR A 811 -8.50 0.18 6.35
CA THR A 811 -8.54 0.47 7.78
C THR A 811 -9.93 0.88 8.26
N ALA A 812 -10.65 1.62 7.44
CA ALA A 812 -12.03 1.97 7.75
C ALA A 812 -12.92 0.72 7.82
N ASP A 813 -12.63 -0.27 6.99
CA ASP A 813 -13.31 -1.57 7.08
C ASP A 813 -12.81 -2.41 8.27
N HIS A 814 -11.81 -1.92 8.99
CA HIS A 814 -11.14 -2.69 10.04
C HIS A 814 -10.63 -4.03 9.52
N THR A 815 -9.97 -3.94 8.37
CA THR A 815 -9.40 -5.08 7.70
C THR A 815 -7.97 -4.72 7.32
N TYR A 816 -7.06 -5.64 7.66
CA TYR A 816 -5.67 -5.42 7.34
C TYR A 816 -5.03 -6.72 6.86
N PRO A 817 -4.49 -6.69 5.64
CA PRO A 817 -3.83 -7.85 5.11
C PRO A 817 -2.42 -7.92 5.66
N VAL A 818 -1.95 -9.14 5.96
CA VAL A 818 -0.56 -9.34 6.40
C VAL A 818 0.11 -10.52 5.71
N LEU A 819 1.40 -10.34 5.46
CA LEU A 819 2.17 -11.27 4.69
C LEU A 819 2.60 -12.39 5.66
N PRO A 820 2.90 -13.60 5.16
CA PRO A 820 3.50 -14.54 6.09
C PRO A 820 4.78 -13.95 6.68
N TRP A 821 5.13 -14.40 7.89
CA TRP A 821 6.31 -13.91 8.60
C TRP A 821 6.42 -12.37 8.55
N SER A 822 5.41 -11.72 9.09
CA SER A 822 5.35 -10.27 9.07
C SER A 822 4.82 -9.76 10.39
N CYS A 823 4.95 -8.46 10.57
CA CYS A 823 4.61 -7.78 11.82
C CYS A 823 4.04 -6.41 11.45
N ILE A 824 2.97 -5.99 12.16
CA ILE A 824 2.44 -4.63 12.00
C ILE A 824 2.21 -3.92 13.33
N VAL A 825 2.27 -2.59 13.29
CA VAL A 825 1.90 -1.76 14.42
C VAL A 825 1.02 -0.63 13.90
N LEU A 826 -0.19 -0.58 14.40
CA LEU A 826 -1.18 0.42 14.01
C LEU A 826 -1.44 1.34 15.19
N GLN A 827 -1.79 2.59 14.92
CA GLN A 827 -2.16 3.57 15.95
C GLN A 827 -3.60 4.03 15.77
N SER A 828 -4.34 4.11 16.87
CA SER A 828 -5.73 4.56 16.83
C SER A 828 -5.79 6.06 16.65
N ALA A 829 -6.48 6.52 15.63
CA ALA A 829 -6.72 7.95 15.39
C ALA A 829 -8.21 8.21 15.39
N PRO A 830 -8.64 9.44 15.72
CA PRO A 830 -10.06 9.80 15.62
C PRO A 830 -10.55 9.73 14.18
N GLU A 831 -11.80 9.31 14.01
CA GLU A 831 -12.41 9.09 12.70
C GLU A 831 -12.49 10.37 11.88
N ASP A 832 -11.99 10.33 10.65
CA ASP A 832 -12.15 11.42 9.67
C ASP A 832 -12.62 10.85 8.32
N PRO A 833 -13.90 11.09 7.95
CA PRO A 833 -14.40 10.52 6.71
C PRO A 833 -13.79 11.12 5.46
N ALA A 834 -13.28 12.35 5.57
CA ALA A 834 -12.58 13.02 4.46
C ALA A 834 -11.38 12.25 3.91
N ALA A 835 -10.82 11.34 4.72
CA ALA A 835 -9.70 10.49 4.31
C ALA A 835 -9.87 9.77 2.97
N THR A 836 -11.09 9.40 2.61
CA THR A 836 -11.35 8.66 1.37
C THR A 836 -11.64 9.58 0.17
N SER A 837 -11.55 10.89 0.38
CA SER A 837 -11.54 11.81 -0.73
C SER A 837 -10.13 11.83 -1.35
N MET A 838 -10.01 12.57 -2.46
CA MET A 838 -8.76 12.69 -3.19
C MET A 838 -7.61 13.17 -2.27
N ILE A 839 -6.45 12.49 -2.32
CA ILE A 839 -5.23 12.97 -1.61
C ILE A 839 -4.73 14.26 -2.26
N LYS A 840 -4.86 15.38 -1.53
CA LYS A 840 -4.40 16.71 -1.99
C LYS A 840 -5.09 17.14 -3.28
N CYS B 43 -37.96 22.26 -68.70
CA CYS B 43 -37.40 23.27 -69.64
C CYS B 43 -38.48 24.10 -70.35
N GLU B 44 -39.54 23.44 -70.82
CA GLU B 44 -40.66 24.14 -71.45
C GLU B 44 -41.43 24.94 -70.40
N PRO B 45 -42.05 26.07 -70.79
CA PRO B 45 -42.96 26.78 -69.88
C PRO B 45 -44.19 25.96 -69.56
N SER B 46 -44.61 25.93 -68.29
CA SER B 46 -45.80 25.19 -67.88
C SER B 46 -47.04 26.09 -67.71
N GLY B 47 -46.91 27.37 -68.02
CA GLY B 47 -48.06 28.28 -68.14
C GLY B 47 -48.25 29.27 -67.01
N GLN B 48 -47.69 29.01 -65.84
CA GLN B 48 -47.94 29.86 -64.68
C GLN B 48 -47.18 31.16 -64.86
N PRO B 49 -47.85 32.28 -64.57
CA PRO B 49 -47.27 33.59 -64.87
C PRO B 49 -46.11 33.93 -63.94
N ALA B 50 -45.24 34.84 -64.39
CA ALA B 50 -44.20 35.35 -63.54
C ALA B 50 -44.77 36.22 -62.41
N SER B 51 -43.93 36.58 -61.45
CA SER B 51 -44.31 37.47 -60.37
C SER B 51 -43.09 38.34 -60.04
N THR B 52 -43.22 39.23 -59.06
CA THR B 52 -42.07 40.07 -58.67
C THR B 52 -40.85 39.22 -58.25
N ALA B 53 -41.11 38.03 -57.70
CA ALA B 53 -40.09 37.15 -57.15
C ALA B 53 -39.50 36.09 -58.09
N TYR B 54 -40.17 35.80 -59.21
CA TYR B 54 -39.66 34.79 -60.14
C TYR B 54 -40.21 34.95 -61.54
N GLY B 55 -39.55 34.29 -62.49
CA GLY B 55 -40.00 34.28 -63.89
C GLY B 55 -41.08 33.25 -64.15
N PRO B 56 -41.53 33.16 -65.42
CA PRO B 56 -42.51 32.17 -65.87
C PRO B 56 -42.07 30.73 -65.57
N ALA B 57 -42.96 29.95 -64.95
CA ALA B 57 -42.64 28.61 -64.49
C ALA B 57 -42.35 27.68 -65.65
N LEU B 58 -41.39 26.79 -65.45
CA LEU B 58 -41.09 25.76 -66.43
C LEU B 58 -41.53 24.41 -65.90
N THR B 59 -41.69 23.45 -66.81
CA THR B 59 -42.12 22.09 -66.48
C THR B 59 -41.23 21.48 -65.41
N GLY B 60 -39.92 21.66 -65.54
CA GLY B 60 -38.97 21.06 -64.62
C GLY B 60 -38.82 19.55 -64.82
N ARG B 61 -38.04 18.92 -63.95
CA ARG B 61 -37.69 17.50 -64.03
C ARG B 61 -37.94 16.82 -62.67
N PRO B 62 -38.31 15.52 -62.70
CA PRO B 62 -38.61 14.73 -61.47
C PRO B 62 -37.40 14.43 -60.58
N ALA B 63 -36.23 14.32 -61.18
CA ALA B 63 -35.00 14.03 -60.45
C ALA B 63 -34.12 15.26 -60.50
N PRO B 64 -33.42 15.56 -59.39
CA PRO B 64 -33.46 14.90 -58.09
C PRO B 64 -34.66 15.34 -57.24
N LEU B 65 -35.11 14.44 -56.37
CA LEU B 65 -36.17 14.78 -55.41
C LEU B 65 -35.68 15.94 -54.56
N GLY B 66 -36.56 16.89 -54.29
CA GLY B 66 -36.21 18.04 -53.47
C GLY B 66 -36.17 19.34 -54.26
N ALA B 67 -35.64 20.38 -53.63
CA ALA B 67 -35.36 21.63 -54.32
C ALA B 67 -33.90 21.59 -54.74
N SER B 68 -33.65 21.74 -56.03
CA SER B 68 -32.28 21.80 -56.54
C SER B 68 -32.14 22.91 -57.57
N ILE B 69 -30.91 23.31 -57.82
CA ILE B 69 -30.59 24.27 -58.87
C ILE B 69 -30.40 23.52 -60.18
N ASP B 70 -31.18 23.90 -61.18
CA ASP B 70 -30.95 23.47 -62.55
C ASP B 70 -29.61 24.00 -63.06
N ALA B 71 -28.73 23.09 -63.45
CA ALA B 71 -27.42 23.48 -63.96
C ALA B 71 -27.49 24.21 -65.31
N ASP B 72 -28.60 24.05 -66.02
CA ASP B 72 -28.76 24.72 -67.31
C ASP B 72 -29.21 26.18 -67.12
N THR B 73 -30.35 26.36 -66.45
CA THR B 73 -31.05 27.65 -66.40
C THR B 73 -30.86 28.43 -65.10
N GLY B 74 -30.29 27.82 -64.09
CA GLY B 74 -30.21 28.49 -62.79
C GLY B 74 -31.50 28.51 -62.01
N ALA B 75 -32.62 28.13 -62.62
CA ALA B 75 -33.88 28.05 -61.91
C ALA B 75 -33.86 27.01 -60.80
N ILE B 76 -34.62 27.25 -59.74
CA ILE B 76 -34.77 26.22 -58.73
C ILE B 76 -35.78 25.21 -59.25
N ASN B 77 -35.35 23.98 -59.46
CA ASN B 77 -36.23 22.87 -59.76
C ASN B 77 -36.80 22.31 -58.46
N PHE B 78 -38.12 22.21 -58.38
CA PHE B 78 -38.80 21.63 -57.22
C PHE B 78 -39.38 20.30 -57.63
N SER B 79 -39.20 19.29 -56.79
CA SER B 79 -39.62 17.93 -57.08
C SER B 79 -40.06 17.21 -55.82
N VAL B 80 -41.29 16.68 -55.82
CA VAL B 80 -41.84 16.04 -54.62
C VAL B 80 -42.73 14.85 -55.02
N PHE B 81 -42.58 13.74 -54.32
CA PHE B 81 -43.37 12.54 -54.59
C PHE B 81 -44.73 12.62 -53.95
N SER B 82 -45.75 12.25 -54.72
CA SER B 82 -47.05 11.86 -54.17
C SER B 82 -47.87 11.09 -55.19
N SER B 83 -48.08 9.79 -54.95
CA SER B 83 -48.92 8.97 -55.81
C SER B 83 -50.42 9.22 -55.56
N SER B 84 -50.78 9.82 -54.43
CA SER B 84 -52.19 9.91 -54.02
C SER B 84 -52.84 11.28 -54.23
N ALA B 85 -52.05 12.29 -54.53
CA ALA B 85 -52.54 13.66 -54.58
C ALA B 85 -53.27 13.95 -55.88
N GLU B 86 -54.38 14.66 -55.78
CA GLU B 86 -55.09 15.15 -56.97
C GLU B 86 -54.56 16.48 -57.45
N SER B 87 -54.20 17.37 -56.52
CA SER B 87 -53.61 18.66 -56.89
C SER B 87 -52.41 18.93 -56.02
N VAL B 88 -51.47 19.69 -56.56
CA VAL B 88 -50.33 20.14 -55.78
C VAL B 88 -50.01 21.58 -56.13
N SER B 89 -49.84 22.40 -55.10
CA SER B 89 -49.41 23.77 -55.25
C SER B 89 -48.11 24.03 -54.50
N LEU B 90 -47.17 24.72 -55.18
CA LEU B 90 -45.97 25.19 -54.55
C LEU B 90 -46.34 26.48 -53.83
N VAL B 91 -45.94 26.59 -52.57
CA VAL B 91 -46.28 27.76 -51.76
C VAL B 91 -44.99 28.37 -51.25
N LEU B 92 -44.83 29.67 -51.45
CA LEU B 92 -43.62 30.37 -51.03
C LEU B 92 -43.94 31.38 -49.93
N PHE B 93 -43.00 31.56 -49.02
CA PHE B 93 -43.18 32.47 -47.88
C PHE B 93 -41.99 33.38 -47.80
N THR B 94 -42.23 34.66 -47.51
CA THR B 94 -41.22 35.49 -46.87
C THR B 94 -41.24 35.07 -45.40
N GLU B 95 -40.17 35.33 -44.67
CA GLU B 95 -40.20 35.02 -43.24
C GLU B 95 -41.32 35.73 -42.47
N ALA B 96 -41.61 36.98 -42.82
CA ALA B 96 -42.67 37.71 -42.16
C ALA B 96 -44.03 37.03 -42.41
N ASP B 97 -44.32 36.73 -43.68
CA ASP B 97 -45.56 36.04 -44.01
C ASP B 97 -45.68 34.73 -43.25
N LEU B 98 -44.57 33.98 -43.18
CA LEU B 98 -44.54 32.70 -42.48
C LEU B 98 -44.92 32.84 -41.00
N ASN B 99 -44.28 33.79 -40.32
CA ASN B 99 -44.63 34.16 -38.96
C ASN B 99 -46.09 34.48 -38.73
N ALA B 100 -46.69 35.12 -39.73
CA ALA B 100 -48.08 35.56 -39.69
C ALA B 100 -49.08 34.47 -40.10
N GLY B 101 -48.58 33.30 -40.52
CA GLY B 101 -49.44 32.18 -40.89
C GLY B 101 -50.10 32.39 -42.24
N ARG B 102 -49.34 32.99 -43.15
CA ARG B 102 -49.87 33.43 -44.42
C ARG B 102 -48.85 33.10 -45.49
N ALA B 103 -49.34 32.75 -46.68
CA ALA B 103 -48.49 32.46 -47.83
C ALA B 103 -48.28 33.71 -48.63
N THR B 104 -47.10 33.84 -49.22
CA THR B 104 -46.77 34.96 -50.10
C THR B 104 -47.19 34.70 -51.55
N PHE B 105 -46.92 33.49 -52.05
CA PHE B 105 -47.25 33.12 -53.44
C PHE B 105 -47.70 31.66 -53.48
N GLU B 106 -48.62 31.36 -54.38
CA GLU B 106 -49.01 29.98 -54.65
C GLU B 106 -49.02 29.73 -56.12
N ILE B 107 -48.37 28.65 -56.53
CA ILE B 107 -48.26 28.26 -57.91
C ILE B 107 -48.86 26.86 -58.04
N PRO B 108 -50.07 26.75 -58.64
CA PRO B 108 -50.66 25.43 -58.92
C PRO B 108 -49.93 24.66 -60.00
N LEU B 109 -49.51 23.44 -59.68
CA LEU B 109 -48.85 22.61 -60.69
C LEU B 109 -49.87 22.02 -61.66
N ASP B 110 -49.54 22.06 -62.95
CA ASP B 110 -50.35 21.37 -63.94
C ASP B 110 -50.17 19.86 -63.79
N PRO B 111 -51.27 19.14 -63.53
CA PRO B 111 -51.17 17.70 -63.29
C PRO B 111 -50.75 16.89 -64.52
N TYR B 112 -50.81 17.48 -65.73
CA TYR B 112 -50.34 16.81 -66.94
C TYR B 112 -48.90 17.15 -67.33
N VAL B 113 -48.42 18.30 -66.91
CA VAL B 113 -47.15 18.82 -67.39
C VAL B 113 -46.11 18.98 -66.26
N ASN B 114 -46.59 19.36 -65.09
CA ASN B 114 -45.76 19.48 -63.90
C ASN B 114 -45.80 18.19 -63.10
N ARG B 115 -45.78 17.06 -63.80
CA ARG B 115 -45.85 15.76 -63.16
C ARG B 115 -45.41 14.65 -64.12
N THR B 116 -44.56 13.75 -63.61
CA THR B 116 -44.12 12.57 -64.32
C THR B 116 -44.30 11.37 -63.38
N GLY B 117 -45.30 10.56 -63.64
CA GLY B 117 -45.65 9.44 -62.76
C GLY B 117 -46.19 9.95 -61.44
N ASP B 118 -45.59 9.49 -60.35
CA ASP B 118 -46.01 9.89 -59.00
C ASP B 118 -45.22 11.07 -58.45
N VAL B 119 -44.31 11.62 -59.26
CA VAL B 119 -43.44 12.73 -58.87
C VAL B 119 -43.90 14.03 -59.53
N TRP B 120 -44.26 15.01 -58.71
CA TRP B 120 -44.64 16.33 -59.19
C TRP B 120 -43.41 17.24 -59.25
N HIS B 121 -43.33 18.08 -60.27
CA HIS B 121 -42.14 18.90 -60.46
C HIS B 121 -42.49 20.19 -61.18
N ILE B 122 -41.76 21.26 -60.85
CA ILE B 122 -41.92 22.57 -61.47
C ILE B 122 -40.61 23.31 -61.28
N MET B 123 -40.30 24.23 -62.19
CA MET B 123 -39.04 24.97 -62.13
C MET B 123 -39.31 26.47 -62.14
N LEU B 124 -38.73 27.21 -61.20
CA LEU B 124 -38.96 28.66 -61.09
C LEU B 124 -37.66 29.42 -61.27
N PRO B 125 -37.49 30.06 -62.46
CA PRO B 125 -36.25 30.78 -62.79
C PRO B 125 -36.17 32.14 -62.11
N ASP B 126 -34.95 32.53 -61.77
CA ASP B 126 -34.70 33.83 -61.17
C ASP B 126 -35.52 34.00 -59.87
N LEU B 127 -35.56 32.95 -59.06
CA LEU B 127 -36.36 32.94 -57.84
C LEU B 127 -35.63 33.68 -56.71
N ARG B 128 -36.33 34.56 -55.98
CA ARG B 128 -35.72 35.24 -54.83
C ARG B 128 -35.30 34.15 -53.84
N ASP B 129 -34.00 34.06 -53.56
CA ASP B 129 -33.46 32.88 -52.88
C ASP B 129 -33.58 32.94 -51.34
N ASP B 130 -34.18 34.04 -50.85
CA ASP B 130 -34.53 34.19 -49.45
C ASP B 130 -36.00 33.80 -49.18
N LEU B 131 -36.67 33.19 -50.15
CA LEU B 131 -38.04 32.73 -49.90
C LEU B 131 -37.95 31.36 -49.32
N LEU B 132 -39.02 30.92 -48.68
CA LEU B 132 -39.08 29.56 -48.14
C LEU B 132 -40.25 28.86 -48.81
N TYR B 133 -40.23 27.54 -48.84
CA TYR B 133 -41.23 26.80 -49.60
C TYR B 133 -41.88 25.64 -48.86
N GLY B 134 -43.07 25.29 -49.32
CA GLY B 134 -43.79 24.12 -48.88
C GLY B 134 -44.80 23.77 -49.97
N TYR B 135 -45.70 22.84 -49.68
CA TYR B 135 -46.66 22.34 -50.65
C TYR B 135 -48.06 22.23 -50.05
N ARG B 136 -49.04 22.71 -50.80
CA ARG B 136 -50.44 22.48 -50.48
C ARG B 136 -50.87 21.31 -51.32
N VAL B 137 -51.30 20.24 -50.68
CA VAL B 137 -51.67 19.03 -51.38
C VAL B 137 -53.15 18.72 -51.18
N GLU B 138 -53.91 18.79 -52.26
CA GLU B 138 -55.30 18.39 -52.22
C GLU B 138 -55.46 16.96 -52.69
N GLY B 139 -56.41 16.25 -52.09
CA GLY B 139 -56.75 14.86 -52.43
C GLY B 139 -57.86 14.36 -51.51
N VAL B 140 -58.18 13.08 -51.57
CA VAL B 140 -59.26 12.50 -50.77
C VAL B 140 -58.87 12.47 -49.29
N HIS B 141 -59.85 12.43 -48.40
CA HIS B 141 -59.58 12.17 -47.00
C HIS B 141 -60.53 11.10 -46.47
N GLN B 142 -60.01 10.11 -45.75
CA GLN B 142 -60.84 8.96 -45.35
C GLN B 142 -62.03 9.32 -44.45
N GLU B 143 -61.85 10.35 -43.63
CA GLU B 143 -62.90 10.86 -42.77
C GLU B 143 -63.99 11.62 -43.53
N GLU B 144 -63.69 12.08 -44.73
CA GLU B 144 -64.70 12.68 -45.61
C GLU B 144 -65.25 11.70 -46.67
N ASP B 145 -64.58 10.56 -46.88
CA ASP B 145 -65.09 9.48 -47.73
C ASP B 145 -64.45 8.15 -47.30
N LYS B 146 -65.23 7.31 -46.61
CA LYS B 146 -64.66 6.12 -46.00
C LYS B 146 -64.32 5.01 -47.01
N ASP B 147 -64.68 5.18 -48.28
CA ASP B 147 -64.20 4.28 -49.35
C ASP B 147 -62.67 4.35 -49.56
N TYR B 148 -62.01 5.29 -48.89
CA TYR B 148 -60.60 5.57 -49.12
C TYR B 148 -59.79 5.55 -47.82
N PRO B 149 -59.83 4.42 -47.09
CA PRO B 149 -59.00 4.30 -45.89
C PRO B 149 -57.53 4.59 -46.18
N GLY B 150 -56.88 5.28 -45.25
CA GLY B 150 -55.48 5.63 -45.41
C GLY B 150 -55.18 6.90 -46.18
N MET B 151 -56.18 7.45 -46.87
CA MET B 151 -56.02 8.77 -47.48
C MET B 151 -56.24 9.83 -46.42
N ARG B 152 -55.32 10.79 -46.33
CA ARG B 152 -55.39 11.84 -45.32
C ARG B 152 -54.89 13.19 -45.81
N HIS B 153 -55.27 13.56 -47.03
CA HIS B 153 -54.96 14.88 -47.57
C HIS B 153 -55.80 15.96 -46.88
N ASP B 154 -55.26 17.19 -46.87
CA ASP B 154 -55.89 18.34 -46.23
C ASP B 154 -55.32 19.59 -46.86
N LYS B 155 -56.10 20.19 -47.75
CA LYS B 155 -55.66 21.35 -48.48
C LYS B 155 -55.50 22.59 -47.59
N ARG B 156 -56.00 22.52 -46.36
CA ARG B 156 -55.77 23.62 -45.41
C ARG B 156 -54.35 23.62 -44.82
N ARG B 157 -53.63 22.52 -45.01
CA ARG B 157 -52.26 22.44 -44.54
C ARG B 157 -51.27 22.81 -45.65
N VAL B 158 -50.10 23.27 -45.27
CA VAL B 158 -48.99 23.35 -46.19
C VAL B 158 -47.91 22.47 -45.59
N VAL B 159 -47.56 21.40 -46.31
CA VAL B 159 -46.67 20.39 -45.78
C VAL B 159 -45.23 20.56 -46.28
N LEU B 160 -44.33 20.00 -45.49
CA LEU B 160 -42.90 20.20 -45.65
C LEU B 160 -42.33 19.16 -46.65
N ASP B 161 -41.46 19.64 -47.55
CA ASP B 161 -40.69 18.78 -48.42
C ASP B 161 -39.88 17.79 -47.54
N PRO B 162 -40.14 16.48 -47.68
CA PRO B 162 -39.33 15.56 -46.88
C PRO B 162 -37.82 15.71 -47.08
N TYR B 163 -37.42 16.28 -48.22
CA TYR B 163 -36.01 16.47 -48.58
C TYR B 163 -35.51 17.88 -48.27
N ALA B 164 -36.30 18.68 -47.56
CA ALA B 164 -35.86 20.01 -47.10
C ALA B 164 -34.43 20.03 -46.55
N VAL B 165 -33.57 20.87 -47.13
CA VAL B 165 -32.16 20.98 -46.74
C VAL B 165 -31.97 21.77 -45.41
N ALA B 166 -32.95 22.60 -45.08
CA ALA B 166 -33.01 23.26 -43.79
C ALA B 166 -34.44 23.75 -43.64
N VAL B 167 -34.91 23.82 -42.40
CA VAL B 167 -36.28 24.17 -42.13
C VAL B 167 -36.34 25.36 -41.19
N LEU B 168 -37.28 26.26 -41.41
CA LEU B 168 -37.54 27.35 -40.46
C LEU B 168 -38.98 27.24 -39.94
N ASN B 169 -39.16 27.39 -38.63
CA ASN B 169 -40.48 27.69 -38.06
C ASN B 169 -40.37 28.60 -36.82
N ARG B 170 -39.68 28.12 -35.80
CA ARG B 170 -39.40 28.85 -34.57
C ARG B 170 -37.88 28.90 -34.41
N ARG B 171 -37.32 30.08 -34.11
CA ARG B 171 -35.88 30.28 -34.16
C ARG B 171 -35.11 29.92 -32.87
N ARG B 172 -35.74 30.04 -31.71
CA ARG B 172 -35.04 29.82 -30.44
C ARG B 172 -35.59 28.59 -29.73
N TRP B 173 -34.71 27.78 -29.17
CA TRP B 173 -35.14 26.69 -28.30
C TRP B 173 -36.19 27.18 -27.32
N GLY B 174 -37.26 26.42 -27.19
CA GLY B 174 -38.31 26.72 -26.23
C GLY B 174 -39.22 27.88 -26.60
N GLN B 175 -38.93 28.59 -27.68
CA GLN B 175 -39.77 29.70 -28.10
C GLN B 175 -41.11 29.24 -28.67
N MET B 176 -42.20 29.65 -28.02
CA MET B 176 -43.55 29.33 -28.46
C MET B 176 -43.82 30.00 -29.81
N GLY B 177 -44.59 29.33 -30.66
CA GLY B 177 -44.99 29.88 -31.94
C GLY B 177 -46.08 30.92 -31.72
N PRO B 178 -46.39 31.72 -32.73
CA PRO B 178 -47.33 32.84 -32.53
C PRO B 178 -48.77 32.41 -32.22
N ASN B 179 -49.51 33.35 -31.64
CA ASN B 179 -50.86 33.14 -31.16
C ASN B 179 -51.90 33.50 -32.20
N LEU B 180 -51.99 32.69 -33.24
CA LEU B 180 -52.86 32.96 -34.38
C LEU B 180 -54.18 32.26 -34.16
N PRO B 181 -55.25 32.71 -34.85
CA PRO B 181 -56.51 31.98 -34.78
C PRO B 181 -56.46 30.74 -35.70
N TYR B 182 -55.67 29.75 -35.28
CA TYR B 182 -55.48 28.52 -36.02
C TYR B 182 -56.82 27.82 -36.25
N GLY B 183 -56.98 27.26 -37.45
CA GLY B 183 -58.19 26.54 -37.82
C GLY B 183 -59.23 27.44 -38.46
N GLU B 184 -58.82 28.61 -38.93
CA GLU B 184 -59.74 29.51 -39.62
C GLU B 184 -59.30 29.82 -41.04
N GLU B 185 -60.26 30.24 -41.85
CA GLU B 185 -60.05 30.47 -43.28
C GLU B 185 -58.72 31.15 -43.61
N GLY B 186 -57.87 30.41 -44.34
CA GLY B 186 -56.62 30.94 -44.87
C GLY B 186 -55.47 30.96 -43.88
N VAL B 187 -55.69 30.50 -42.66
CA VAL B 187 -54.67 30.59 -41.61
C VAL B 187 -53.83 29.31 -41.61
N LEU B 188 -52.52 29.49 -41.68
CA LEU B 188 -51.60 28.38 -41.82
C LEU B 188 -50.96 28.03 -40.48
N GLY B 189 -50.77 26.72 -40.25
CA GLY B 189 -50.24 26.21 -38.97
C GLY B 189 -51.32 25.55 -38.14
N VAL B 190 -50.92 24.75 -37.16
CA VAL B 190 -51.85 23.89 -36.41
C VAL B 190 -52.19 24.45 -35.04
N MET B 191 -51.17 24.75 -34.25
CA MET B 191 -51.33 25.31 -32.92
C MET B 191 -50.05 26.05 -32.55
N PRO B 192 -50.01 26.72 -31.39
CA PRO B 192 -48.83 27.53 -31.13
C PRO B 192 -47.54 26.74 -30.97
N THR B 193 -47.68 25.49 -30.54
CA THR B 193 -46.57 24.53 -30.47
C THR B 193 -46.21 23.92 -31.84
N TRP B 194 -47.13 24.03 -32.80
CA TRP B 194 -46.90 23.55 -34.18
C TRP B 194 -47.24 24.61 -35.22
N PRO B 195 -46.54 25.76 -35.18
CA PRO B 195 -46.77 26.76 -36.22
C PRO B 195 -46.23 26.33 -37.59
N GLN B 196 -46.59 27.08 -38.63
CA GLN B 196 -46.21 26.77 -40.00
C GLN B 196 -44.69 26.75 -40.19
N ALA B 197 -44.16 25.59 -40.56
CA ALA B 197 -42.78 25.46 -40.97
C ALA B 197 -42.63 25.63 -42.49
N ALA B 198 -41.46 26.06 -42.93
CA ALA B 198 -41.15 26.11 -44.35
C ALA B 198 -39.69 25.71 -44.59
N ALA B 199 -39.39 25.31 -45.83
CA ALA B 199 -38.05 24.85 -46.19
C ALA B 199 -37.24 25.95 -46.85
N ALA B 200 -35.94 25.93 -46.62
CA ALA B 200 -35.01 26.82 -47.30
C ALA B 200 -34.73 26.37 -48.72
N LEU B 201 -34.44 27.34 -49.58
CA LEU B 201 -34.07 27.08 -50.98
C LEU B 201 -32.59 26.80 -51.08
N PRO B 202 -32.16 26.15 -52.17
CA PRO B 202 -30.72 26.02 -52.39
C PRO B 202 -30.05 27.39 -52.52
N ALA B 203 -28.85 27.52 -51.97
CA ALA B 203 -28.08 28.75 -52.07
C ALA B 203 -27.64 28.95 -53.53
N ALA B 204 -28.19 29.97 -54.17
CA ALA B 204 -27.95 30.23 -55.59
C ALA B 204 -26.60 30.94 -55.81
N ARG B 205 -26.45 32.11 -55.18
CA ARG B 205 -25.19 32.85 -55.15
C ARG B 205 -24.41 32.46 -53.90
N GLY B 206 -23.21 33.02 -53.75
CA GLY B 206 -22.31 32.69 -52.63
C GLY B 206 -21.63 31.34 -52.82
N SER B 207 -20.68 31.01 -51.95
CA SER B 207 -19.91 29.78 -52.08
C SER B 207 -20.28 28.72 -51.03
N ALA B 208 -19.76 27.52 -51.24
CA ALA B 208 -19.95 26.41 -50.33
C ALA B 208 -19.04 26.55 -49.10
N PHE B 209 -19.23 25.65 -48.14
CA PHE B 209 -18.44 25.58 -46.92
C PHE B 209 -17.02 25.13 -47.25
N ASP B 210 -16.03 25.69 -46.56
CA ASP B 210 -14.64 25.27 -46.74
C ASP B 210 -14.30 24.15 -45.78
N TRP B 211 -14.22 22.93 -46.29
CA TRP B 211 -13.87 21.78 -45.47
C TRP B 211 -12.39 21.70 -45.09
N GLU B 212 -11.53 22.30 -45.91
CA GLU B 212 -10.08 22.27 -45.69
C GLU B 212 -9.53 20.84 -45.60
N GLY B 213 -9.85 20.04 -46.61
CA GLY B 213 -9.39 18.67 -46.70
C GLY B 213 -10.02 17.67 -45.74
N ASP B 214 -11.11 18.07 -45.08
CA ASP B 214 -11.76 17.18 -44.12
C ASP B 214 -12.37 15.97 -44.81
N THR B 215 -12.14 14.81 -44.22
CA THR B 215 -12.69 13.53 -44.65
C THR B 215 -13.18 12.79 -43.42
N PRO B 216 -14.26 11.98 -43.55
CA PRO B 216 -14.57 11.09 -42.43
C PRO B 216 -13.34 10.28 -42.04
N LEU B 217 -13.14 10.07 -40.75
CA LEU B 217 -11.87 9.52 -40.26
C LEU B 217 -11.61 8.05 -40.61
N ASN B 218 -12.69 7.28 -40.76
CA ASN B 218 -12.62 5.83 -41.02
C ASN B 218 -11.74 5.05 -40.04
N LEU B 219 -11.82 5.42 -38.77
CA LEU B 219 -11.08 4.72 -37.72
C LEU B 219 -11.61 3.29 -37.62
N PRO B 220 -10.72 2.32 -37.36
CA PRO B 220 -11.21 0.95 -37.24
C PRO B 220 -12.18 0.82 -36.07
N MET B 221 -13.30 0.14 -36.31
CA MET B 221 -14.39 0.05 -35.33
C MET B 221 -13.87 -0.36 -33.96
N GLU B 222 -12.99 -1.36 -33.94
CA GLU B 222 -12.51 -1.93 -32.70
C GLU B 222 -11.64 -0.97 -31.87
N SER B 223 -11.21 0.13 -32.48
CA SER B 223 -10.42 1.15 -31.80
C SER B 223 -11.30 2.17 -31.07
N LEU B 224 -12.61 2.10 -31.24
CA LEU B 224 -13.46 3.19 -30.75
C LEU B 224 -13.73 3.15 -29.25
N VAL B 225 -13.77 4.35 -28.66
CA VAL B 225 -14.38 4.58 -27.35
C VAL B 225 -15.41 5.68 -27.60
N ILE B 226 -16.68 5.35 -27.39
CA ILE B 226 -17.77 6.20 -27.86
C ILE B 226 -18.33 6.96 -26.68
N TYR B 227 -18.58 8.25 -26.86
CA TYR B 227 -19.19 9.10 -25.85
C TYR B 227 -20.55 9.56 -26.37
N GLU B 228 -21.60 9.13 -25.69
CA GLU B 228 -22.96 9.50 -26.04
C GLU B 228 -23.31 10.87 -25.46
N ALA B 229 -23.52 11.85 -26.33
CA ALA B 229 -23.78 13.22 -25.88
C ALA B 229 -25.01 13.83 -26.52
N HIS B 230 -25.57 14.82 -25.85
CA HIS B 230 -26.67 15.63 -26.36
C HIS B 230 -26.12 17.02 -26.63
N VAL B 231 -26.43 17.56 -27.82
CA VAL B 231 -25.90 18.84 -28.28
C VAL B 231 -26.25 19.93 -27.28
N ARG B 232 -27.52 20.04 -26.93
CA ARG B 232 -27.90 21.08 -25.97
C ARG B 232 -27.31 20.85 -24.58
N GLY B 233 -27.41 19.63 -24.05
CA GLY B 233 -27.04 19.33 -22.68
C GLY B 233 -25.54 19.43 -22.44
N PHE B 234 -24.75 19.31 -23.50
CA PHE B 234 -23.30 19.35 -23.39
C PHE B 234 -22.79 20.71 -22.84
N THR B 235 -23.42 21.82 -23.23
CA THR B 235 -23.02 23.16 -22.77
C THR B 235 -24.17 24.07 -22.27
N ALA B 236 -25.40 23.59 -22.22
CA ALA B 236 -26.50 24.42 -21.72
C ALA B 236 -26.29 24.92 -20.30
N HIS B 237 -25.54 24.20 -19.48
CA HIS B 237 -25.36 24.61 -18.06
C HIS B 237 -24.52 25.86 -17.93
N ALA B 238 -24.90 26.72 -16.98
CA ALA B 238 -24.23 28.01 -16.78
C ALA B 238 -22.72 27.87 -16.59
N SER B 239 -22.30 26.80 -15.91
CA SER B 239 -20.88 26.57 -15.67
C SER B 239 -20.08 26.23 -16.92
N SER B 240 -20.74 26.02 -18.05
CA SER B 240 -20.02 25.66 -19.28
C SER B 240 -19.12 26.78 -19.78
N GLY B 241 -19.57 28.01 -19.58
CA GLY B 241 -18.76 29.19 -19.85
C GLY B 241 -18.54 29.51 -21.31
N VAL B 242 -19.37 28.98 -22.21
CA VAL B 242 -19.16 29.17 -23.64
C VAL B 242 -19.96 30.38 -24.15
N ALA B 243 -19.67 30.77 -25.39
CA ALA B 243 -20.32 31.92 -26.00
C ALA B 243 -21.80 31.63 -26.34
N ALA B 244 -22.10 30.46 -26.90
CA ALA B 244 -23.48 30.13 -27.30
C ALA B 244 -23.96 28.83 -26.65
N PRO B 245 -24.30 28.88 -25.36
CA PRO B 245 -24.70 27.70 -24.60
C PRO B 245 -25.71 26.84 -25.33
N GLY B 246 -25.48 25.53 -25.32
CA GLY B 246 -26.42 24.55 -25.89
C GLY B 246 -26.53 24.50 -27.40
N THR B 247 -25.53 25.01 -28.11
CA THR B 247 -25.57 25.00 -29.56
C THR B 247 -24.42 24.17 -30.16
N TYR B 248 -24.50 23.95 -31.48
CA TYR B 248 -23.44 23.27 -32.21
C TYR B 248 -22.14 24.04 -31.99
N ALA B 249 -22.25 25.37 -32.05
CA ALA B 249 -21.11 26.26 -31.89
C ALA B 249 -20.58 26.25 -30.45
N GLY B 250 -21.49 26.13 -29.48
CA GLY B 250 -21.10 25.93 -28.09
C GLY B 250 -20.29 24.66 -27.86
N MET B 251 -20.72 23.55 -28.49
CA MET B 251 -20.04 22.26 -28.35
C MET B 251 -18.59 22.27 -28.85
N VAL B 252 -18.37 22.89 -30.01
CA VAL B 252 -17.03 23.05 -30.58
C VAL B 252 -16.08 23.63 -29.53
N GLU B 253 -16.57 24.60 -28.77
CA GLU B 253 -15.75 25.32 -27.79
C GLU B 253 -15.32 24.46 -26.59
N ARG B 254 -15.99 23.33 -26.37
CA ARG B 254 -15.64 22.44 -25.26
C ARG B 254 -15.14 21.06 -25.75
N LEU B 255 -14.79 20.93 -27.02
CA LEU B 255 -14.38 19.65 -27.58
C LEU B 255 -13.04 19.15 -27.07
N ASP B 256 -12.13 20.05 -26.77
CA ASP B 256 -10.84 19.67 -26.19
C ASP B 256 -11.00 18.78 -24.96
N TYR B 257 -12.05 19.01 -24.19
CA TYR B 257 -12.37 18.17 -23.04
C TYR B 257 -12.40 16.70 -23.44
N LEU B 258 -13.09 16.40 -24.53
CA LEU B 258 -13.28 15.02 -24.98
C LEU B 258 -12.04 14.44 -25.62
N LYS B 259 -11.24 15.29 -26.26
CA LYS B 259 -9.93 14.84 -26.67
C LYS B 259 -9.11 14.49 -25.43
N SER B 260 -9.10 15.37 -24.42
CA SER B 260 -8.37 15.10 -23.16
C SER B 260 -8.88 13.85 -22.45
N LEU B 261 -10.18 13.62 -22.54
CA LEU B 261 -10.80 12.47 -21.87
C LEU B 261 -10.41 11.14 -22.54
N GLY B 262 -10.00 11.19 -23.81
CA GLY B 262 -9.49 10.00 -24.52
C GLY B 262 -10.52 9.35 -25.43
N VAL B 263 -11.64 10.03 -25.58
CA VAL B 263 -12.73 9.61 -26.43
C VAL B 263 -12.35 9.90 -27.89
N ASN B 264 -12.67 8.97 -28.78
CA ASN B 264 -12.40 9.18 -30.21
C ASN B 264 -13.64 9.00 -31.09
N ALA B 265 -14.81 8.92 -30.47
CA ALA B 265 -16.05 8.99 -31.21
C ALA B 265 -17.12 9.60 -30.32
N ILE B 266 -17.88 10.53 -30.88
CA ILE B 266 -19.03 11.08 -30.19
C ILE B 266 -20.33 10.63 -30.91
N GLU B 267 -21.21 9.98 -30.16
CA GLU B 267 -22.53 9.64 -30.65
C GLU B 267 -23.54 10.70 -30.25
N LEU B 268 -24.01 11.47 -31.22
CA LEU B 268 -24.92 12.57 -30.92
C LEU B 268 -26.35 12.06 -30.83
N LEU B 269 -27.06 12.47 -29.80
CA LEU B 269 -28.51 12.25 -29.76
C LEU B 269 -29.12 13.02 -30.92
N PRO B 270 -30.37 12.70 -31.27
CA PRO B 270 -30.89 13.15 -32.57
C PRO B 270 -30.72 14.63 -32.90
N VAL B 271 -30.02 14.90 -34.00
CA VAL B 271 -29.84 16.28 -34.47
C VAL B 271 -30.68 16.59 -35.70
N PHE B 272 -31.53 15.66 -36.12
CA PHE B 272 -32.48 15.96 -37.19
C PHE B 272 -33.63 16.75 -36.58
N GLU B 273 -34.07 17.77 -37.30
CA GLU B 273 -35.12 18.67 -36.88
C GLU B 273 -36.22 17.95 -36.11
N PHE B 274 -36.41 18.32 -34.84
CA PHE B 274 -37.55 17.88 -34.06
C PHE B 274 -38.18 19.04 -33.30
N ASN B 275 -39.36 18.79 -32.72
CA ASN B 275 -40.14 19.79 -31.99
C ASN B 275 -40.09 19.54 -30.49
N GLU B 276 -39.21 20.26 -29.80
CA GLU B 276 -39.06 20.15 -28.36
C GLU B 276 -40.33 20.59 -27.59
N LEU B 277 -41.20 21.39 -28.24
CA LEU B 277 -42.53 21.76 -27.68
C LEU B 277 -43.66 20.83 -28.07
N GLU B 278 -43.31 19.72 -28.69
CA GLU B 278 -44.24 18.67 -29.12
C GLU B 278 -45.42 18.44 -28.20
N TYR B 279 -45.15 18.24 -26.91
CA TYR B 279 -46.23 18.05 -25.89
C TYR B 279 -46.05 19.04 -24.73
N TYR B 280 -45.67 20.26 -25.08
CA TYR B 280 -45.41 21.29 -24.09
C TYR B 280 -46.65 21.48 -23.22
N SER B 281 -46.49 21.22 -21.94
CA SER B 281 -47.50 21.52 -20.93
C SER B 281 -46.80 21.53 -19.57
N GLN B 282 -47.44 22.16 -18.61
CA GLN B 282 -46.92 22.17 -17.26
C GLN B 282 -47.00 20.75 -16.72
N ILE B 283 -45.89 20.27 -16.15
CA ILE B 283 -45.86 18.92 -15.59
C ILE B 283 -46.77 18.90 -14.34
N PRO B 284 -47.78 18.01 -14.31
CA PRO B 284 -48.73 17.94 -13.16
C PRO B 284 -48.06 17.78 -11.81
N GLY B 285 -48.38 18.68 -10.87
CA GLY B 285 -47.79 18.68 -9.52
C GLY B 285 -46.41 19.29 -9.46
N SER B 286 -46.17 20.30 -10.29
CA SER B 286 -44.82 20.84 -10.51
C SER B 286 -44.88 22.16 -11.31
N ASP B 287 -43.89 23.03 -11.08
CA ASP B 287 -43.81 24.29 -11.80
C ASP B 287 -42.97 24.20 -13.09
N GLN B 288 -42.53 22.99 -13.43
CA GLN B 288 -41.79 22.75 -14.66
C GLN B 288 -42.68 22.44 -15.86
N TYR B 289 -42.13 22.63 -17.05
CA TYR B 289 -42.83 22.34 -18.29
C TYR B 289 -42.21 21.16 -19.04
N ARG B 290 -43.06 20.40 -19.70
CA ARG B 290 -42.65 19.17 -20.38
C ARG B 290 -42.06 19.40 -21.78
N PHE B 291 -40.75 19.28 -21.91
CA PHE B 291 -40.10 19.31 -23.23
C PHE B 291 -39.91 17.92 -23.77
N ASN B 292 -39.85 17.77 -25.10
CA ASN B 292 -39.23 16.59 -25.70
C ASN B 292 -37.76 16.95 -25.84
N PHE B 293 -36.97 16.59 -24.84
CA PHE B 293 -35.61 17.10 -24.77
C PHE B 293 -34.66 16.35 -25.70
N TRP B 294 -34.67 15.03 -25.58
CA TRP B 294 -33.74 14.15 -26.28
C TRP B 294 -33.87 14.21 -27.82
N GLY B 295 -35.11 14.33 -28.31
CA GLY B 295 -35.35 14.53 -29.75
C GLY B 295 -35.67 13.30 -30.59
N TYR B 296 -36.22 12.25 -29.97
CA TYR B 296 -36.55 11.00 -30.66
C TYR B 296 -37.94 11.08 -31.28
N SER B 297 -38.11 12.05 -32.16
CA SER B 297 -39.40 12.30 -32.78
C SER B 297 -39.17 13.30 -33.88
N THR B 298 -38.84 12.76 -35.04
CA THR B 298 -38.28 13.56 -36.09
C THR B 298 -39.36 14.19 -36.93
N VAL B 299 -39.20 15.48 -37.16
CA VAL B 299 -40.05 16.29 -38.01
C VAL B 299 -39.51 16.24 -39.45
N ASN B 300 -38.23 16.54 -39.61
CA ASN B 300 -37.56 16.46 -40.92
C ASN B 300 -36.19 15.79 -40.81
N TYR B 301 -35.96 14.81 -41.69
CA TYR B 301 -34.77 13.96 -41.62
C TYR B 301 -33.58 14.49 -42.41
N PHE B 302 -33.79 15.51 -43.26
CA PHE B 302 -32.69 16.07 -44.06
C PHE B 302 -32.15 17.37 -43.45
N SER B 303 -32.93 17.99 -42.57
CA SER B 303 -32.55 19.26 -41.97
C SER B 303 -31.95 19.12 -40.56
N PRO B 304 -30.82 19.80 -40.31
CA PRO B 304 -30.31 19.82 -38.95
C PRO B 304 -31.22 20.63 -38.01
N MET B 305 -31.31 20.20 -36.76
CA MET B 305 -32.13 20.88 -35.78
C MET B 305 -31.74 22.35 -35.62
N GLY B 306 -32.64 23.25 -36.02
CA GLY B 306 -32.39 24.69 -36.07
C GLY B 306 -32.21 25.31 -34.70
N ARG B 307 -32.89 24.74 -33.72
CA ARG B 307 -32.87 25.24 -32.35
C ARG B 307 -31.63 24.79 -31.58
N PHE B 308 -30.81 23.93 -32.17
CA PHE B 308 -29.43 23.73 -31.71
C PHE B 308 -28.44 24.71 -32.37
N SER B 309 -28.91 25.58 -33.25
CA SER B 309 -28.01 26.49 -33.99
C SER B 309 -27.98 27.87 -33.34
N ALA B 310 -26.80 28.29 -32.90
CA ALA B 310 -26.60 29.64 -32.38
C ALA B 310 -27.06 30.72 -33.35
N ALA B 311 -26.66 30.56 -34.63
CA ALA B 311 -26.94 31.56 -35.67
C ALA B 311 -28.44 31.78 -35.98
N VAL B 312 -29.16 30.67 -36.18
CA VAL B 312 -30.62 30.71 -36.33
C VAL B 312 -31.30 31.35 -35.10
N GLY B 313 -30.78 31.06 -33.92
CA GLY B 313 -31.23 31.70 -32.69
C GLY B 313 -31.06 33.20 -32.72
N GLN B 314 -30.07 33.69 -33.48
CA GLN B 314 -29.78 35.11 -33.59
C GLN B 314 -30.27 35.74 -34.89
N GLY B 315 -31.15 35.07 -35.61
CA GLY B 315 -31.79 35.66 -36.79
C GLY B 315 -31.16 35.38 -38.14
N ALA B 316 -30.11 34.56 -38.18
CA ALA B 316 -29.50 34.18 -39.45
C ALA B 316 -30.51 33.45 -40.34
N PRO B 317 -30.24 33.39 -41.66
CA PRO B 317 -31.07 32.54 -42.54
C PRO B 317 -31.04 31.09 -42.09
N ALA B 318 -32.13 30.37 -42.36
CA ALA B 318 -32.29 28.97 -41.94
C ALA B 318 -31.15 28.04 -42.37
N ARG B 319 -30.52 28.32 -43.51
CA ARG B 319 -29.36 27.53 -43.98
C ARG B 319 -28.14 27.66 -43.09
N ALA B 320 -28.14 28.62 -42.18
CA ALA B 320 -26.99 28.82 -41.31
C ALA B 320 -26.71 27.62 -40.41
N SER B 321 -27.78 26.92 -40.02
CA SER B 321 -27.61 25.75 -39.16
C SER B 321 -26.79 24.64 -39.88
N CYS B 322 -26.94 24.53 -41.20
CA CYS B 322 -26.17 23.60 -41.99
C CYS B 322 -24.68 23.85 -41.82
N ASP B 323 -24.27 25.11 -41.85
CA ASP B 323 -22.84 25.40 -41.77
C ASP B 323 -22.33 25.32 -40.36
N GLU B 324 -23.22 25.52 -39.39
CA GLU B 324 -22.81 25.41 -38.01
C GLU B 324 -22.54 23.94 -37.67
N PHE B 325 -23.34 23.04 -38.27
CA PHE B 325 -23.11 21.60 -38.05
C PHE B 325 -21.87 21.10 -38.80
N LYS B 326 -21.66 21.57 -40.02
CA LYS B 326 -20.43 21.26 -40.75
C LYS B 326 -19.20 21.71 -39.97
N GLN B 327 -19.28 22.89 -39.38
CA GLN B 327 -18.19 23.37 -38.53
C GLN B 327 -17.91 22.39 -37.39
N LEU B 328 -18.96 21.93 -36.73
CA LEU B 328 -18.82 20.98 -35.62
C LEU B 328 -18.11 19.68 -36.02
N VAL B 329 -18.54 19.07 -37.11
CA VAL B 329 -17.93 17.83 -37.58
C VAL B 329 -16.46 18.06 -37.92
N LYS B 330 -16.19 19.13 -38.64
CA LYS B 330 -14.83 19.51 -39.01
C LYS B 330 -13.92 19.53 -37.79
N GLU B 331 -14.38 20.22 -36.75
CA GLU B 331 -13.66 20.38 -35.49
C GLU B 331 -13.51 19.07 -34.71
N CYS B 332 -14.51 18.19 -34.77
CA CYS B 332 -14.39 16.88 -34.13
C CYS B 332 -13.27 16.08 -34.83
N HIS B 333 -13.27 16.14 -36.15
CA HIS B 333 -12.26 15.46 -36.97
C HIS B 333 -10.85 16.03 -36.74
N ARG B 334 -10.75 17.35 -36.56
CA ARG B 334 -9.45 17.95 -36.22
C ARG B 334 -8.84 17.33 -34.96
N ARG B 335 -9.70 16.91 -34.04
CA ARG B 335 -9.25 16.32 -32.79
C ARG B 335 -9.30 14.80 -32.82
N GLY B 336 -9.38 14.21 -34.01
CA GLY B 336 -9.42 12.74 -34.13
C GLY B 336 -10.68 12.10 -33.53
N ILE B 337 -11.80 12.83 -33.56
CA ILE B 337 -13.07 12.32 -33.05
C ILE B 337 -14.10 12.13 -34.17
N GLU B 338 -14.59 10.90 -34.29
CA GLU B 338 -15.63 10.57 -35.25
C GLU B 338 -16.97 11.05 -34.74
N VAL B 339 -17.90 11.27 -35.67
CA VAL B 339 -19.27 11.66 -35.34
C VAL B 339 -20.26 10.58 -35.76
N ILE B 340 -20.97 10.01 -34.78
CA ILE B 340 -21.99 9.01 -35.06
C ILE B 340 -23.31 9.68 -34.75
N LEU B 341 -24.22 9.71 -35.73
CA LEU B 341 -25.56 10.23 -35.53
C LEU B 341 -26.56 9.14 -35.13
N ASP B 342 -27.25 9.42 -34.05
CA ASP B 342 -28.39 8.68 -33.59
C ASP B 342 -29.55 9.06 -34.53
N VAL B 343 -30.20 8.07 -35.16
CA VAL B 343 -31.26 8.33 -36.16
C VAL B 343 -32.51 7.51 -35.91
N VAL B 344 -33.66 8.10 -36.26
CA VAL B 344 -34.93 7.56 -35.84
C VAL B 344 -35.88 7.38 -37.01
N PHE B 345 -35.64 6.32 -37.80
CA PHE B 345 -36.43 6.05 -38.98
C PHE B 345 -37.56 5.08 -38.72
N ASN B 346 -37.87 4.81 -37.45
CA ASN B 346 -38.89 3.82 -37.13
C ASN B 346 -40.27 4.43 -36.94
N HIS B 347 -40.30 5.73 -36.65
CA HIS B 347 -41.52 6.49 -36.47
C HIS B 347 -41.22 7.99 -36.71
N THR B 348 -42.28 8.80 -36.85
CA THR B 348 -42.14 10.26 -37.05
C THR B 348 -42.92 11.07 -36.02
N ALA B 349 -42.73 12.38 -36.05
CA ALA B 349 -43.41 13.29 -35.09
C ALA B 349 -44.90 13.51 -35.40
N GLU B 350 -45.40 12.93 -36.49
CA GLU B 350 -46.80 13.12 -36.86
C GLU B 350 -47.75 12.26 -36.00
N GLY B 351 -47.20 11.31 -35.26
CA GLY B 351 -48.00 10.48 -34.36
C GLY B 351 -49.01 9.65 -35.13
N ASN B 352 -50.05 9.21 -34.45
CA ASN B 352 -51.17 8.59 -35.15
C ASN B 352 -52.13 9.67 -35.69
N GLU B 353 -53.38 9.31 -35.95
CA GLU B 353 -54.39 10.21 -36.56
C GLU B 353 -54.71 11.47 -35.76
N ARG B 354 -54.42 11.43 -34.45
CA ARG B 354 -54.69 12.54 -33.58
C ARG B 354 -53.49 13.49 -33.49
N GLY B 355 -52.40 13.15 -34.18
CA GLY B 355 -51.23 14.03 -34.23
C GLY B 355 -51.31 15.01 -35.38
N PRO B 356 -50.26 15.83 -35.56
CA PRO B 356 -50.27 16.90 -36.54
C PRO B 356 -49.88 16.46 -37.95
N THR B 357 -50.49 17.08 -38.95
CA THR B 357 -50.10 16.89 -40.34
C THR B 357 -49.06 17.95 -40.68
N ILE B 358 -47.81 17.51 -40.69
CA ILE B 358 -46.66 18.38 -40.96
C ILE B 358 -45.99 18.07 -42.31
N SER B 359 -45.96 16.80 -42.71
CA SER B 359 -45.24 16.36 -43.90
C SER B 359 -45.86 15.09 -44.53
N PHE B 360 -45.36 13.92 -44.13
CA PHE B 360 -45.67 12.65 -44.81
C PHE B 360 -47.15 12.37 -44.90
N ARG B 361 -47.89 12.61 -43.81
CA ARG B 361 -49.30 12.25 -43.75
C ARG B 361 -50.11 12.96 -44.82
N GLY B 362 -49.76 14.22 -45.10
CA GLY B 362 -50.47 15.03 -46.11
C GLY B 362 -49.92 14.97 -47.53
N LEU B 363 -48.76 14.32 -47.69
CA LEU B 363 -48.18 14.09 -49.01
C LEU B 363 -48.74 12.77 -49.57
N ASP B 364 -48.52 11.70 -48.81
CA ASP B 364 -48.94 10.36 -49.18
C ASP B 364 -48.88 9.46 -47.94
N ASN B 365 -49.97 9.46 -47.18
CA ASN B 365 -50.07 8.66 -45.97
C ASN B 365 -49.97 7.14 -46.26
N ARG B 366 -50.46 6.70 -47.41
CA ARG B 366 -50.49 5.27 -47.75
C ARG B 366 -49.09 4.71 -48.07
N VAL B 367 -48.23 5.57 -48.60
CA VAL B 367 -46.86 5.16 -48.89
C VAL B 367 -45.99 5.21 -47.64
N TYR B 368 -46.02 6.32 -46.90
CA TYR B 368 -45.02 6.58 -45.86
C TYR B 368 -45.20 5.82 -44.54
N TYR B 369 -46.43 5.45 -44.20
CA TYR B 369 -46.70 4.84 -42.88
C TYR B 369 -47.26 3.44 -42.99
N MET B 370 -46.92 2.60 -42.03
CA MET B 370 -47.46 1.26 -41.91
C MET B 370 -48.92 1.31 -41.47
N LEU B 371 -49.84 0.92 -42.35
CA LEU B 371 -51.28 1.01 -42.10
C LEU B 371 -51.98 -0.32 -42.27
N ALA B 372 -53.04 -0.55 -41.49
CA ALA B 372 -53.96 -1.67 -41.70
C ALA B 372 -55.04 -1.24 -42.71
N PRO B 373 -55.83 -2.19 -43.22
CA PRO B 373 -56.77 -1.92 -44.32
C PRO B 373 -57.81 -0.85 -44.02
N GLY B 374 -58.10 -0.60 -42.74
CA GLY B 374 -58.97 0.50 -42.35
C GLY B 374 -58.26 1.85 -42.27
N GLY B 375 -56.94 1.84 -42.35
CA GLY B 375 -56.17 3.06 -42.25
C GLY B 375 -55.57 3.26 -40.87
N GLU B 376 -55.78 2.31 -39.97
CA GLU B 376 -55.21 2.37 -38.64
C GLU B 376 -53.69 2.23 -38.71
N TYR B 377 -53.01 2.90 -37.80
CA TYR B 377 -51.57 2.95 -37.81
C TYR B 377 -51.01 1.81 -36.99
N TYR B 378 -50.22 0.95 -37.60
CA TYR B 378 -49.45 -0.01 -36.82
C TYR B 378 -48.52 0.78 -35.88
N ASN B 379 -48.29 0.24 -34.69
CA ASN B 379 -47.58 0.97 -33.66
C ASN B 379 -46.50 0.14 -33.02
N TYR B 380 -45.61 -0.37 -33.85
CA TYR B 380 -44.47 -1.17 -33.36
C TYR B 380 -43.44 -0.29 -32.67
N SER B 381 -43.49 1.01 -32.96
CA SER B 381 -42.60 2.00 -32.36
C SER B 381 -43.03 2.38 -30.97
N GLY B 382 -44.28 2.11 -30.63
CA GLY B 382 -44.81 2.55 -29.36
C GLY B 382 -45.06 4.05 -29.29
N CYS B 383 -45.00 4.73 -30.43
CA CYS B 383 -45.06 6.20 -30.48
C CYS B 383 -46.28 6.78 -31.19
N GLY B 384 -47.05 5.93 -31.87
CA GLY B 384 -48.26 6.39 -32.55
C GLY B 384 -48.27 5.96 -34.00
N ASN B 385 -47.13 6.08 -34.65
CA ASN B 385 -46.97 5.55 -35.99
C ASN B 385 -45.69 4.76 -36.17
N THR B 386 -45.67 3.99 -37.25
CA THR B 386 -44.54 3.22 -37.65
C THR B 386 -44.27 3.56 -39.12
N LEU B 387 -43.07 4.03 -39.39
CA LEU B 387 -42.70 4.34 -40.76
C LEU B 387 -42.70 3.07 -41.63
N ASN B 388 -43.07 3.21 -42.89
CA ASN B 388 -43.25 2.09 -43.85
C ASN B 388 -41.88 1.74 -44.49
N CYS B 389 -40.93 1.36 -43.64
CA CYS B 389 -39.50 1.37 -44.00
C CYS B 389 -39.13 0.66 -45.30
N ASN B 390 -39.77 -0.47 -45.59
CA ASN B 390 -39.36 -1.30 -46.72
C ASN B 390 -40.18 -1.08 -47.97
N GLN B 391 -41.19 -0.20 -47.94
CA GLN B 391 -41.85 0.13 -49.19
C GLN B 391 -40.89 1.01 -49.99
N PRO B 392 -40.89 0.85 -51.33
CA PRO B 392 -39.75 1.28 -52.18
C PRO B 392 -39.34 2.74 -52.13
N VAL B 393 -40.31 3.65 -52.23
CA VAL B 393 -40.08 5.09 -52.10
C VAL B 393 -39.54 5.45 -50.72
N VAL B 394 -40.03 4.77 -49.70
CA VAL B 394 -39.55 5.00 -48.35
C VAL B 394 -38.07 4.54 -48.24
N ARG B 395 -37.78 3.34 -48.73
CA ARG B 395 -36.40 2.84 -48.76
C ARG B 395 -35.45 3.83 -49.37
N GLN B 396 -35.88 4.38 -50.50
CA GLN B 396 -35.09 5.34 -51.24
C GLN B 396 -34.90 6.63 -50.41
N PHE B 397 -35.94 7.03 -49.69
CA PHE B 397 -35.90 8.25 -48.87
C PHE B 397 -34.82 8.10 -47.80
N ILE B 398 -34.92 7.01 -47.04
CA ILE B 398 -34.01 6.72 -45.93
C ILE B 398 -32.56 6.61 -46.39
N LEU B 399 -32.33 5.85 -47.45
CA LEU B 399 -31.02 5.74 -48.06
C LEU B 399 -30.49 7.10 -48.53
N ASP B 400 -31.32 7.86 -49.23
CA ASP B 400 -30.94 9.21 -49.65
C ASP B 400 -30.57 10.05 -48.43
N CYS B 401 -31.31 9.87 -47.35
CA CYS B 401 -31.04 10.62 -46.12
C CYS B 401 -29.66 10.28 -45.56
N LEU B 402 -29.33 9.00 -45.50
CA LEU B 402 -28.05 8.59 -44.96
C LEU B 402 -26.92 9.10 -45.84
N LYS B 403 -27.05 8.94 -47.14
CA LYS B 403 -26.02 9.41 -48.05
C LYS B 403 -25.86 10.91 -47.98
N HIS B 404 -26.96 11.63 -47.83
CA HIS B 404 -26.94 13.07 -47.66
C HIS B 404 -26.03 13.44 -46.49
N TRP B 405 -26.24 12.79 -45.34
CA TRP B 405 -25.51 13.17 -44.14
C TRP B 405 -24.02 12.81 -44.24
N VAL B 406 -23.72 11.67 -44.85
CA VAL B 406 -22.33 11.31 -45.15
C VAL B 406 -21.68 12.29 -46.15
N THR B 407 -22.28 12.46 -47.32
CA THR B 407 -21.70 13.31 -48.37
C THR B 407 -21.64 14.79 -48.00
N GLU B 408 -22.76 15.36 -47.57
CA GLU B 408 -22.83 16.78 -47.21
C GLU B 408 -22.21 17.14 -45.86
N TYR B 409 -22.39 16.29 -44.85
CA TYR B 409 -21.93 16.62 -43.49
C TYR B 409 -20.70 15.81 -43.01
N HIS B 410 -20.20 14.89 -43.83
CA HIS B 410 -18.95 14.13 -43.53
C HIS B 410 -19.05 13.29 -42.25
N VAL B 411 -20.26 12.86 -41.94
CA VAL B 411 -20.55 12.09 -40.73
C VAL B 411 -19.97 10.65 -40.83
N ASP B 412 -19.53 10.10 -39.69
CA ASP B 412 -18.81 8.80 -39.69
C ASP B 412 -19.66 7.57 -39.40
N GLY B 413 -20.84 7.75 -38.82
CA GLY B 413 -21.68 6.60 -38.52
C GLY B 413 -23.10 6.94 -38.13
N PHE B 414 -23.93 5.90 -38.06
CA PHE B 414 -25.32 6.04 -37.67
C PHE B 414 -25.67 4.98 -36.64
N ARG B 415 -26.37 5.38 -35.60
CA ARG B 415 -26.99 4.43 -34.69
C ARG B 415 -28.48 4.51 -34.93
N PHE B 416 -29.07 3.37 -35.28
CA PHE B 416 -30.46 3.32 -35.64
C PHE B 416 -31.32 2.95 -34.45
N ASP B 417 -32.17 3.88 -34.06
CA ASP B 417 -33.10 3.67 -32.98
C ASP B 417 -34.16 2.65 -33.40
N LEU B 418 -34.49 1.74 -32.48
CA LEU B 418 -35.43 0.66 -32.74
C LEU B 418 -35.28 0.02 -34.14
N ALA B 419 -34.10 -0.54 -34.39
CA ALA B 419 -33.71 -1.02 -35.74
C ALA B 419 -34.55 -2.18 -36.25
N SER B 420 -35.09 -2.96 -35.33
CA SER B 420 -35.97 -4.08 -35.69
C SER B 420 -37.11 -3.69 -36.62
N ILE B 421 -37.60 -2.46 -36.47
CA ILE B 421 -38.70 -1.94 -37.29
C ILE B 421 -38.28 -1.89 -38.76
N LEU B 422 -37.01 -1.65 -39.02
CA LEU B 422 -36.47 -1.58 -40.37
C LEU B 422 -36.33 -2.96 -41.05
N THR B 423 -36.61 -4.03 -40.30
CA THR B 423 -36.62 -5.37 -40.88
C THR B 423 -38.03 -5.85 -41.22
N ARG B 424 -39.05 -5.08 -40.84
CA ARG B 424 -40.44 -5.53 -40.99
C ARG B 424 -41.02 -5.23 -42.36
N ALA B 425 -41.86 -6.15 -42.85
CA ALA B 425 -42.47 -6.03 -44.16
C ALA B 425 -43.50 -4.92 -44.12
N HIS B 426 -43.59 -4.15 -45.20
CA HIS B 426 -44.45 -2.97 -45.27
C HIS B 426 -45.91 -3.29 -45.60
N SER B 427 -46.73 -2.25 -45.71
CA SER B 427 -48.13 -2.38 -46.15
C SER B 427 -48.28 -1.73 -47.52
N ALA B 428 -48.88 -2.49 -48.45
CA ALA B 428 -49.08 -2.04 -49.83
C ALA B 428 -50.55 -1.80 -50.15
N TRP B 429 -50.78 -0.81 -51.02
CA TRP B 429 -52.10 -0.48 -51.54
C TRP B 429 -52.00 -0.46 -53.04
N HIS B 430 -53.07 -0.90 -53.72
CA HIS B 430 -53.14 -0.77 -55.16
C HIS B 430 -53.12 0.72 -55.56
N PRO B 431 -52.53 1.03 -56.73
CA PRO B 431 -52.62 2.38 -57.29
C PRO B 431 -54.07 2.80 -57.49
N GLN B 432 -54.36 4.09 -57.31
CA GLN B 432 -55.74 4.61 -57.46
C GLN B 432 -56.25 4.49 -58.90
N GLN B 433 -57.44 3.90 -59.05
CA GLN B 433 -58.10 3.76 -60.35
C GLN B 433 -58.91 5.00 -60.64
N TYR B 434 -58.87 5.48 -61.88
CA TYR B 434 -59.73 6.59 -62.29
C TYR B 434 -60.62 6.19 -63.45
N ASP B 435 -61.88 6.63 -63.39
CA ASP B 435 -62.81 6.39 -64.50
C ASP B 435 -62.39 7.29 -65.68
N GLN B 436 -62.28 6.67 -66.86
CA GLN B 436 -61.89 7.38 -68.08
C GLN B 436 -63.07 8.20 -68.59
N GLU B 437 -64.28 7.65 -68.42
CA GLU B 437 -65.52 8.36 -68.72
C GLU B 437 -65.71 9.56 -67.77
N THR B 438 -65.99 9.29 -66.50
CA THR B 438 -66.22 10.37 -65.52
C THR B 438 -65.00 11.28 -65.32
N GLY B 439 -63.80 10.75 -65.56
CA GLY B 439 -62.57 11.41 -65.10
C GLY B 439 -62.35 11.18 -63.61
N GLN B 440 -63.31 10.49 -62.97
CA GLN B 440 -63.43 10.49 -61.50
C GLN B 440 -62.76 9.27 -60.83
N ARG B 441 -62.43 9.45 -59.54
CA ARG B 441 -61.82 8.39 -58.74
C ARG B 441 -62.81 7.23 -58.53
N VAL B 442 -62.30 6.01 -58.59
CA VAL B 442 -63.12 4.80 -58.52
C VAL B 442 -62.75 4.05 -57.24
N ALA B 443 -63.76 3.81 -56.40
CA ALA B 443 -63.58 3.08 -55.15
C ALA B 443 -63.17 1.65 -55.45
N MET B 444 -62.35 1.07 -54.58
CA MET B 444 -61.90 -0.30 -54.78
C MET B 444 -62.22 -1.17 -53.60
N SER B 445 -62.27 -2.47 -53.86
CA SER B 445 -62.43 -3.49 -52.82
C SER B 445 -61.41 -3.28 -51.71
N SER B 446 -61.87 -3.35 -50.47
CA SER B 446 -61.03 -3.14 -49.27
C SER B 446 -60.30 -1.79 -49.27
N GLY B 447 -60.86 -0.82 -49.98
CA GLY B 447 -60.22 0.47 -50.16
C GLY B 447 -58.93 0.40 -50.95
N GLY B 448 -58.69 -0.74 -51.59
CA GLY B 448 -57.45 -0.95 -52.35
C GLY B 448 -56.30 -1.51 -51.55
N ALA B 449 -56.52 -1.80 -50.27
CA ALA B 449 -55.53 -2.52 -49.48
C ALA B 449 -55.28 -3.92 -50.07
N ILE B 450 -54.02 -4.31 -50.16
CA ILE B 450 -53.66 -5.59 -50.76
C ILE B 450 -53.66 -6.63 -49.65
N VAL B 451 -54.74 -7.38 -49.53
CA VAL B 451 -55.01 -8.21 -48.35
C VAL B 451 -54.93 -9.70 -48.62
N THR B 452 -54.90 -10.48 -47.55
CA THR B 452 -55.01 -11.92 -47.64
C THR B 452 -56.49 -12.23 -47.76
N ALA B 453 -56.84 -13.48 -47.95
CA ALA B 453 -58.24 -13.89 -48.05
C ALA B 453 -58.99 -13.63 -46.73
N GLU B 454 -58.24 -13.51 -45.63
CA GLU B 454 -58.82 -13.22 -44.34
C GLU B 454 -58.77 -11.71 -44.06
N GLY B 455 -58.46 -10.91 -45.08
CA GLY B 455 -58.40 -9.46 -44.94
C GLY B 455 -57.20 -8.89 -44.20
N ILE B 456 -56.15 -9.69 -43.97
CA ILE B 456 -54.95 -9.20 -43.28
C ILE B 456 -54.06 -8.43 -44.27
N MET B 457 -53.58 -7.26 -43.85
CA MET B 457 -52.73 -6.43 -44.69
C MET B 457 -51.43 -7.14 -45.05
N THR B 458 -50.93 -6.79 -46.22
CA THR B 458 -49.86 -7.50 -46.85
C THR B 458 -48.95 -6.45 -47.51
N ASP B 459 -47.72 -6.83 -47.85
CA ASP B 459 -46.77 -5.94 -48.55
C ASP B 459 -46.86 -5.95 -50.09
N GLY B 460 -47.80 -6.69 -50.64
CA GLY B 460 -48.01 -6.79 -52.08
C GLY B 460 -47.35 -8.00 -52.71
N ALA B 461 -46.35 -8.54 -52.02
CA ALA B 461 -45.54 -9.66 -52.50
C ALA B 461 -45.70 -10.88 -51.61
N GLY B 462 -46.82 -10.95 -50.89
CA GLY B 462 -47.20 -12.16 -50.15
C GLY B 462 -46.80 -12.21 -48.69
N VAL B 463 -46.13 -11.19 -48.20
CA VAL B 463 -45.67 -11.17 -46.82
C VAL B 463 -46.64 -10.35 -46.00
N PRO B 464 -47.17 -10.92 -44.91
CA PRO B 464 -48.04 -10.08 -44.08
C PRO B 464 -47.28 -8.91 -43.48
N THR B 465 -47.92 -7.74 -43.54
CA THR B 465 -47.35 -6.52 -43.05
C THR B 465 -46.93 -6.68 -41.59
N GLY B 466 -45.72 -6.18 -41.28
CA GLY B 466 -45.12 -6.33 -39.96
C GLY B 466 -44.15 -7.51 -39.81
N TYR B 467 -44.24 -8.49 -40.69
CA TYR B 467 -43.40 -9.71 -40.58
C TYR B 467 -41.92 -9.36 -40.67
N PRO B 468 -41.12 -9.82 -39.69
CA PRO B 468 -39.66 -9.51 -39.74
C PRO B 468 -38.91 -10.33 -40.78
N LEU B 469 -38.20 -9.63 -41.68
CA LEU B 469 -37.58 -10.25 -42.84
C LEU B 469 -36.12 -10.67 -42.59
N ALA B 470 -35.77 -11.88 -43.00
CA ALA B 470 -34.37 -12.32 -43.04
C ALA B 470 -33.53 -11.41 -43.92
N ASP B 471 -34.14 -10.92 -44.99
CA ASP B 471 -33.42 -10.17 -46.00
C ASP B 471 -34.14 -8.85 -46.34
N PRO B 472 -34.23 -7.91 -45.37
CA PRO B 472 -34.96 -6.67 -45.64
C PRO B 472 -34.23 -5.79 -46.65
N PRO B 473 -34.93 -5.33 -47.69
CA PRO B 473 -34.26 -4.58 -48.75
C PRO B 473 -33.58 -3.32 -48.26
N LEU B 474 -34.23 -2.56 -47.38
CA LEU B 474 -33.64 -1.36 -46.80
C LEU B 474 -32.28 -1.65 -46.17
N VAL B 475 -32.22 -2.68 -45.33
CA VAL B 475 -31.01 -3.01 -44.58
C VAL B 475 -29.92 -3.50 -45.53
N GLU B 476 -30.31 -4.26 -46.54
CA GLU B 476 -29.38 -4.70 -47.58
C GLU B 476 -28.83 -3.48 -48.31
N SER B 477 -29.71 -2.60 -48.75
CA SER B 477 -29.30 -1.35 -49.40
C SER B 477 -28.34 -0.52 -48.55
N ILE B 478 -28.67 -0.34 -47.27
CA ILE B 478 -27.78 0.41 -46.37
C ILE B 478 -26.42 -0.27 -46.27
N SER B 479 -26.46 -1.59 -46.13
CA SER B 479 -25.25 -2.38 -45.96
C SER B 479 -24.35 -2.41 -47.19
N GLU B 480 -24.93 -2.27 -48.38
CA GLU B 480 -24.17 -2.47 -49.60
C GLU B 480 -23.95 -1.22 -50.46
N ASP B 481 -24.63 -0.11 -50.14
CA ASP B 481 -24.46 1.07 -50.96
C ASP B 481 -23.00 1.56 -50.90
N PRO B 482 -22.39 1.83 -52.06
CA PRO B 482 -20.98 2.22 -52.09
C PRO B 482 -20.68 3.56 -51.41
N VAL B 483 -21.61 4.51 -51.47
CA VAL B 483 -21.43 5.78 -50.75
C VAL B 483 -21.32 5.55 -49.24
N LEU B 484 -21.98 4.51 -48.73
CA LEU B 484 -21.98 4.22 -47.29
C LEU B 484 -20.98 3.14 -46.87
N ARG B 485 -20.18 2.63 -47.80
CA ARG B 485 -19.39 1.43 -47.53
C ARG B 485 -18.43 1.57 -46.33
N ASN B 486 -17.84 2.75 -46.12
CA ASN B 486 -16.98 3.01 -44.94
C ASN B 486 -17.71 3.74 -43.82
N THR B 487 -19.04 3.64 -43.80
CA THR B 487 -19.84 4.29 -42.77
C THR B 487 -20.27 3.21 -41.79
N LYS B 488 -20.02 3.47 -40.50
CA LYS B 488 -20.37 2.53 -39.43
C LYS B 488 -21.87 2.52 -39.17
N MET B 489 -22.41 1.32 -39.00
CA MET B 489 -23.83 1.13 -38.78
C MET B 489 -24.04 0.36 -37.47
N ILE B 490 -24.85 0.94 -36.59
CA ILE B 490 -25.09 0.36 -35.28
C ILE B 490 -26.58 0.18 -35.06
N ALA B 491 -27.00 -1.02 -34.73
CA ALA B 491 -28.40 -1.31 -34.50
C ALA B 491 -28.72 -1.35 -33.02
N GLU B 492 -29.84 -0.73 -32.64
CA GLU B 492 -30.52 -1.09 -31.40
C GLU B 492 -31.56 -2.14 -31.81
N ALA B 493 -31.15 -3.42 -31.73
CA ALA B 493 -31.87 -4.53 -32.37
C ALA B 493 -33.10 -5.04 -31.61
N TRP B 494 -34.05 -4.15 -31.37
CA TRP B 494 -35.34 -4.53 -30.83
C TRP B 494 -36.34 -3.44 -31.16
N ASP B 495 -37.62 -3.72 -30.96
CA ASP B 495 -38.64 -2.70 -31.06
C ASP B 495 -39.55 -2.80 -29.85
N CYS B 496 -40.63 -2.02 -29.85
CA CYS B 496 -41.53 -1.95 -28.70
C CYS B 496 -42.63 -2.99 -28.72
N ASP B 497 -42.62 -3.89 -29.69
CA ASP B 497 -43.61 -4.95 -29.74
C ASP B 497 -42.99 -6.28 -29.37
N GLY B 498 -41.86 -6.25 -28.67
CA GLY B 498 -41.21 -7.47 -28.17
C GLY B 498 -40.34 -8.20 -29.17
N LEU B 499 -40.26 -7.71 -30.41
CA LEU B 499 -39.30 -8.24 -31.36
C LEU B 499 -37.91 -7.87 -30.87
N ASN B 500 -37.07 -8.89 -30.77
CA ASN B 500 -35.71 -8.70 -30.29
C ASN B 500 -34.78 -9.52 -31.14
N GLN B 501 -33.81 -8.88 -31.79
CA GLN B 501 -32.96 -9.56 -32.77
C GLN B 501 -31.47 -9.57 -32.38
N VAL B 502 -31.17 -9.32 -31.10
CA VAL B 502 -29.78 -9.13 -30.66
C VAL B 502 -28.98 -10.37 -30.98
N GLY B 503 -27.77 -10.19 -31.51
CA GLY B 503 -26.94 -11.31 -31.97
C GLY B 503 -27.28 -11.83 -33.35
N ALA B 504 -28.35 -11.34 -33.97
CA ALA B 504 -28.70 -11.75 -35.33
C ALA B 504 -29.50 -10.71 -36.08
N PHE B 505 -29.07 -9.46 -35.95
CA PHE B 505 -29.63 -8.42 -36.78
C PHE B 505 -29.13 -8.75 -38.18
N PRO B 506 -29.96 -8.52 -39.21
CA PRO B 506 -29.42 -8.81 -40.54
C PRO B 506 -28.30 -7.85 -40.83
N HIS B 507 -27.07 -8.39 -40.93
CA HIS B 507 -25.89 -7.54 -40.88
C HIS B 507 -24.98 -7.59 -42.11
N TYR B 508 -25.40 -8.34 -43.12
CA TYR B 508 -24.72 -8.38 -44.42
C TYR B 508 -23.20 -8.37 -44.31
N GLY B 509 -22.67 -9.44 -43.72
CA GLY B 509 -21.23 -9.70 -43.71
C GLY B 509 -20.38 -8.83 -42.79
N GLY B 510 -20.84 -8.59 -41.58
CA GLY B 510 -20.13 -7.81 -40.60
C GLY B 510 -20.32 -6.30 -40.67
N ARG B 511 -21.33 -5.82 -41.42
CA ARG B 511 -21.50 -4.36 -41.62
C ARG B 511 -22.20 -3.67 -40.43
N TRP B 512 -22.70 -4.44 -39.47
CA TRP B 512 -23.45 -3.87 -38.35
C TRP B 512 -22.99 -4.37 -36.98
N SER B 513 -22.83 -3.42 -36.05
CA SER B 513 -22.70 -3.71 -34.64
C SER B 513 -24.06 -3.55 -34.01
N GLU B 514 -24.20 -3.92 -32.75
CA GLU B 514 -25.47 -3.84 -32.03
C GLU B 514 -25.25 -3.35 -30.61
N TRP B 515 -26.09 -2.43 -30.15
CA TRP B 515 -26.20 -2.16 -28.73
C TRP B 515 -26.39 -3.48 -27.99
N ASN B 516 -25.49 -3.79 -27.07
CA ASN B 516 -25.51 -5.07 -26.32
C ASN B 516 -26.12 -4.89 -24.93
N GLY B 517 -27.42 -5.12 -24.82
CA GLY B 517 -28.17 -4.90 -23.59
C GLY B 517 -27.95 -6.00 -22.56
N LYS B 518 -27.64 -7.20 -23.06
CA LYS B 518 -27.16 -8.28 -22.22
C LYS B 518 -25.87 -7.85 -21.47
N PHE B 519 -24.93 -7.20 -22.15
CA PHE B 519 -23.71 -6.71 -21.48
C PHE B 519 -24.07 -5.81 -20.32
N ARG B 520 -25.00 -4.89 -20.56
CA ARG B 520 -25.41 -3.95 -19.52
C ARG B 520 -25.94 -4.70 -18.28
N ASP B 521 -26.90 -5.60 -18.49
CA ASP B 521 -27.56 -6.28 -17.36
C ASP B 521 -26.63 -7.23 -16.63
N VAL B 522 -25.76 -7.89 -17.39
CA VAL B 522 -24.81 -8.83 -16.84
C VAL B 522 -23.83 -8.13 -15.92
N VAL B 523 -23.24 -7.05 -16.41
CA VAL B 523 -22.23 -6.31 -15.67
C VAL B 523 -22.87 -5.72 -14.40
N ARG B 524 -24.08 -5.18 -14.51
CA ARG B 524 -24.75 -4.63 -13.33
C ARG B 524 -25.06 -5.69 -12.28
N ASN B 525 -25.49 -6.85 -12.70
CA ASN B 525 -25.80 -7.91 -11.75
C ASN B 525 -24.54 -8.45 -11.09
N PHE B 526 -23.52 -8.77 -11.90
CA PHE B 526 -22.31 -9.36 -11.37
C PHE B 526 -21.60 -8.43 -10.40
N ILE B 527 -21.48 -7.15 -10.76
CA ILE B 527 -20.69 -6.23 -9.98
C ILE B 527 -21.34 -5.82 -8.68
N LYS B 528 -22.66 -5.78 -8.61
CA LYS B 528 -23.30 -5.52 -7.31
C LYS B 528 -23.22 -6.73 -6.37
N GLY B 529 -22.89 -7.90 -6.93
CA GLY B 529 -22.83 -9.13 -6.15
C GLY B 529 -24.20 -9.78 -6.09
N THR B 530 -24.44 -10.74 -6.99
CA THR B 530 -25.76 -11.34 -7.18
C THR B 530 -25.62 -12.83 -7.51
N ASP B 531 -26.34 -13.70 -6.78
CA ASP B 531 -26.36 -15.14 -7.10
C ASP B 531 -27.05 -15.41 -8.44
N GLY B 532 -26.60 -16.44 -9.13
CA GLY B 532 -27.13 -16.80 -10.45
C GLY B 532 -25.98 -17.17 -11.36
N PRO B 533 -26.14 -17.02 -12.69
CA PRO B 533 -25.10 -17.40 -13.64
C PRO B 533 -24.18 -16.24 -14.03
N TRP B 534 -24.09 -15.24 -13.17
CA TRP B 534 -23.53 -13.95 -13.56
C TRP B 534 -22.01 -13.98 -13.76
N ALA B 535 -21.32 -14.86 -13.06
CA ALA B 535 -19.86 -15.01 -13.23
C ALA B 535 -19.50 -15.48 -14.65
N GLY B 536 -20.09 -16.59 -15.07
CA GLY B 536 -19.90 -17.12 -16.44
C GLY B 536 -20.30 -16.10 -17.48
N ASP B 537 -21.51 -15.55 -17.32
CA ASP B 537 -22.03 -14.50 -18.22
C ASP B 537 -21.11 -13.27 -18.29
N PHE B 538 -20.47 -12.95 -17.16
CA PHE B 538 -19.54 -11.81 -17.10
C PHE B 538 -18.24 -12.11 -17.84
N ALA B 539 -17.68 -13.31 -17.62
CA ALA B 539 -16.47 -13.73 -18.35
C ALA B 539 -16.69 -13.65 -19.86
N SER B 540 -17.83 -14.14 -20.31
CA SER B 540 -18.25 -13.99 -21.71
C SER B 540 -18.29 -12.54 -22.19
N ALA B 541 -18.79 -11.64 -21.34
CA ALA B 541 -18.88 -10.21 -21.68
C ALA B 541 -17.51 -9.60 -21.83
N ILE B 542 -16.58 -10.02 -20.98
CA ILE B 542 -15.19 -9.58 -21.11
C ILE B 542 -14.67 -9.95 -22.49
N CYS B 543 -15.06 -11.13 -22.97
CA CYS B 543 -14.56 -11.64 -24.26
C CYS B 543 -15.22 -11.02 -25.49
N GLY B 544 -16.18 -10.12 -25.32
CA GLY B 544 -16.88 -9.51 -26.46
C GLY B 544 -18.20 -10.20 -26.77
N SER B 545 -18.69 -10.96 -25.79
CA SER B 545 -19.96 -11.64 -25.85
C SER B 545 -20.12 -12.61 -27.03
N PRO B 546 -19.17 -13.54 -27.21
CA PRO B 546 -19.25 -14.57 -28.25
C PRO B 546 -20.46 -15.48 -28.07
N ASN B 547 -20.90 -15.62 -26.82
CA ASN B 547 -22.14 -16.33 -26.51
C ASN B 547 -23.35 -15.72 -27.20
N ILE B 548 -23.23 -14.47 -27.65
CA ILE B 548 -24.30 -13.76 -28.33
C ILE B 548 -24.02 -13.61 -29.81
N TYR B 549 -22.79 -13.23 -30.18
CA TYR B 549 -22.47 -12.86 -31.57
C TYR B 549 -21.84 -13.98 -32.40
N ALA B 550 -21.28 -14.99 -31.75
CA ALA B 550 -20.74 -16.16 -32.43
C ALA B 550 -21.41 -17.43 -31.94
N ASN B 551 -22.67 -17.32 -31.54
CA ASN B 551 -23.43 -18.46 -31.05
C ASN B 551 -24.28 -19.04 -32.16
N ASN B 552 -24.11 -20.34 -32.44
CA ASN B 552 -24.92 -21.02 -33.45
C ASN B 552 -25.73 -22.15 -32.82
N THR B 553 -26.43 -21.82 -31.74
CA THR B 553 -27.34 -22.75 -31.08
C THR B 553 -28.41 -21.94 -30.32
N PRO B 554 -29.37 -21.36 -31.06
CA PRO B 554 -30.43 -20.54 -30.48
C PRO B 554 -31.37 -21.28 -29.51
N HIS B 555 -31.99 -20.53 -28.61
CA HIS B 555 -32.99 -21.07 -27.69
C HIS B 555 -34.15 -21.68 -28.46
N GLU B 556 -34.72 -22.76 -27.94
CA GLU B 556 -35.81 -23.46 -28.61
C GLU B 556 -37.01 -22.53 -28.87
N THR B 557 -37.25 -21.56 -27.99
CA THR B 557 -38.42 -20.67 -28.09
C THR B 557 -38.21 -19.39 -28.91
N ASP B 558 -36.96 -18.97 -29.12
CA ASP B 558 -36.69 -17.73 -29.86
C ASP B 558 -37.02 -17.87 -31.35
N TRP B 559 -38.18 -17.34 -31.75
CA TRP B 559 -38.65 -17.47 -33.12
C TRP B 559 -37.66 -16.86 -34.12
N TRP B 560 -37.21 -15.64 -33.86
CA TRP B 560 -36.38 -14.95 -34.82
C TRP B 560 -35.08 -15.68 -35.08
N ALA B 561 -34.41 -16.05 -34.01
CA ALA B 561 -33.11 -16.72 -34.10
C ALA B 561 -33.23 -18.09 -34.76
N ASN B 562 -34.38 -18.72 -34.63
CA ASN B 562 -34.62 -20.04 -35.21
C ASN B 562 -35.00 -19.97 -36.68
N ASN B 563 -35.44 -18.81 -37.15
CA ASN B 563 -35.96 -18.65 -38.50
C ASN B 563 -35.22 -17.53 -39.26
N GLY B 564 -35.84 -16.35 -39.38
CA GLY B 564 -35.24 -15.22 -40.11
C GLY B 564 -33.80 -14.84 -39.72
N GLY B 565 -33.49 -14.91 -38.43
CA GLY B 565 -32.16 -14.55 -37.95
C GLY B 565 -31.07 -15.61 -38.03
N ARG B 566 -31.43 -16.84 -38.40
CA ARG B 566 -30.45 -17.93 -38.32
C ARG B 566 -29.22 -17.69 -39.20
N GLN B 567 -29.44 -17.23 -40.43
CA GLN B 567 -28.32 -16.96 -41.33
C GLN B 567 -27.38 -15.87 -40.80
N TRP B 568 -27.83 -15.10 -39.81
CA TRP B 568 -27.04 -13.97 -39.31
C TRP B 568 -26.38 -14.24 -37.97
N LYS B 569 -26.50 -15.47 -37.46
CA LYS B 569 -25.98 -15.82 -36.14
C LYS B 569 -24.45 -15.99 -36.04
N GLY B 570 -23.74 -15.87 -37.14
CA GLY B 570 -22.29 -15.87 -37.04
C GLY B 570 -21.68 -14.91 -38.03
N GLY B 571 -20.37 -15.01 -38.21
CA GLY B 571 -19.64 -14.19 -39.18
C GLY B 571 -19.32 -12.82 -38.63
N ARG B 572 -19.33 -12.69 -37.31
CA ARG B 572 -18.97 -11.41 -36.68
C ARG B 572 -18.04 -11.65 -35.50
N GLY B 573 -17.17 -10.68 -35.26
CA GLY B 573 -16.27 -10.68 -34.11
C GLY B 573 -16.72 -9.73 -33.00
N PRO B 574 -15.92 -9.60 -31.94
CA PRO B 574 -16.28 -8.83 -30.74
C PRO B 574 -16.66 -7.39 -31.01
N HIS B 575 -16.00 -6.76 -31.98
CA HIS B 575 -16.32 -5.38 -32.36
C HIS B 575 -17.78 -5.12 -32.82
N ALA B 576 -18.56 -6.17 -33.01
CA ALA B 576 -20.00 -6.09 -33.22
C ALA B 576 -20.78 -5.80 -31.92
N SER B 577 -20.15 -6.03 -30.77
CA SER B 577 -20.77 -5.72 -29.48
C SER B 577 -20.44 -4.29 -29.02
N ILE B 578 -21.44 -3.41 -29.05
CA ILE B 578 -21.36 -2.11 -28.41
C ILE B 578 -21.75 -2.32 -26.93
N ASN B 579 -20.74 -2.28 -26.08
CA ASN B 579 -20.91 -2.50 -24.67
C ASN B 579 -21.25 -1.19 -24.00
N PHE B 580 -22.19 -1.24 -23.07
CA PHE B 580 -22.48 -0.09 -22.24
C PHE B 580 -23.09 -0.57 -20.93
N VAL B 581 -22.85 0.23 -19.90
CA VAL B 581 -23.39 0.01 -18.55
C VAL B 581 -24.59 0.95 -18.32
N ALA B 582 -24.54 2.14 -18.92
CA ALA B 582 -25.62 3.10 -18.85
C ALA B 582 -25.66 3.94 -20.13
N ALA B 583 -26.74 4.70 -20.27
CA ALA B 583 -26.98 5.51 -21.45
C ALA B 583 -27.99 6.61 -21.10
N HIS B 584 -28.39 7.41 -22.07
CA HIS B 584 -29.26 8.55 -21.80
C HIS B 584 -30.54 8.12 -21.07
N ASP B 585 -31.19 7.04 -21.51
CA ASP B 585 -32.34 6.53 -20.76
C ASP B 585 -31.84 5.51 -19.73
N GLY B 586 -32.60 5.38 -18.64
CA GLY B 586 -32.18 4.55 -17.51
C GLY B 586 -31.37 5.34 -16.49
N PHE B 587 -30.89 4.63 -15.48
CA PHE B 587 -30.03 5.21 -14.44
C PHE B 587 -28.67 5.69 -14.96
N THR B 588 -28.11 6.69 -14.30
CA THR B 588 -26.70 7.03 -14.54
C THR B 588 -25.87 6.05 -13.75
N LEU B 589 -24.56 6.05 -14.03
CA LEU B 589 -23.60 5.27 -13.28
C LEU B 589 -23.65 5.58 -11.77
N ALA B 590 -23.54 6.86 -11.42
CA ALA B 590 -23.60 7.27 -10.00
C ALA B 590 -24.89 6.77 -9.33
N ASP B 591 -26.03 7.03 -9.99
CA ASP B 591 -27.35 6.66 -9.49
C ASP B 591 -27.63 5.12 -9.42
N MET B 592 -27.04 4.39 -10.37
CA MET B 592 -27.04 2.93 -10.39
C MET B 592 -26.47 2.33 -9.10
N VAL B 593 -25.69 3.12 -8.39
CA VAL B 593 -24.90 2.69 -7.25
C VAL B 593 -25.46 3.36 -5.99
N ALA B 594 -26.56 4.09 -6.16
CA ALA B 594 -27.12 4.90 -5.09
C ALA B 594 -28.63 4.71 -4.87
N TYR B 595 -29.29 3.96 -5.75
CA TYR B 595 -30.74 3.77 -5.65
C TYR B 595 -31.15 2.38 -6.10
N ASN B 596 -31.94 1.72 -5.27
CA ASN B 596 -32.52 0.43 -5.62
C ASN B 596 -33.71 0.59 -6.56
N ASN B 597 -34.46 1.68 -6.32
CA ASN B 597 -35.63 2.01 -7.11
C ASN B 597 -35.47 3.36 -7.82
N LYS B 598 -36.25 3.55 -8.88
CA LYS B 598 -36.27 4.81 -9.59
C LYS B 598 -37.03 5.84 -8.76
N HIS B 599 -36.81 7.10 -9.12
CA HIS B 599 -37.50 8.21 -8.48
C HIS B 599 -37.89 9.23 -9.54
N ASN B 600 -39.00 8.95 -10.20
CA ASN B 600 -39.43 9.74 -11.33
C ASN B 600 -40.55 10.74 -11.01
N GLU B 601 -40.67 11.16 -9.75
CA GLU B 601 -41.70 12.15 -9.33
C GLU B 601 -41.76 13.37 -10.22
N ALA B 602 -40.59 13.88 -10.63
CA ALA B 602 -40.51 15.07 -11.49
C ALA B 602 -41.09 14.91 -12.91
N ASN B 603 -41.33 13.68 -13.34
CA ASN B 603 -42.01 13.43 -14.61
C ASN B 603 -43.52 13.70 -14.50
N GLY B 604 -44.00 13.89 -13.26
CA GLY B 604 -45.37 14.33 -13.00
C GLY B 604 -46.17 13.28 -12.26
N GLU B 605 -47.07 13.72 -11.37
CA GLU B 605 -47.97 12.77 -10.71
C GLU B 605 -48.72 11.93 -11.75
N ASN B 606 -49.05 10.70 -11.36
CA ASN B 606 -49.69 9.73 -12.27
C ASN B 606 -48.86 9.34 -13.48
N ASN B 607 -47.55 9.60 -13.48
CA ASN B 607 -46.70 9.04 -14.51
C ASN B 607 -46.47 7.54 -14.25
N ARG B 608 -46.34 6.76 -15.31
CA ARG B 608 -45.88 5.38 -15.22
C ARG B 608 -44.66 5.25 -16.15
N ASP B 609 -43.66 6.09 -15.92
CA ASP B 609 -42.46 6.18 -16.78
C ASP B 609 -41.27 5.39 -16.21
N GLY B 610 -40.44 4.86 -17.11
CA GLY B 610 -39.11 4.36 -16.77
C GLY B 610 -38.98 2.88 -16.50
N GLU B 611 -37.80 2.35 -16.80
CA GLU B 611 -37.46 0.95 -16.58
C GLU B 611 -37.73 0.49 -15.13
N GLN B 612 -38.49 -0.60 -14.97
CA GLN B 612 -38.81 -1.14 -13.63
C GLN B 612 -37.67 -1.98 -13.04
N HIS B 613 -37.07 -2.83 -13.87
CA HIS B 613 -36.04 -3.76 -13.42
C HIS B 613 -34.63 -3.20 -13.69
N ASN B 614 -34.05 -2.50 -12.72
CA ASN B 614 -32.82 -1.71 -12.96
C ASN B 614 -31.50 -2.39 -12.63
N ASN B 615 -31.58 -3.55 -11.97
CA ASN B 615 -30.40 -4.32 -11.56
C ASN B 615 -29.39 -3.46 -10.80
N SER B 616 -29.92 -2.60 -9.94
CA SER B 616 -29.12 -1.61 -9.24
C SER B 616 -28.98 -2.01 -7.77
N TRP B 617 -28.04 -1.39 -7.08
CA TRP B 617 -27.95 -1.48 -5.63
C TRP B 617 -27.42 -0.18 -5.04
N ASN B 618 -28.12 0.32 -4.02
CA ASN B 618 -27.78 1.59 -3.40
C ASN B 618 -26.59 1.56 -2.43
N CYS B 619 -25.95 0.39 -2.31
CA CYS B 619 -24.76 0.20 -1.46
C CYS B 619 -24.97 0.48 0.01
N GLY B 620 -26.22 0.37 0.49
CA GLY B 620 -26.49 0.60 1.90
C GLY B 620 -27.66 1.48 2.25
N GLU B 621 -27.81 2.62 1.56
CA GLU B 621 -28.90 3.55 1.86
C GLU B 621 -29.39 4.23 0.58
N GLU B 622 -30.70 4.45 0.49
CA GLU B 622 -31.29 5.10 -0.70
C GLU B 622 -30.87 6.56 -0.78
N GLY B 623 -30.18 6.93 -1.84
CA GLY B 623 -29.87 8.33 -2.11
C GLY B 623 -28.72 8.88 -1.28
N PRO B 624 -28.57 10.21 -1.27
CA PRO B 624 -27.46 10.88 -0.57
C PRO B 624 -27.39 10.49 0.90
N THR B 625 -26.19 10.31 1.43
CA THR B 625 -26.04 9.85 2.80
C THR B 625 -24.69 10.23 3.36
N THR B 626 -24.66 10.39 4.68
CA THR B 626 -23.43 10.66 5.42
C THR B 626 -22.81 9.38 6.00
N LYS B 627 -23.50 8.25 5.91
CA LYS B 627 -22.88 6.96 6.26
C LYS B 627 -21.63 6.71 5.40
N TRP B 628 -20.50 6.66 6.08
CA TRP B 628 -19.20 6.65 5.44
C TRP B 628 -18.95 5.34 4.70
N GLU B 629 -19.39 4.22 5.26
CA GLU B 629 -19.17 2.94 4.60
C GLU B 629 -19.93 2.86 3.27
N VAL B 630 -21.05 3.58 3.19
CA VAL B 630 -21.83 3.62 1.97
C VAL B 630 -21.09 4.41 0.89
N ASN B 631 -20.65 5.61 1.23
CA ASN B 631 -19.94 6.45 0.28
C ASN B 631 -18.60 5.85 -0.15
N ARG B 632 -17.92 5.17 0.76
CA ARG B 632 -16.71 4.44 0.41
C ARG B 632 -17.01 3.41 -0.67
N LEU B 633 -18.07 2.66 -0.45
CA LEU B 633 -18.44 1.58 -1.35
C LEU B 633 -18.87 2.10 -2.73
N ARG B 634 -19.66 3.17 -2.74
CA ARG B 634 -20.06 3.80 -4.00
C ARG B 634 -18.87 4.29 -4.82
N GLN B 635 -17.91 4.96 -4.18
CA GLN B 635 -16.69 5.38 -4.89
C GLN B 635 -16.01 4.20 -5.58
N ARG B 636 -16.08 3.05 -4.95
CA ARG B 636 -15.42 1.88 -5.46
C ARG B 636 -16.24 1.26 -6.62
N GLN B 637 -17.55 1.13 -6.42
CA GLN B 637 -18.44 0.47 -7.39
C GLN B 637 -18.59 1.29 -8.66
N MET B 638 -18.49 2.61 -8.56
CA MET B 638 -18.42 3.44 -9.78
C MET B 638 -17.26 2.98 -10.66
N ARG B 639 -16.11 2.77 -10.01
CA ARG B 639 -14.88 2.39 -10.73
C ARG B 639 -14.94 0.93 -11.18
N ASN B 640 -15.61 0.10 -10.39
CA ASN B 640 -15.70 -1.31 -10.73
C ASN B 640 -16.55 -1.49 -11.97
N LEU B 641 -17.69 -0.81 -12.01
CA LEU B 641 -18.58 -0.83 -13.18
C LEU B 641 -17.85 -0.30 -14.42
N THR B 642 -17.16 0.82 -14.26
CA THR B 642 -16.38 1.42 -15.34
C THR B 642 -15.22 0.51 -15.79
N GLY B 643 -14.61 -0.17 -14.83
CA GLY B 643 -13.53 -1.11 -15.12
C GLY B 643 -14.06 -2.19 -16.02
N ALA B 644 -15.18 -2.76 -15.65
CA ALA B 644 -15.84 -3.75 -16.48
C ALA B 644 -16.06 -3.27 -17.92
N LEU B 645 -16.52 -2.03 -18.07
CA LEU B 645 -16.88 -1.49 -19.38
C LEU B 645 -15.66 -1.37 -20.28
N LEU B 646 -14.61 -0.77 -19.73
CA LEU B 646 -13.42 -0.45 -20.49
C LEU B 646 -12.34 -1.54 -20.48
N LEU B 647 -12.59 -2.64 -19.76
CA LEU B 647 -11.64 -3.76 -19.76
C LEU B 647 -12.21 -5.00 -20.47
N SER B 648 -13.25 -4.80 -21.28
CA SER B 648 -13.86 -5.84 -22.10
C SER B 648 -13.60 -5.57 -23.58
N CYS B 649 -13.36 -6.64 -24.33
CA CYS B 649 -13.40 -6.59 -25.80
C CYS B 649 -14.79 -6.19 -26.29
N GLY B 650 -14.86 -5.74 -27.53
CA GLY B 650 -16.04 -5.04 -28.00
C GLY B 650 -15.80 -3.55 -27.83
N VAL B 651 -16.84 -2.75 -27.99
CA VAL B 651 -16.67 -1.31 -28.07
C VAL B 651 -17.45 -0.63 -26.97
N PRO B 652 -16.75 0.04 -26.04
CA PRO B 652 -17.45 0.66 -24.92
C PRO B 652 -18.07 2.00 -25.32
N MET B 653 -19.29 2.22 -24.84
CA MET B 653 -19.97 3.51 -24.98
C MET B 653 -20.19 4.12 -23.60
N ILE B 654 -19.74 5.37 -23.43
CA ILE B 654 -19.91 6.13 -22.19
C ILE B 654 -21.03 7.17 -22.31
N ASN B 655 -21.95 7.11 -21.36
CA ASN B 655 -23.07 8.03 -21.25
C ASN B 655 -22.56 9.36 -20.74
N MET B 656 -22.91 10.45 -21.43
CA MET B 656 -22.47 11.79 -21.01
C MET B 656 -22.70 11.99 -19.52
N GLY B 657 -21.62 12.26 -18.79
CA GLY B 657 -21.70 12.55 -17.35
C GLY B 657 -21.23 11.43 -16.45
N ASP B 658 -21.22 10.21 -16.97
CA ASP B 658 -20.80 9.06 -16.19
C ASP B 658 -19.29 9.00 -15.97
N GLU B 659 -18.55 9.80 -16.73
CA GLU B 659 -17.12 9.98 -16.51
C GLU B 659 -16.80 10.86 -15.26
N TYR B 660 -17.78 11.55 -14.68
CA TYR B 660 -17.51 12.28 -13.42
C TYR B 660 -18.52 12.00 -12.31
N GLY B 661 -19.48 11.11 -12.54
CA GLY B 661 -20.45 10.73 -11.51
C GLY B 661 -21.69 11.62 -11.50
N HIS B 662 -22.14 11.98 -12.69
CA HIS B 662 -23.35 12.77 -12.87
C HIS B 662 -24.57 12.06 -12.29
N SER B 663 -25.40 12.81 -11.57
CA SER B 663 -26.62 12.27 -10.95
C SER B 663 -27.87 12.96 -11.45
N LYS B 664 -28.93 12.18 -11.68
CA LYS B 664 -30.26 12.70 -11.97
C LYS B 664 -31.21 12.49 -10.78
N ASN B 665 -30.64 12.46 -9.56
CA ASN B 665 -31.40 12.22 -8.31
C ASN B 665 -32.30 11.01 -8.30
N GLY B 666 -31.89 9.95 -8.99
CA GLY B 666 -32.65 8.70 -9.02
C GLY B 666 -33.71 8.62 -10.10
N ASN B 667 -33.77 9.61 -10.98
CA ASN B 667 -34.70 9.59 -12.08
C ASN B 667 -34.08 8.79 -13.22
N ASN B 668 -34.71 7.67 -13.60
CA ASN B 668 -34.16 6.80 -14.65
C ASN B 668 -34.71 7.05 -16.05
N ASN B 669 -35.31 8.23 -16.27
CA ASN B 669 -36.01 8.52 -17.51
C ASN B 669 -36.25 10.03 -17.67
N THR B 670 -35.17 10.79 -17.79
CA THR B 670 -35.26 12.26 -17.83
C THR B 670 -35.62 12.83 -19.22
N TYR B 671 -36.53 12.18 -19.94
CA TYR B 671 -36.87 12.56 -21.33
C TYR B 671 -37.47 13.95 -21.52
N CYS B 672 -38.05 14.52 -20.47
CA CYS B 672 -38.83 15.73 -20.61
C CYS B 672 -38.25 16.99 -19.96
N HIS B 673 -37.03 16.89 -19.45
CA HIS B 673 -36.46 17.94 -18.60
C HIS B 673 -35.41 18.77 -19.29
N ASP B 674 -35.73 20.03 -19.56
CA ASP B 674 -34.73 20.98 -20.01
C ASP B 674 -34.12 21.63 -18.77
N SER B 675 -33.26 20.88 -18.09
CA SER B 675 -32.71 21.28 -16.79
C SER B 675 -31.37 20.63 -16.52
N GLU B 676 -30.80 20.94 -15.36
CA GLU B 676 -29.50 20.44 -14.96
C GLU B 676 -29.40 18.91 -14.94
N LEU B 677 -30.53 18.23 -14.78
CA LEU B 677 -30.56 16.77 -14.87
C LEU B 677 -30.00 16.21 -16.18
N ASN B 678 -30.12 16.96 -17.28
CA ASN B 678 -29.61 16.52 -18.59
C ASN B 678 -28.42 17.33 -19.10
N TYR B 679 -27.80 18.10 -18.22
CA TYR B 679 -26.74 19.01 -18.61
C TYR B 679 -25.42 18.48 -18.11
N LEU B 680 -24.37 18.67 -18.88
CA LEU B 680 -23.04 18.35 -18.42
C LEU B 680 -22.69 19.41 -17.37
N ARG B 681 -22.27 18.94 -16.20
CA ARG B 681 -22.01 19.79 -15.04
C ARG B 681 -20.54 20.14 -14.96
N TRP B 682 -20.16 21.19 -15.67
CA TRP B 682 -18.77 21.58 -15.75
C TRP B 682 -18.22 21.96 -14.39
N ASP B 683 -19.08 22.46 -13.50
CA ASP B 683 -18.67 22.73 -12.11
C ASP B 683 -18.26 21.43 -11.39
N GLN B 684 -19.13 20.44 -11.39
CA GLN B 684 -18.85 19.16 -10.73
C GLN B 684 -17.66 18.42 -11.33
N LEU B 685 -17.43 18.65 -12.62
CA LEU B 685 -16.29 18.06 -13.30
C LEU B 685 -15.00 18.66 -12.78
N ALA B 686 -14.94 19.98 -12.69
CA ALA B 686 -13.78 20.65 -12.14
C ALA B 686 -13.44 20.15 -10.73
N GLU B 687 -14.47 19.96 -9.91
CA GLU B 687 -14.31 19.61 -8.50
C GLU B 687 -13.66 18.22 -8.29
N ASP B 688 -14.14 17.19 -8.99
CA ASP B 688 -13.59 15.80 -8.86
C ASP B 688 -13.21 15.34 -7.43
N PRO B 689 -14.15 15.44 -6.48
CA PRO B 689 -13.87 15.29 -5.03
C PRO B 689 -13.15 14.02 -4.59
N HIS B 690 -13.37 12.89 -5.27
CA HIS B 690 -12.71 11.66 -4.87
C HIS B 690 -11.90 11.04 -6.01
N GLY B 691 -11.57 11.86 -7.00
CA GLY B 691 -10.62 11.48 -8.04
C GLY B 691 -11.13 10.45 -9.04
N PHE B 692 -12.45 10.40 -9.22
CA PHE B 692 -13.07 9.49 -10.18
C PHE B 692 -12.85 9.91 -11.65
N ASN B 693 -12.95 11.20 -11.96
CA ASN B 693 -12.75 11.63 -13.36
C ASN B 693 -11.33 11.34 -13.82
N ARG B 694 -10.37 11.50 -12.93
CA ARG B 694 -8.99 11.08 -13.21
C ARG B 694 -8.90 9.57 -13.51
N PHE B 695 -9.61 8.78 -12.72
CA PHE B 695 -9.61 7.33 -12.88
C PHE B 695 -10.12 6.97 -14.26
N VAL B 696 -11.31 7.47 -14.59
CA VAL B 696 -11.96 7.19 -15.87
C VAL B 696 -11.04 7.61 -17.00
N ARG B 697 -10.63 8.88 -16.99
CA ARG B 697 -9.70 9.39 -18.02
C ARG B 697 -8.47 8.48 -18.24
N LEU B 698 -7.81 8.09 -17.16
CA LEU B 698 -6.64 7.20 -17.26
C LEU B 698 -7.00 5.78 -17.78
N LEU B 699 -8.12 5.25 -17.34
CA LEU B 699 -8.51 3.94 -17.81
C LEU B 699 -8.85 3.96 -19.31
N ILE B 700 -9.46 5.05 -19.78
CA ILE B 700 -9.73 5.21 -21.22
C ILE B 700 -8.41 5.08 -21.98
N HIS B 701 -7.46 5.92 -21.59
CA HIS B 701 -6.15 6.00 -22.24
C HIS B 701 -5.36 4.70 -22.17
N PHE B 702 -5.53 3.97 -21.08
CA PHE B 702 -4.84 2.71 -20.90
C PHE B 702 -5.43 1.65 -21.83
N ARG B 703 -6.75 1.63 -21.97
CA ARG B 703 -7.40 0.74 -22.92
C ARG B 703 -6.96 1.04 -24.34
N ARG B 704 -7.04 2.30 -24.75
CA ARG B 704 -6.59 2.70 -26.10
C ARG B 704 -5.18 2.20 -26.35
N ALA B 705 -4.33 2.27 -25.33
CA ALA B 705 -2.95 1.85 -25.48
C ALA B 705 -2.73 0.32 -25.42
N THR B 706 -3.80 -0.45 -25.22
CA THR B 706 -3.70 -1.92 -25.04
C THR B 706 -4.37 -2.69 -26.19
N PRO B 707 -3.61 -3.07 -27.24
CA PRO B 707 -4.21 -3.74 -28.41
C PRO B 707 -4.94 -5.07 -28.14
N ALA B 708 -4.62 -5.73 -27.04
CA ALA B 708 -5.27 -6.99 -26.71
C ALA B 708 -6.77 -6.83 -26.39
N LEU B 709 -7.16 -5.62 -25.98
CA LEU B 709 -8.56 -5.29 -25.71
C LEU B 709 -9.32 -4.85 -26.97
N GLN B 710 -8.59 -4.51 -28.02
CA GLN B 710 -9.18 -4.01 -29.26
C GLN B 710 -9.07 -5.04 -30.38
N ARG B 711 -10.07 -5.93 -30.44
CA ARG B 711 -9.99 -7.15 -31.26
C ARG B 711 -11.07 -7.21 -32.35
N THR B 712 -10.74 -7.89 -33.45
CA THR B 712 -11.71 -8.17 -34.51
C THR B 712 -12.06 -9.66 -34.60
N THR B 713 -11.39 -10.47 -33.78
CA THR B 713 -11.67 -11.90 -33.65
C THR B 713 -11.70 -12.25 -32.17
N PHE B 714 -12.52 -13.23 -31.78
CA PHE B 714 -12.66 -13.61 -30.36
C PHE B 714 -11.42 -14.27 -29.74
N VAL B 715 -11.09 -13.89 -28.50
CA VAL B 715 -9.98 -14.49 -27.76
C VAL B 715 -10.15 -16.00 -27.62
N ASN B 716 -9.05 -16.73 -27.68
CA ASN B 716 -9.05 -18.18 -27.47
C ASN B 716 -8.31 -18.53 -26.18
N ASP B 717 -8.21 -19.83 -25.88
CA ASP B 717 -7.62 -20.29 -24.62
C ASP B 717 -6.17 -19.86 -24.38
N LYS B 718 -5.48 -19.46 -25.45
CA LYS B 718 -4.11 -18.96 -25.35
C LYS B 718 -4.05 -17.45 -25.25
N ASP B 719 -5.15 -16.77 -25.52
CA ASP B 719 -5.22 -15.32 -25.38
C ASP B 719 -5.58 -14.96 -23.94
N ILE B 720 -6.50 -15.73 -23.37
CA ILE B 720 -7.05 -15.43 -22.05
C ILE B 720 -7.16 -16.72 -21.23
N GLN B 721 -6.78 -16.66 -19.95
CA GLN B 721 -6.99 -17.78 -19.02
C GLN B 721 -7.75 -17.30 -17.81
N TRP B 722 -8.64 -18.15 -17.29
CA TRP B 722 -9.49 -17.80 -16.15
C TRP B 722 -8.91 -18.31 -14.83
N HIS B 723 -8.93 -17.45 -13.81
CA HIS B 723 -8.39 -17.77 -12.49
C HIS B 723 -9.42 -17.51 -11.40
N GLY B 724 -9.05 -17.86 -10.17
CA GLY B 724 -9.85 -17.56 -8.98
C GLY B 724 -8.91 -17.08 -7.88
N GLU B 725 -9.17 -17.47 -6.64
CA GLU B 725 -8.21 -17.21 -5.55
C GLU B 725 -6.97 -18.07 -5.77
N LEU B 726 -7.13 -19.17 -6.48
CA LEU B 726 -6.02 -19.98 -6.96
C LEU B 726 -5.94 -19.87 -8.48
N PRO B 727 -4.72 -19.88 -9.03
CA PRO B 727 -4.51 -19.83 -10.47
C PRO B 727 -5.18 -20.97 -11.24
N ASN B 728 -5.91 -20.63 -12.30
CA ASN B 728 -6.57 -21.59 -13.19
C ASN B 728 -7.71 -22.33 -12.52
N THR B 729 -8.19 -21.80 -11.39
CA THR B 729 -9.30 -22.38 -10.64
C THR B 729 -10.43 -21.35 -10.53
N PRO B 730 -11.06 -21.02 -11.68
CA PRO B 730 -12.16 -20.07 -11.67
C PRO B 730 -13.40 -20.59 -10.97
N ASP B 731 -14.18 -19.69 -10.41
CA ASP B 731 -15.47 -20.04 -9.82
C ASP B 731 -16.61 -19.67 -10.78
N TRP B 732 -17.27 -20.69 -11.33
CA TRP B 732 -18.42 -20.53 -12.22
C TRP B 732 -19.74 -20.93 -11.57
N THR B 733 -19.70 -21.19 -10.26
CA THR B 733 -20.89 -21.59 -9.52
C THR B 733 -21.89 -20.43 -9.34
N ASP B 734 -23.12 -20.77 -8.97
CA ASP B 734 -24.18 -19.80 -8.70
C ASP B 734 -23.76 -18.75 -7.69
N THR B 735 -23.03 -19.19 -6.66
CA THR B 735 -22.64 -18.31 -5.56
C THR B 735 -21.32 -17.55 -5.79
N SER B 736 -20.74 -17.64 -6.98
CA SER B 736 -19.46 -16.97 -7.29
C SER B 736 -19.51 -15.47 -7.04
N ARG B 737 -18.43 -14.95 -6.46
CA ARG B 737 -18.25 -13.52 -6.32
C ARG B 737 -16.85 -13.12 -6.78
N LEU B 738 -16.34 -13.81 -7.80
CA LEU B 738 -14.99 -13.55 -8.28
C LEU B 738 -14.80 -13.99 -9.73
N VAL B 739 -14.36 -13.05 -10.55
CA VAL B 739 -13.89 -13.35 -11.89
C VAL B 739 -12.55 -12.66 -12.09
N ALA B 740 -11.59 -13.42 -12.60
CA ALA B 740 -10.26 -12.90 -12.84
C ALA B 740 -9.61 -13.59 -14.02
N PHE B 741 -8.77 -12.85 -14.72
CA PHE B 741 -8.16 -13.34 -15.92
C PHE B 741 -6.81 -12.71 -16.24
N THR B 742 -5.96 -13.49 -16.90
CA THR B 742 -4.77 -12.95 -17.53
C THR B 742 -5.04 -12.75 -19.02
N LEU B 743 -4.32 -11.82 -19.62
CA LEU B 743 -4.53 -11.46 -21.01
C LEU B 743 -3.19 -11.13 -21.63
N HIS B 744 -2.78 -11.88 -22.63
CA HIS B 744 -1.43 -11.77 -23.16
C HIS B 744 -1.32 -10.60 -24.14
N ASP B 745 -0.12 -10.03 -24.22
CA ASP B 745 0.13 -8.94 -25.16
C ASP B 745 0.84 -9.43 -26.42
N GLY B 746 1.01 -10.75 -26.54
CA GLY B 746 1.68 -11.33 -27.69
C GLY B 746 3.21 -11.30 -27.65
N LYS B 747 3.78 -10.43 -26.81
CA LYS B 747 5.22 -10.29 -26.70
C LYS B 747 5.77 -10.77 -25.35
N GLY B 748 5.05 -11.67 -24.68
CA GLY B 748 5.52 -12.23 -23.42
C GLY B 748 4.98 -11.53 -22.20
N GLY B 749 4.57 -10.27 -22.34
CA GLY B 749 3.95 -9.53 -21.25
C GLY B 749 2.46 -9.82 -21.15
N GLY B 750 1.73 -8.95 -20.45
CA GLY B 750 0.29 -9.12 -20.30
C GLY B 750 -0.24 -8.55 -19.01
N LEU B 751 -1.55 -8.70 -18.81
CA LEU B 751 -2.27 -8.13 -17.67
C LEU B 751 -2.93 -9.21 -16.84
N TYR B 752 -3.03 -8.96 -15.54
CA TYR B 752 -3.89 -9.74 -14.66
C TYR B 752 -4.98 -8.81 -14.21
N VAL B 753 -6.23 -9.26 -14.35
CA VAL B 753 -7.41 -8.49 -13.95
C VAL B 753 -8.27 -9.34 -13.05
N ALA B 754 -8.80 -8.73 -11.99
CA ALA B 754 -9.74 -9.39 -11.09
C ALA B 754 -10.83 -8.42 -10.61
N PHE B 755 -12.05 -8.94 -10.53
CA PHE B 755 -13.17 -8.27 -9.90
C PHE B 755 -13.65 -9.13 -8.73
N ASN B 756 -13.47 -8.62 -7.52
CA ASN B 756 -14.02 -9.23 -6.32
C ASN B 756 -15.32 -8.52 -5.99
N THR B 757 -16.43 -9.24 -6.10
CA THR B 757 -17.74 -8.65 -5.86
C THR B 757 -18.30 -9.14 -4.53
N SER B 758 -17.48 -9.88 -3.81
CA SER B 758 -17.87 -10.42 -2.52
C SER B 758 -17.94 -9.31 -1.48
N HIS B 759 -18.72 -9.54 -0.43
CA HIS B 759 -18.71 -8.64 0.72
C HIS B 759 -17.52 -8.94 1.67
N LEU B 760 -16.77 -10.00 1.40
CA LEU B 760 -15.57 -10.29 2.17
C LEU B 760 -14.29 -9.94 1.40
N PRO B 761 -13.21 -9.58 2.12
CA PRO B 761 -11.92 -9.39 1.45
C PRO B 761 -11.34 -10.73 1.02
N LYS B 762 -10.46 -10.72 0.03
CA LYS B 762 -9.84 -11.95 -0.46
C LYS B 762 -8.33 -11.81 -0.60
N LEU B 763 -7.64 -12.95 -0.48
CA LEU B 763 -6.24 -13.06 -0.83
C LEU B 763 -6.12 -13.87 -2.10
N LEU B 764 -5.61 -13.25 -3.15
CA LEU B 764 -5.50 -13.91 -4.46
C LEU B 764 -4.12 -14.50 -4.64
N GLN B 765 -4.05 -15.75 -5.12
CA GLN B 765 -2.79 -16.30 -5.60
C GLN B 765 -2.65 -16.04 -7.09
N LEU B 766 -1.62 -15.29 -7.45
CA LEU B 766 -1.44 -14.86 -8.81
C LEU B 766 -0.69 -15.91 -9.62
N PRO B 767 -1.05 -16.09 -10.90
CA PRO B 767 -0.34 -17.08 -11.70
C PRO B 767 1.10 -16.63 -11.89
N LYS B 768 2.03 -17.56 -11.74
CA LYS B 768 3.44 -17.25 -11.83
C LYS B 768 3.90 -17.42 -13.28
N TRP B 769 4.47 -16.35 -13.82
CA TRP B 769 5.02 -16.37 -15.17
C TRP B 769 6.54 -16.35 -15.04
N GLY B 770 7.19 -17.39 -15.58
CA GLY B 770 8.65 -17.54 -15.50
C GLY B 770 9.41 -16.26 -15.69
N GLY B 771 10.21 -15.90 -14.69
CA GLY B 771 11.08 -14.73 -14.76
C GLY B 771 10.36 -13.40 -14.80
N ARG B 772 9.17 -13.35 -14.22
CA ARG B 772 8.35 -12.13 -14.23
C ARG B 772 7.58 -11.93 -12.94
N VAL B 773 7.19 -10.69 -12.68
CA VAL B 773 6.36 -10.38 -11.52
C VAL B 773 5.23 -9.44 -11.95
N TRP B 774 4.12 -9.47 -11.21
CA TRP B 774 3.01 -8.59 -11.47
C TRP B 774 3.24 -7.26 -10.78
N GLN B 775 2.86 -6.18 -11.44
CA GLN B 775 3.06 -4.83 -10.91
C GLN B 775 1.75 -4.10 -10.85
N PRO B 776 1.54 -3.32 -9.76
CA PRO B 776 0.24 -2.69 -9.59
C PRO B 776 0.00 -1.52 -10.54
N LEU B 777 -1.22 -1.46 -11.08
CA LEU B 777 -1.69 -0.32 -11.87
C LEU B 777 -3.05 0.16 -11.34
N VAL B 778 -4.06 -0.67 -11.47
CA VAL B 778 -5.38 -0.32 -10.99
C VAL B 778 -5.65 -1.10 -9.69
N ASP B 779 -6.06 -0.38 -8.65
CA ASP B 779 -6.63 -0.98 -7.43
C ASP B 779 -7.76 -0.09 -6.93
N THR B 780 -9.00 -0.55 -7.08
CA THR B 780 -10.15 0.27 -6.70
C THR B 780 -10.31 0.37 -5.18
N SER B 781 -9.57 -0.44 -4.43
CA SER B 781 -9.57 -0.33 -2.96
C SER B 781 -8.69 0.79 -2.42
N LYS B 782 -8.01 1.53 -3.30
CA LYS B 782 -7.07 2.54 -2.85
C LYS B 782 -7.63 3.94 -3.08
N VAL B 783 -7.41 4.84 -2.13
CA VAL B 783 -7.83 6.23 -2.25
C VAL B 783 -7.05 6.93 -3.37
N ALA B 784 -7.74 7.80 -4.10
CA ALA B 784 -7.11 8.45 -5.26
C ALA B 784 -6.02 9.42 -4.79
N PRO B 785 -4.95 9.57 -5.57
CA PRO B 785 -4.74 9.06 -6.93
C PRO B 785 -4.12 7.67 -7.00
N TYR B 786 -3.95 6.99 -5.88
CA TYR B 786 -3.32 5.66 -5.89
C TYR B 786 -4.24 4.54 -6.36
N ASP B 787 -5.45 4.91 -6.77
CA ASP B 787 -6.36 3.98 -7.44
C ASP B 787 -5.87 3.63 -8.84
N PHE B 788 -5.16 4.57 -9.47
CA PHE B 788 -4.61 4.35 -10.80
C PHE B 788 -3.20 4.91 -10.90
N LEU B 789 -2.22 4.01 -10.90
CA LEU B 789 -0.80 4.34 -10.86
C LEU B 789 -0.24 4.57 -12.26
N ALA B 790 -0.59 5.70 -12.85
CA ALA B 790 0.01 6.15 -14.09
C ALA B 790 0.56 7.57 -13.91
N VAL B 791 1.66 7.88 -14.60
CA VAL B 791 2.27 9.20 -14.51
C VAL B 791 1.27 10.21 -15.08
N ASP B 792 1.06 11.30 -14.36
CA ASP B 792 0.27 12.42 -14.90
C ASP B 792 0.60 13.65 -14.07
N GLY B 793 -0.22 14.68 -14.18
CA GLY B 793 -0.01 15.89 -13.39
C GLY B 793 -0.02 15.68 -11.90
N VAL B 794 -0.54 14.55 -11.43
CA VAL B 794 -0.62 14.26 -9.99
C VAL B 794 0.47 13.29 -9.51
N LEU B 795 0.69 12.22 -10.25
CA LEU B 795 1.76 11.26 -9.90
C LEU B 795 2.98 11.46 -10.79
N SER B 796 4.16 11.57 -10.16
CA SER B 796 5.42 11.60 -10.89
C SER B 796 5.81 10.19 -11.30
N ALA B 797 6.87 10.06 -12.10
CA ALA B 797 7.38 8.74 -12.45
C ALA B 797 7.98 8.07 -11.21
N GLU B 798 8.42 8.89 -10.25
CA GLU B 798 8.96 8.41 -8.98
C GLU B 798 7.85 7.88 -8.08
N ASP B 799 6.79 8.67 -7.94
CA ASP B 799 5.64 8.30 -7.13
C ASP B 799 5.17 6.90 -7.49
N VAL B 800 5.03 6.67 -8.78
CA VAL B 800 4.54 5.40 -9.35
C VAL B 800 5.49 4.25 -9.04
N ALA B 801 6.77 4.45 -9.34
CA ALA B 801 7.78 3.45 -9.05
C ALA B 801 7.82 3.14 -7.56
N ALA B 802 7.73 4.16 -6.71
CA ALA B 802 7.70 3.97 -5.26
C ALA B 802 6.51 3.11 -4.83
N ALA B 803 5.33 3.43 -5.36
CA ALA B 803 4.11 2.68 -5.04
C ALA B 803 4.20 1.24 -5.56
N ARG B 804 4.96 1.02 -6.62
CA ARG B 804 5.16 -0.35 -7.12
C ARG B 804 6.11 -1.13 -6.21
N ARG B 805 7.18 -0.46 -5.78
CA ARG B 805 8.18 -1.07 -4.90
C ARG B 805 7.66 -1.33 -3.48
N GLN B 806 6.70 -0.52 -3.02
CA GLN B 806 6.08 -0.74 -1.71
C GLN B 806 5.60 -2.16 -1.55
N MET B 807 4.86 -2.62 -2.56
CA MET B 807 4.21 -3.94 -2.56
C MET B 807 5.09 -5.07 -3.11
N ALA B 808 6.36 -4.80 -3.36
CA ALA B 808 7.26 -5.80 -3.96
C ALA B 808 7.33 -7.15 -3.21
N MET B 809 7.13 -7.14 -1.90
CA MET B 809 7.12 -8.40 -1.15
C MET B 809 5.83 -9.18 -1.40
N TRP B 810 4.72 -8.46 -1.58
CA TRP B 810 3.44 -9.09 -1.88
C TRP B 810 3.47 -9.70 -3.29
N THR B 811 3.92 -8.91 -4.26
CA THR B 811 3.88 -9.34 -5.66
C THR B 811 4.86 -10.48 -5.94
N ALA B 812 6.07 -10.37 -5.39
CA ALA B 812 7.07 -11.44 -5.50
C ALA B 812 6.53 -12.76 -4.95
N ASP B 813 5.81 -12.69 -3.83
CA ASP B 813 5.15 -13.86 -3.24
C ASP B 813 4.00 -14.38 -4.11
N HIS B 814 3.58 -13.57 -5.08
CA HIS B 814 2.39 -13.85 -5.91
C HIS B 814 1.14 -13.89 -5.06
N THR B 815 1.02 -12.88 -4.20
CA THR B 815 -0.17 -12.70 -3.41
C THR B 815 -0.62 -11.26 -3.57
N TYR B 816 -1.92 -11.06 -3.67
CA TYR B 816 -2.48 -9.72 -3.70
C TYR B 816 -3.77 -9.71 -2.91
N PRO B 817 -3.85 -8.82 -1.92
CA PRO B 817 -5.04 -8.72 -1.12
C PRO B 817 -6.04 -7.78 -1.79
N VAL B 818 -7.31 -8.19 -1.82
CA VAL B 818 -8.34 -7.37 -2.44
C VAL B 818 -9.49 -7.17 -1.48
N LEU B 819 -9.99 -5.95 -1.48
CA LEU B 819 -11.08 -5.55 -0.62
C LEU B 819 -12.38 -6.09 -1.19
N PRO B 820 -13.42 -6.23 -0.35
CA PRO B 820 -14.73 -6.50 -0.93
C PRO B 820 -15.16 -5.43 -1.95
N TRP B 821 -16.00 -5.82 -2.91
CA TRP B 821 -16.42 -4.95 -4.00
C TRP B 821 -15.26 -4.11 -4.50
N SER B 822 -14.28 -4.78 -5.06
CA SER B 822 -13.12 -4.09 -5.62
C SER B 822 -12.57 -4.76 -6.87
N CYS B 823 -11.71 -4.03 -7.56
CA CYS B 823 -11.23 -4.39 -8.87
C CYS B 823 -9.73 -4.10 -8.97
N ILE B 824 -9.01 -5.05 -9.57
CA ILE B 824 -7.55 -5.03 -9.67
C ILE B 824 -7.09 -5.12 -11.12
N VAL B 825 -6.11 -4.30 -11.50
CA VAL B 825 -5.36 -4.56 -12.75
C VAL B 825 -3.86 -4.50 -12.44
N LEU B 826 -3.17 -5.57 -12.83
CA LEU B 826 -1.72 -5.67 -12.67
C LEU B 826 -1.10 -5.84 -14.03
N GLN B 827 0.14 -5.37 -14.18
CA GLN B 827 0.93 -5.55 -15.39
C GLN B 827 2.14 -6.45 -15.14
N SER B 828 2.34 -7.43 -16.02
CA SER B 828 3.50 -8.33 -15.93
C SER B 828 4.77 -7.61 -16.36
N ALA B 829 5.78 -7.64 -15.50
CA ALA B 829 7.05 -6.98 -15.74
C ALA B 829 8.20 -7.97 -15.56
N PRO B 830 9.36 -7.68 -16.19
CA PRO B 830 10.53 -8.53 -15.99
C PRO B 830 10.99 -8.49 -14.53
N GLU B 831 11.21 -9.66 -13.96
CA GLU B 831 11.63 -9.80 -12.56
C GLU B 831 12.91 -9.03 -12.25
N ASP B 832 12.91 -8.27 -11.16
CA ASP B 832 14.08 -7.50 -10.72
C ASP B 832 14.22 -7.57 -9.21
N PRO B 833 15.02 -8.53 -8.71
CA PRO B 833 15.12 -8.79 -7.27
C PRO B 833 15.58 -7.60 -6.41
N ALA B 834 16.17 -6.59 -7.03
CA ALA B 834 16.65 -5.41 -6.31
C ALA B 834 15.48 -4.52 -5.85
N ALA B 835 14.29 -4.83 -6.35
CA ALA B 835 13.09 -4.10 -6.00
C ALA B 835 12.87 -4.05 -4.48
N THR B 836 13.14 -5.14 -3.79
CA THR B 836 12.82 -5.24 -2.36
C THR B 836 13.89 -4.65 -1.45
N SER B 837 14.92 -4.04 -2.04
CA SER B 837 15.86 -3.25 -1.26
C SER B 837 15.30 -1.83 -1.12
N MET B 838 16.05 -0.97 -0.44
CA MET B 838 15.61 0.40 -0.07
C MET B 838 15.22 1.26 -1.27
N ILE B 839 14.18 2.09 -1.13
CA ILE B 839 13.81 3.08 -2.17
C ILE B 839 14.59 4.37 -1.93
#